data_4U6B
#
_entry.id   4U6B
#
_cell.length_a   187.790
_cell.length_b   223.520
_cell.length_c   225.220
_cell.angle_alpha   90.00
_cell.angle_beta   90.00
_cell.angle_gamma   90.00
#
_symmetry.space_group_name_H-M   'F 2 2 2'
#
loop_
_entity.id
_entity.type
_entity.pdbx_description
1 polymer 'Conserved hypothetical lipoprotein'
2 non-polymer 'CALCIUM ION'
3 non-polymer DI(HYDROXYETHYL)ETHER
4 non-polymer 1,2-ETHANEDIOL
5 non-polymer 'SODIUM ION'
6 non-polymer 'ACETIC ACID'
7 water water
#
_entity_poly.entity_id   1
_entity_poly.type   'polypeptide(L)'
_entity_poly.pdbx_seq_one_letter_code
;MQINLFLKQSTFSLLMALSLIACSEQKTETKSTPTEDSATTEHKVFPHKMPSEKPDMPLSAAAERMFSYPAPRVQDNELF
SQFKYTRLKGFDYNNGDGTISRRDPSRPILVNGKYYIYYTKRDTKVPPIGWNRAKEATDEIPSTDWDLCEIWYATSEDGT
TWKEEGVAIARPEKPKPGWRSVATPDILVWKGKYYLYYQAFNEPSGLRGDWCPVSVSYADSPDGPWTHGGDSVIPFGKKG
EWDQDATHDPQPIVYKGKIHLYYKAAYNKWPDIRDKYAVGHGLAIADDPLGPFEKHPLNPVMTSGHETTYFPFKEGVATL
AIKDGNERYTMQYAKDGVNFEIASVVSLAPTAAAPFAADAFTDSGNGRGVTWGLCHFTNASNNPKKGYSIIARFDCDLSL
DVDDPFYKNTGVWHRPEVYFAQAPRKNLSPEGR
;
_entity_poly.pdbx_strand_id   A,B,C,D
#
# COMPACT_ATOMS: atom_id res chain seq x y z
N ASP A 76 44.12 -11.46 -25.00
CA ASP A 76 43.14 -12.52 -24.60
C ASP A 76 43.10 -12.78 -23.07
N ASN A 77 41.88 -12.86 -22.55
CA ASN A 77 41.53 -12.63 -21.18
C ASN A 77 40.64 -13.82 -20.77
N GLU A 78 40.88 -14.41 -19.60
CA GLU A 78 40.09 -15.58 -19.22
C GLU A 78 38.63 -15.24 -18.83
N LEU A 79 38.34 -13.96 -18.66
CA LEU A 79 37.00 -13.47 -18.36
C LEU A 79 36.43 -12.72 -19.53
N PHE A 80 36.97 -12.94 -20.72
CA PHE A 80 36.30 -12.33 -21.85
C PHE A 80 35.69 -13.44 -22.65
N SER A 81 34.49 -13.23 -23.18
CA SER A 81 33.83 -14.27 -24.01
C SER A 81 32.70 -13.73 -24.81
N GLN A 82 32.38 -14.43 -25.87
CA GLN A 82 31.15 -14.24 -26.66
CA GLN A 82 31.11 -14.12 -26.49
C GLN A 82 30.07 -15.13 -26.00
N PHE A 83 28.81 -14.89 -26.34
CA PHE A 83 27.71 -15.73 -25.83
C PHE A 83 26.91 -16.25 -26.99
N LYS A 84 26.67 -17.56 -26.98
CA LYS A 84 25.85 -18.16 -28.02
C LYS A 84 24.65 -18.84 -27.37
N TYR A 85 23.53 -18.81 -28.09
CA TYR A 85 22.22 -19.14 -27.56
C TYR A 85 21.56 -20.36 -28.20
N THR A 86 20.87 -21.17 -27.37
CA THR A 86 20.19 -22.34 -27.86
C THR A 86 18.74 -22.32 -27.34
N ARG A 87 17.78 -22.55 -28.22
CA ARG A 87 16.38 -22.70 -27.84
CA ARG A 87 16.38 -22.71 -27.84
C ARG A 87 16.21 -23.96 -26.95
N LEU A 88 15.58 -23.83 -25.79
CA LEU A 88 15.38 -25.05 -24.95
C LEU A 88 14.34 -26.00 -25.56
N LYS A 89 14.39 -27.28 -25.21
CA LYS A 89 13.26 -28.14 -25.57
C LYS A 89 12.57 -28.62 -24.34
N GLY A 90 11.22 -28.75 -24.39
CA GLY A 90 10.50 -29.39 -23.30
C GLY A 90 9.48 -28.48 -22.64
N PHE A 91 9.51 -27.20 -22.99
CA PHE A 91 8.61 -26.18 -22.39
C PHE A 91 7.55 -25.65 -23.36
N ASP A 92 6.28 -25.77 -23.02
CA ASP A 92 5.26 -25.23 -23.86
C ASP A 92 4.75 -23.88 -23.35
N TYR A 93 4.32 -23.01 -24.25
CA TYR A 93 3.84 -21.68 -23.81
C TYR A 93 2.49 -21.34 -24.42
N ASN A 94 1.63 -22.34 -24.56
CA ASN A 94 0.31 -22.14 -25.17
C ASN A 94 0.43 -21.31 -26.45
N ASN A 95 1.44 -21.65 -27.27
CA ASN A 95 1.74 -20.96 -28.57
C ASN A 95 2.06 -19.46 -28.42
N GLY A 96 2.54 -19.04 -27.25
CA GLY A 96 2.99 -17.69 -27.10
C GLY A 96 1.81 -16.77 -27.05
N ASP A 97 0.68 -17.18 -26.45
CA ASP A 97 -0.46 -16.27 -26.36
C ASP A 97 -0.41 -15.39 -25.10
N GLY A 98 0.64 -15.50 -24.29
CA GLY A 98 0.76 -14.63 -23.11
C GLY A 98 0.20 -15.25 -21.84
N THR A 99 -0.45 -16.41 -21.93
CA THR A 99 -1.04 -17.00 -20.70
C THR A 99 0.01 -17.81 -19.90
N ILE A 100 1.13 -18.17 -20.55
CA ILE A 100 2.14 -18.97 -19.90
C ILE A 100 3.50 -18.33 -20.04
N SER A 101 4.21 -18.20 -18.93
CA SER A 101 5.48 -17.52 -18.90
C SER A 101 6.44 -18.25 -17.95
N ARG A 102 7.71 -18.24 -18.28
CA ARG A 102 8.75 -18.81 -17.43
C ARG A 102 9.96 -17.91 -17.50
N ARG A 103 10.60 -17.65 -16.36
CA ARG A 103 11.59 -16.55 -16.29
C ARG A 103 12.45 -16.69 -15.02
N ASP A 104 13.54 -15.93 -14.94
CA ASP A 104 14.45 -15.98 -13.79
C ASP A 104 14.84 -17.39 -13.36
N PRO A 105 15.30 -18.23 -14.32
CA PRO A 105 15.73 -19.57 -13.88
C PRO A 105 16.91 -19.46 -12.87
N SER A 106 16.98 -20.42 -11.95
CA SER A 106 18.06 -20.56 -11.01
C SER A 106 19.24 -21.15 -11.74
N ARG A 107 20.43 -21.07 -11.11
CA ARG A 107 21.63 -21.68 -11.69
C ARG A 107 21.38 -23.18 -11.65
N PRO A 108 21.71 -23.91 -12.72
CA PRO A 108 21.47 -25.35 -12.61
C PRO A 108 22.35 -26.02 -11.56
N ILE A 109 21.81 -27.02 -10.88
CA ILE A 109 22.68 -27.88 -10.07
C ILE A 109 22.66 -29.32 -10.66
N LEU A 110 23.78 -30.03 -10.51
CA LEU A 110 23.92 -31.45 -10.93
C LEU A 110 23.82 -32.38 -9.73
N VAL A 111 22.77 -33.14 -9.67
CA VAL A 111 22.60 -34.06 -8.60
C VAL A 111 22.39 -35.45 -9.22
N ASN A 112 23.38 -36.34 -9.03
CA ASN A 112 23.20 -37.74 -9.43
C ASN A 112 22.87 -37.92 -10.89
N GLY A 113 23.71 -37.33 -11.75
CA GLY A 113 23.50 -37.32 -13.20
C GLY A 113 22.36 -36.50 -13.83
N LYS A 114 21.59 -35.74 -13.07
CA LYS A 114 20.55 -34.87 -13.68
C LYS A 114 20.78 -33.43 -13.28
N TYR A 115 20.66 -32.50 -14.23
CA TYR A 115 20.60 -31.08 -13.87
C TYR A 115 19.20 -30.71 -13.42
N TYR A 116 19.11 -29.83 -12.42
CA TYR A 116 17.84 -29.34 -11.92
C TYR A 116 17.85 -27.84 -12.07
N ILE A 117 16.74 -27.24 -12.47
CA ILE A 117 16.58 -25.79 -12.38
C ILE A 117 15.22 -25.50 -11.78
N TYR A 118 15.06 -24.29 -11.23
CA TYR A 118 13.89 -23.82 -10.61
C TYR A 118 13.66 -22.47 -11.22
N TYR A 119 12.41 -22.10 -11.44
CA TYR A 119 12.15 -20.90 -12.22
C TYR A 119 10.76 -20.45 -11.89
N THR A 120 10.53 -19.16 -12.10
CA THR A 120 9.23 -18.58 -11.93
C THR A 120 8.35 -19.09 -13.04
N LYS A 121 7.13 -19.49 -12.73
CA LYS A 121 6.24 -19.91 -13.78
C LYS A 121 4.83 -19.32 -13.60
N ARG A 122 4.33 -18.62 -14.63
CA ARG A 122 2.96 -18.12 -14.61
C ARG A 122 2.11 -18.99 -15.55
N ASP A 123 0.90 -19.29 -15.13
CA ASP A 123 -0.07 -20.03 -15.97
C ASP A 123 -1.46 -19.58 -15.58
N THR A 124 -1.95 -18.65 -16.38
CA THR A 124 -2.99 -17.72 -16.00
C THR A 124 -4.11 -17.70 -17.12
N LYS A 125 -5.34 -17.35 -16.77
CA LYS A 125 -6.43 -17.42 -17.77
C LYS A 125 -6.25 -16.39 -18.86
N VAL A 126 -5.51 -15.33 -18.56
CA VAL A 126 -5.43 -14.18 -19.45
C VAL A 126 -3.98 -13.64 -19.33
N PRO A 127 -3.42 -12.93 -20.32
CA PRO A 127 -2.10 -12.35 -20.10
C PRO A 127 -2.11 -11.17 -19.10
N PRO A 128 -0.93 -10.69 -18.66
CA PRO A 128 -0.90 -9.58 -17.70
C PRO A 128 -1.62 -8.33 -18.22
N ILE A 129 -2.37 -7.68 -17.35
CA ILE A 129 -3.12 -6.48 -17.73
C ILE A 129 -2.28 -5.20 -17.75
N GLY A 130 -1.11 -5.24 -17.11
CA GLY A 130 -0.13 -4.13 -17.02
C GLY A 130 0.14 -3.61 -15.57
N TRP A 131 1.41 -3.27 -15.25
CA TRP A 131 1.81 -2.51 -14.02
C TRP A 131 0.78 -1.40 -13.73
N ASN A 132 0.67 -0.48 -14.69
CA ASN A 132 -0.20 0.69 -14.64
C ASN A 132 -1.69 0.38 -14.48
N ARG A 133 -2.07 -0.89 -14.50
CA ARG A 133 -3.49 -1.24 -14.38
C ARG A 133 -3.67 -2.25 -13.27
N ALA A 134 -2.72 -2.21 -12.34
CA ALA A 134 -2.65 -3.16 -11.25
C ALA A 134 -3.94 -3.23 -10.46
N LYS A 135 -4.71 -2.12 -10.47
CA LYS A 135 -5.96 -2.05 -9.67
C LYS A 135 -7.06 -2.92 -10.29
N GLU A 136 -6.89 -3.30 -11.57
CA GLU A 136 -7.85 -4.17 -12.26
C GLU A 136 -7.57 -5.68 -12.05
N ALA A 137 -6.42 -6.01 -11.46
CA ALA A 137 -6.01 -7.40 -11.24
C ALA A 137 -6.92 -8.13 -10.26
N THR A 138 -7.14 -9.41 -10.53
CA THR A 138 -8.00 -10.20 -9.67
C THR A 138 -7.26 -11.47 -9.35
N ASP A 139 -7.93 -12.40 -8.70
CA ASP A 139 -7.34 -13.69 -8.39
C ASP A 139 -7.06 -14.45 -9.66
N GLU A 140 -7.52 -13.97 -10.83
CA GLU A 140 -7.25 -14.71 -12.07
C GLU A 140 -6.47 -13.85 -13.05
N ILE A 141 -6.59 -12.53 -12.92
CA ILE A 141 -5.98 -11.65 -13.91
C ILE A 141 -4.72 -11.11 -13.26
N PRO A 142 -3.58 -11.28 -13.94
CA PRO A 142 -2.33 -10.80 -13.31
C PRO A 142 -2.03 -9.39 -13.72
N SER A 143 -1.35 -8.63 -12.85
CA SER A 143 -0.87 -7.30 -13.25
C SER A 143 0.37 -7.39 -14.10
N THR A 144 1.39 -8.12 -13.65
CA THR A 144 2.61 -8.19 -14.38
C THR A 144 2.94 -9.62 -14.72
N ASP A 145 4.05 -9.80 -15.41
CA ASP A 145 4.47 -11.10 -15.91
C ASP A 145 4.76 -12.04 -14.73
N TRP A 146 5.17 -11.45 -13.61
CA TRP A 146 5.60 -12.22 -12.44
C TRP A 146 4.53 -12.21 -11.37
N ASP A 147 3.32 -11.80 -11.71
CA ASP A 147 2.24 -11.85 -10.76
C ASP A 147 1.54 -13.23 -10.87
N LEU A 148 0.93 -13.71 -9.79
CA LEU A 148 0.20 -14.99 -9.75
C LEU A 148 1.05 -16.22 -10.11
N CYS A 149 2.35 -16.20 -9.78
CA CYS A 149 3.33 -17.20 -10.17
C CYS A 149 3.65 -18.19 -9.05
N GLU A 150 4.20 -19.34 -9.44
CA GLU A 150 4.75 -20.26 -8.46
C GLU A 150 6.17 -20.57 -8.96
N ILE A 151 7.00 -21.25 -8.15
CA ILE A 151 8.29 -21.66 -8.60
C ILE A 151 8.15 -23.10 -9.04
N TRP A 152 8.36 -23.35 -10.32
CA TRP A 152 8.39 -24.75 -10.87
C TRP A 152 9.80 -25.26 -11.05
N TYR A 153 9.93 -26.56 -11.34
CA TYR A 153 11.26 -27.10 -11.60
C TYR A 153 11.29 -28.10 -12.73
N ALA A 154 12.46 -28.33 -13.29
CA ALA A 154 12.63 -29.19 -14.41
C ALA A 154 13.95 -29.86 -14.29
N THR A 155 14.10 -30.99 -14.99
CA THR A 155 15.38 -31.70 -14.98
C THR A 155 15.86 -32.00 -16.41
N SER A 156 17.15 -32.26 -16.55
CA SER A 156 17.72 -32.53 -17.86
C SER A 156 19.02 -33.36 -17.72
N GLU A 157 19.32 -34.18 -18.71
CA GLU A 157 20.58 -34.88 -18.80
C GLU A 157 21.62 -34.09 -19.55
N ASP A 158 21.22 -33.25 -20.49
CA ASP A 158 22.21 -32.58 -21.32
C ASP A 158 22.15 -31.07 -21.25
N GLY A 159 21.16 -30.51 -20.56
CA GLY A 159 21.05 -29.06 -20.36
C GLY A 159 20.29 -28.32 -21.45
N THR A 160 19.90 -29.05 -22.48
CA THR A 160 19.16 -28.48 -23.60
C THR A 160 17.69 -29.07 -23.67
N THR A 161 17.53 -30.38 -23.55
CA THR A 161 16.13 -30.95 -23.51
C THR A 161 15.77 -31.11 -22.08
N TRP A 162 14.66 -30.52 -21.68
CA TRP A 162 14.27 -30.51 -20.28
C TRP A 162 12.96 -31.21 -20.13
N LYS A 163 12.78 -31.84 -18.97
CA LYS A 163 11.45 -32.26 -18.56
C LYS A 163 10.94 -31.38 -17.38
N GLU A 164 9.83 -30.65 -17.62
CA GLU A 164 9.23 -29.90 -16.55
C GLU A 164 8.59 -30.90 -15.58
N GLU A 165 9.03 -30.90 -14.33
CA GLU A 165 8.57 -31.90 -13.38
C GLU A 165 7.27 -31.49 -12.67
N GLY A 166 7.16 -30.28 -12.18
CA GLY A 166 5.96 -29.82 -11.49
C GLY A 166 6.35 -28.66 -10.57
N VAL A 167 5.46 -28.33 -9.63
CA VAL A 167 5.69 -27.23 -8.73
C VAL A 167 6.76 -27.62 -7.74
N ALA A 168 7.59 -26.65 -7.38
CA ALA A 168 8.48 -26.79 -6.26
C ALA A 168 7.97 -25.92 -5.09
N ILE A 169 7.73 -24.63 -5.31
CA ILE A 169 7.20 -23.73 -4.28
C ILE A 169 5.81 -23.26 -4.69
N ALA A 170 4.78 -23.73 -3.99
CA ALA A 170 3.44 -23.30 -4.22
C ALA A 170 3.25 -22.01 -3.47
N ARG A 171 2.34 -21.15 -3.94
CA ARG A 171 2.01 -19.98 -3.18
C ARG A 171 1.34 -20.43 -1.87
N PRO A 172 1.78 -19.87 -0.70
CA PRO A 172 1.18 -20.29 0.59
C PRO A 172 -0.22 -19.70 0.76
N GLU A 173 -0.94 -20.12 1.78
CA GLU A 173 -2.29 -19.61 2.05
C GLU A 173 -2.31 -18.13 2.43
N LYS A 174 -3.19 -17.38 1.83
CA LYS A 174 -3.38 -16.00 2.21
C LYS A 174 -3.75 -15.93 3.68
N PRO A 175 -3.15 -15.02 4.56
CA PRO A 175 -2.27 -14.03 3.95
C PRO A 175 -0.77 -14.20 4.22
N LYS A 176 -0.25 -15.40 4.23
CA LYS A 176 1.17 -15.60 4.35
C LYS A 176 1.96 -14.93 3.24
N PRO A 177 3.11 -14.37 3.57
CA PRO A 177 3.92 -13.68 2.54
C PRO A 177 4.12 -14.62 1.35
N GLY A 178 4.08 -14.07 0.14
CA GLY A 178 4.05 -14.89 -1.05
C GLY A 178 2.69 -15.45 -1.52
N TRP A 179 1.59 -15.22 -0.78
CA TRP A 179 0.32 -15.83 -1.18
C TRP A 179 -0.12 -15.40 -2.59
N ARG A 180 0.23 -14.16 -2.96
CA ARG A 180 -0.09 -13.59 -4.25
C ARG A 180 0.85 -14.08 -5.35
N SER A 181 2.18 -14.09 -5.11
CA SER A 181 3.07 -14.64 -6.10
C SER A 181 4.38 -14.97 -5.42
N VAL A 182 5.02 -16.05 -5.85
CA VAL A 182 6.37 -16.33 -5.44
C VAL A 182 7.19 -16.34 -6.70
N ALA A 183 8.41 -15.76 -6.67
CA ALA A 183 9.11 -15.63 -7.92
C ALA A 183 10.57 -15.32 -7.76
N THR A 184 11.31 -15.58 -8.85
CA THR A 184 12.67 -15.17 -8.96
C THR A 184 13.52 -16.00 -7.97
N PRO A 185 13.58 -17.31 -8.20
CA PRO A 185 14.22 -18.23 -7.31
C PRO A 185 15.70 -18.27 -7.56
N ASP A 186 16.47 -18.65 -6.55
CA ASP A 186 17.84 -19.20 -6.79
C ASP A 186 18.20 -20.24 -5.74
N ILE A 187 19.19 -21.06 -6.07
CA ILE A 187 19.33 -22.34 -5.36
C ILE A 187 20.57 -22.24 -4.47
N LEU A 188 20.56 -22.93 -3.31
CA LEU A 188 21.79 -23.11 -2.48
C LEU A 188 21.89 -24.56 -2.04
N VAL A 189 23.08 -25.13 -2.12
CA VAL A 189 23.33 -26.45 -1.50
C VAL A 189 24.17 -26.20 -0.24
N TRP A 190 23.69 -26.67 0.92
CA TRP A 190 24.38 -26.32 2.15
C TRP A 190 24.20 -27.45 3.13
N LYS A 191 25.34 -28.03 3.55
CA LYS A 191 25.34 -29.09 4.61
C LYS A 191 24.28 -30.12 4.35
N GLY A 192 24.29 -30.62 3.12
CA GLY A 192 23.48 -31.79 2.78
C GLY A 192 22.01 -31.53 2.46
N LYS A 193 21.64 -30.26 2.32
CA LYS A 193 20.22 -29.90 2.12
C LYS A 193 20.11 -28.88 0.97
N TYR A 194 18.91 -28.76 0.37
CA TYR A 194 18.74 -27.80 -0.73
C TYR A 194 17.90 -26.64 -0.25
N TYR A 195 18.31 -25.45 -0.61
CA TYR A 195 17.62 -24.23 -0.21
C TYR A 195 17.21 -23.38 -1.43
N LEU A 196 15.95 -22.96 -1.49
CA LEU A 196 15.52 -21.96 -2.52
C LEU A 196 15.20 -20.60 -1.86
N TYR A 197 15.78 -19.55 -2.39
CA TYR A 197 15.51 -18.19 -1.93
C TYR A 197 14.67 -17.53 -3.03
N TYR A 198 13.61 -16.80 -2.67
CA TYR A 198 12.80 -16.19 -3.78
C TYR A 198 12.09 -15.00 -3.21
N GLN A 199 11.59 -14.16 -4.10
CA GLN A 199 10.85 -12.97 -3.73
C GLN A 199 9.43 -13.37 -3.40
N ALA A 200 8.82 -12.69 -2.41
CA ALA A 200 7.47 -13.07 -2.00
C ALA A 200 6.51 -11.91 -2.08
N PHE A 201 5.43 -12.05 -2.85
CA PHE A 201 4.55 -10.90 -3.14
C PHE A 201 3.25 -11.01 -2.41
N ASN A 202 2.68 -9.88 -1.99
CA ASN A 202 1.45 -9.92 -1.20
C ASN A 202 0.29 -9.22 -1.86
N GLU A 203 0.56 -8.61 -3.00
CA GLU A 203 -0.48 -7.91 -3.75
C GLU A 203 -0.02 -7.81 -5.18
N PRO A 204 -0.91 -7.43 -6.08
CA PRO A 204 -0.53 -7.34 -7.47
C PRO A 204 0.55 -6.32 -7.62
N SER A 205 1.55 -6.68 -8.39
CA SER A 205 2.70 -5.85 -8.56
C SER A 205 2.34 -4.61 -9.32
N GLY A 206 2.84 -3.50 -8.83
CA GLY A 206 2.53 -2.16 -9.28
C GLY A 206 1.38 -1.46 -8.59
N LEU A 207 0.63 -2.16 -7.75
CA LEU A 207 -0.51 -1.57 -7.08
C LEU A 207 -0.17 -0.45 -6.12
N ARG A 208 0.75 -0.71 -5.20
CA ARG A 208 1.37 0.33 -4.41
C ARG A 208 2.84 0.25 -4.69
N GLY A 209 3.65 0.67 -3.73
CA GLY A 209 5.07 0.54 -3.90
C GLY A 209 5.56 -0.83 -3.46
N ASP A 210 5.59 -1.76 -4.39
CA ASP A 210 6.43 -2.95 -4.30
C ASP A 210 6.29 -3.64 -2.96
N TRP A 211 7.43 -4.10 -2.44
CA TRP A 211 7.54 -4.89 -1.22
C TRP A 211 7.45 -6.37 -1.43
N CYS A 212 8.55 -6.96 -1.83
CA CYS A 212 8.65 -8.38 -2.03
C CYS A 212 9.85 -8.99 -1.37
N PRO A 213 9.73 -9.10 0.00
CA PRO A 213 10.93 -9.61 0.67
C PRO A 213 11.25 -11.05 0.37
N VAL A 214 12.49 -11.46 0.55
CA VAL A 214 12.93 -12.81 0.25
C VAL A 214 12.54 -13.90 1.25
N SER A 215 11.88 -14.98 0.79
CA SER A 215 11.60 -16.10 1.63
C SER A 215 12.58 -17.22 1.33
N VAL A 216 12.62 -18.25 2.17
CA VAL A 216 13.48 -19.42 1.87
C VAL A 216 12.75 -20.68 2.21
N SER A 217 12.96 -21.71 1.38
CA SER A 217 12.37 -23.01 1.63
C SER A 217 13.48 -24.04 1.47
N TYR A 218 13.29 -25.24 2.00
CA TYR A 218 14.41 -26.21 1.92
C TYR A 218 13.92 -27.60 1.70
N ALA A 219 14.83 -28.46 1.30
CA ALA A 219 14.43 -29.86 1.04
C ALA A 219 15.59 -30.79 1.20
N ASP A 220 15.24 -32.05 1.41
CA ASP A 220 16.23 -33.09 1.50
C ASP A 220 16.62 -33.60 0.17
N SER A 221 15.77 -33.41 -0.85
CA SER A 221 16.03 -33.87 -2.22
C SER A 221 15.83 -32.74 -3.27
N PRO A 222 16.56 -32.75 -4.39
CA PRO A 222 16.28 -31.68 -5.36
C PRO A 222 14.88 -31.77 -5.98
N ASP A 223 14.26 -32.95 -5.90
CA ASP A 223 12.85 -33.10 -6.19
C ASP A 223 12.10 -32.59 -4.98
N GLY A 224 10.80 -32.67 -4.91
CA GLY A 224 10.39 -32.21 -3.53
C GLY A 224 10.65 -33.19 -2.36
N PRO A 225 9.84 -33.10 -1.31
CA PRO A 225 8.99 -31.89 -1.11
C PRO A 225 9.78 -30.76 -0.39
N TRP A 226 9.30 -29.52 -0.55
CA TRP A 226 9.96 -28.34 0.01
C TRP A 226 9.24 -27.95 1.28
N THR A 227 9.98 -27.49 2.26
CA THR A 227 9.39 -27.06 3.49
C THR A 227 9.72 -25.62 3.67
N HIS A 228 8.73 -24.81 3.99
CA HIS A 228 8.94 -23.41 4.23
C HIS A 228 9.87 -23.16 5.38
N GLY A 229 10.84 -22.30 5.17
CA GLY A 229 11.83 -22.00 6.17
C GLY A 229 11.73 -20.66 6.87
N GLY A 230 11.59 -19.59 6.12
CA GLY A 230 11.51 -18.27 6.67
C GLY A 230 11.01 -17.24 5.70
N ASP A 231 10.62 -16.09 6.20
CA ASP A 231 10.20 -14.99 5.39
C ASP A 231 11.06 -13.83 5.70
N SER A 232 11.29 -12.96 4.73
CA SER A 232 12.08 -11.73 4.93
C SER A 232 13.40 -12.00 5.61
N VAL A 233 14.15 -12.96 5.10
CA VAL A 233 15.39 -13.40 5.71
C VAL A 233 16.54 -12.44 5.39
N ILE A 234 16.39 -11.59 4.38
CA ILE A 234 17.36 -10.55 4.19
C ILE A 234 16.79 -9.22 4.71
N PRO A 235 17.49 -8.58 5.67
CA PRO A 235 16.90 -7.34 6.23
C PRO A 235 16.98 -6.19 5.23
N PHE A 236 16.06 -5.24 5.35
CA PHE A 236 16.05 -4.09 4.52
C PHE A 236 16.83 -3.06 5.30
N GLY A 237 17.48 -2.11 4.64
CA GLY A 237 18.11 -1.01 5.35
C GLY A 237 17.14 -0.08 6.09
N LYS A 238 17.66 0.65 7.08
CA LYS A 238 16.91 1.68 7.81
C LYS A 238 16.42 2.77 6.81
N LYS A 239 15.33 3.48 7.15
CA LYS A 239 14.77 4.55 6.26
C LYS A 239 15.86 5.51 5.78
N GLY A 240 15.89 5.78 4.47
CA GLY A 240 16.93 6.58 3.87
C GLY A 240 18.03 5.76 3.19
N GLU A 241 18.46 4.64 3.79
CA GLU A 241 19.52 3.79 3.22
C GLU A 241 19.17 3.26 1.81
N TRP A 242 20.20 2.97 1.00
CA TRP A 242 20.00 2.52 -0.40
C TRP A 242 19.04 1.28 -0.57
N ASP A 243 19.15 0.29 0.32
CA ASP A 243 18.35 -0.94 0.23
C ASP A 243 17.22 -0.97 1.23
N GLN A 244 16.68 0.21 1.55
CA GLN A 244 15.57 0.36 2.52
C GLN A 244 14.31 -0.32 2.09
N ASP A 245 14.17 -0.58 0.79
CA ASP A 245 12.91 -1.00 0.18
C ASP A 245 12.94 -2.38 -0.50
N ALA A 246 14.10 -3.00 -0.63
CA ALA A 246 14.15 -4.17 -1.48
C ALA A 246 15.42 -4.96 -1.29
N THR A 247 15.24 -6.27 -1.39
CA THR A 247 16.34 -7.17 -1.68
C THR A 247 15.95 -8.09 -2.88
N HIS A 248 16.09 -7.63 -4.12
CA HIS A 248 15.68 -8.42 -5.28
C HIS A 248 16.77 -9.35 -5.70
N ASP A 249 16.40 -10.46 -6.36
CA ASP A 249 17.32 -11.34 -7.07
C ASP A 249 18.31 -11.99 -6.11
N PRO A 250 17.84 -12.57 -5.03
CA PRO A 250 18.77 -13.16 -4.08
C PRO A 250 19.62 -14.25 -4.78
N GLN A 251 20.95 -14.26 -4.64
CA GLN A 251 21.76 -15.29 -5.25
C GLN A 251 22.90 -15.73 -4.31
N PRO A 252 22.76 -16.88 -3.67
CA PRO A 252 23.84 -17.22 -2.74
C PRO A 252 24.94 -18.11 -3.36
N ILE A 253 26.19 -17.86 -2.98
CA ILE A 253 27.28 -18.81 -3.23
C ILE A 253 27.88 -19.17 -1.87
N VAL A 254 28.64 -20.26 -1.81
CA VAL A 254 29.44 -20.53 -0.62
C VAL A 254 30.80 -19.91 -0.80
N TYR A 255 31.17 -19.01 0.11
CA TYR A 255 32.47 -18.35 0.00
C TYR A 255 33.11 -18.02 1.35
N LYS A 256 34.39 -18.39 1.52
CA LYS A 256 35.13 -18.27 2.80
C LYS A 256 34.36 -18.89 3.94
N GLY A 257 33.88 -20.12 3.74
CA GLY A 257 33.14 -20.84 4.78
C GLY A 257 31.73 -20.38 5.10
N LYS A 258 31.25 -19.34 4.40
CA LYS A 258 29.96 -18.72 4.75
C LYS A 258 29.00 -18.55 3.51
N ILE A 259 27.70 -18.54 3.74
CA ILE A 259 26.76 -18.18 2.67
C ILE A 259 26.89 -16.72 2.30
N HIS A 260 27.36 -16.47 1.08
CA HIS A 260 27.41 -15.15 0.48
C HIS A 260 26.24 -14.90 -0.48
N LEU A 261 25.30 -14.06 -0.05
CA LEU A 261 24.07 -13.86 -0.77
C LEU A 261 24.02 -12.44 -1.31
N TYR A 262 24.25 -12.32 -2.62
CA TYR A 262 24.09 -11.11 -3.37
C TYR A 262 22.65 -10.80 -3.74
N TYR A 263 22.34 -9.51 -3.85
CA TYR A 263 20.99 -9.06 -4.05
C TYR A 263 21.08 -7.69 -4.61
N LYS A 264 19.93 -7.13 -4.92
CA LYS A 264 19.94 -5.85 -5.61
C LYS A 264 18.83 -4.95 -5.09
N ALA A 265 19.05 -3.64 -5.26
CA ALA A 265 18.05 -2.62 -4.88
C ALA A 265 18.28 -1.32 -5.62
N ALA A 266 17.18 -0.76 -6.12
CA ALA A 266 17.19 0.53 -6.82
C ALA A 266 17.18 1.66 -5.77
N TYR A 267 17.90 2.74 -6.03
CA TYR A 267 18.03 3.87 -5.08
C TYR A 267 18.26 5.30 -5.68
N ASN A 268 18.30 6.30 -4.78
CA ASN A 268 18.43 7.78 -5.01
C ASN A 268 17.12 8.57 -5.19
N LYS A 276 16.26 10.40 -11.57
CA LYS A 276 17.31 9.44 -11.91
C LYS A 276 17.71 8.55 -10.72
N TYR A 277 17.44 7.26 -10.84
CA TYR A 277 17.75 6.25 -9.81
C TYR A 277 18.79 5.22 -10.30
N ALA A 278 19.79 4.92 -9.48
CA ALA A 278 20.79 3.85 -9.76
C ALA A 278 20.38 2.49 -9.16
N VAL A 279 20.89 1.41 -9.71
CA VAL A 279 20.68 0.10 -9.06
C VAL A 279 21.95 -0.43 -8.37
N GLY A 280 21.89 -0.60 -7.06
CA GLY A 280 23.00 -1.20 -6.36
C GLY A 280 22.90 -2.69 -6.19
N HIS A 281 24.04 -3.27 -5.87
CA HIS A 281 24.08 -4.64 -5.49
C HIS A 281 24.79 -4.72 -4.18
N GLY A 282 24.24 -5.52 -3.29
CA GLY A 282 24.84 -5.63 -2.01
C GLY A 282 25.10 -7.06 -1.75
N LEU A 283 25.67 -7.30 -0.57
CA LEU A 283 25.99 -8.62 -0.09
C LEU A 283 25.49 -8.77 1.30
N ALA A 284 24.99 -9.96 1.60
CA ALA A 284 24.61 -10.32 2.97
C ALA A 284 25.09 -11.73 3.23
N ILE A 285 25.39 -12.00 4.50
CA ILE A 285 26.16 -13.18 4.88
C ILE A 285 25.58 -13.85 6.08
N ALA A 286 25.66 -15.18 6.12
CA ALA A 286 25.08 -15.99 7.17
C ALA A 286 25.87 -17.29 7.33
N ASP A 287 25.57 -18.00 8.40
CA ASP A 287 26.11 -19.33 8.74
C ASP A 287 24.93 -20.28 8.85
N ASP A 288 23.72 -19.72 8.93
CA ASP A 288 22.47 -20.51 8.90
C ASP A 288 21.74 -19.97 7.64
N PRO A 289 21.39 -20.87 6.71
CA PRO A 289 20.63 -20.46 5.52
C PRO A 289 19.29 -19.76 5.90
N LEU A 290 18.73 -20.09 7.05
CA LEU A 290 17.51 -19.48 7.51
C LEU A 290 17.72 -18.08 8.16
N GLY A 291 18.97 -17.60 8.26
CA GLY A 291 19.27 -16.30 8.88
C GLY A 291 19.86 -16.49 10.28
N PRO A 292 20.42 -15.43 10.91
CA PRO A 292 20.39 -14.05 10.43
C PRO A 292 21.41 -13.80 9.37
N PHE A 293 21.07 -12.90 8.45
CA PHE A 293 21.99 -12.44 7.47
C PHE A 293 22.40 -11.05 7.89
N GLU A 294 23.66 -10.68 7.70
CA GLU A 294 23.97 -9.33 8.03
C GLU A 294 24.65 -8.71 6.86
N LYS A 295 24.38 -7.42 6.67
CA LYS A 295 24.86 -6.70 5.52
C LYS A 295 26.34 -6.51 5.59
N HIS A 296 26.94 -6.11 4.49
CA HIS A 296 28.35 -6.01 4.43
C HIS A 296 28.77 -4.61 4.21
N PRO A 297 29.70 -4.15 5.00
CA PRO A 297 30.18 -2.80 4.83
C PRO A 297 30.74 -2.76 3.45
N LEU A 298 30.62 -1.61 2.83
CA LEU A 298 30.86 -1.40 1.42
C LEU A 298 29.63 -1.58 0.58
N ASN A 299 28.54 -2.02 1.14
CA ASN A 299 27.33 -2.11 0.36
C ASN A 299 26.93 -0.69 0.05
N PRO A 300 26.50 -0.30 -1.23
CA PRO A 300 26.51 -1.35 -2.25
C PRO A 300 27.86 -1.68 -2.83
N VAL A 301 28.10 -2.97 -2.91
CA VAL A 301 29.31 -3.53 -3.42
C VAL A 301 29.52 -3.20 -4.88
N MET A 302 28.44 -2.94 -5.60
CA MET A 302 28.48 -2.39 -6.94
C MET A 302 27.35 -1.39 -7.05
N THR A 303 27.43 -0.54 -8.06
CA THR A 303 26.74 0.73 -8.01
C THR A 303 26.10 0.94 -9.36
N SER A 304 26.28 -0.10 -10.15
CA SER A 304 26.13 -0.08 -11.58
C SER A 304 25.45 -1.42 -11.90
N GLY A 305 24.72 -1.46 -13.00
CA GLY A 305 24.21 -2.71 -13.53
C GLY A 305 22.84 -3.07 -13.00
N HIS A 306 21.86 -3.19 -13.89
CA HIS A 306 20.51 -3.62 -13.54
C HIS A 306 20.49 -5.03 -13.01
N GLU A 307 21.37 -5.91 -13.49
CA GLU A 307 21.42 -7.23 -12.83
C GLU A 307 22.79 -7.83 -12.99
N THR A 308 23.01 -8.86 -12.18
CA THR A 308 24.34 -9.42 -12.05
C THR A 308 24.17 -10.89 -11.65
N THR A 309 25.20 -11.65 -11.96
CA THR A 309 25.15 -13.01 -11.61
C THR A 309 26.57 -13.30 -11.17
N TYR A 310 26.73 -14.13 -10.16
CA TYR A 310 28.04 -14.32 -9.54
C TYR A 310 28.43 -15.79 -9.52
N PHE A 311 29.72 -16.06 -9.73
CA PHE A 311 30.25 -17.41 -9.52
C PHE A 311 31.67 -17.35 -8.97
N PRO A 312 32.02 -18.32 -8.12
CA PRO A 312 33.38 -18.41 -7.64
C PRO A 312 34.37 -18.42 -8.80
N PHE A 313 35.40 -17.59 -8.66
CA PHE A 313 36.45 -17.55 -9.66
C PHE A 313 37.84 -17.35 -9.02
N LYS A 314 38.69 -18.38 -9.16
CA LYS A 314 39.98 -18.44 -8.48
C LYS A 314 39.69 -18.25 -7.01
N GLU A 315 40.49 -17.44 -6.34
CA GLU A 315 40.26 -17.15 -4.92
C GLU A 315 39.12 -16.13 -4.69
N GLY A 316 38.73 -15.42 -5.76
CA GLY A 316 37.62 -14.45 -5.70
C GLY A 316 36.25 -14.91 -6.22
N VAL A 317 35.52 -13.94 -6.76
CA VAL A 317 34.16 -14.09 -7.26
C VAL A 317 34.14 -13.25 -8.50
N ALA A 318 33.66 -13.79 -9.63
CA ALA A 318 33.45 -13.03 -10.88
C ALA A 318 31.93 -12.76 -11.09
N THR A 319 31.60 -11.86 -12.00
CA THR A 319 30.23 -11.42 -12.22
C THR A 319 30.07 -10.91 -13.59
N LEU A 320 28.87 -11.12 -14.16
CA LEU A 320 28.46 -10.47 -15.39
C LEU A 320 27.55 -9.35 -14.97
N ALA A 321 27.77 -8.15 -15.48
CA ALA A 321 26.92 -6.99 -15.13
C ALA A 321 26.31 -6.35 -16.38
N ILE A 322 24.98 -6.20 -16.37
CA ILE A 322 24.12 -5.82 -17.53
C ILE A 322 23.46 -4.48 -17.23
N LYS A 323 23.52 -3.52 -18.14
CA LYS A 323 22.57 -2.38 -18.09
C LYS A 323 21.44 -2.59 -19.12
N ASP A 324 20.22 -2.74 -18.62
CA ASP A 324 18.99 -2.83 -19.46
C ASP A 324 19.01 -1.81 -20.63
N GLY A 325 18.98 -2.30 -21.86
CA GLY A 325 18.89 -1.42 -23.03
C GLY A 325 20.15 -1.20 -23.83
N ASN A 326 21.31 -1.09 -23.19
CA ASN A 326 22.51 -0.81 -23.98
C ASN A 326 23.44 -2.00 -24.27
N GLU A 327 24.35 -1.80 -25.22
CA GLU A 327 25.16 -2.87 -25.81
C GLU A 327 26.48 -3.17 -25.03
N ARG A 328 26.68 -2.46 -23.91
CA ARG A 328 27.92 -2.50 -23.11
C ARG A 328 27.75 -3.27 -21.79
N TYR A 329 28.30 -4.47 -21.74
CA TYR A 329 28.18 -5.27 -20.54
C TYR A 329 29.60 -5.53 -20.09
N THR A 330 29.79 -5.91 -18.83
CA THR A 330 31.12 -6.19 -18.34
C THR A 330 31.18 -7.43 -17.53
N MET A 331 32.32 -8.12 -17.61
CA MET A 331 32.71 -9.06 -16.56
C MET A 331 33.53 -8.28 -15.53
N GLN A 332 33.36 -8.62 -14.27
CA GLN A 332 34.02 -7.89 -13.20
C GLN A 332 34.49 -8.95 -12.27
N TYR A 333 35.54 -8.65 -11.50
CA TYR A 333 36.18 -9.62 -10.60
C TYR A 333 36.58 -9.00 -9.25
N ALA A 334 36.48 -9.78 -8.19
CA ALA A 334 36.72 -9.28 -6.86
C ALA A 334 37.48 -10.32 -6.14
N LYS A 335 38.79 -10.11 -5.97
CA LYS A 335 39.70 -11.04 -5.25
C LYS A 335 39.13 -11.51 -3.91
N ASP A 336 38.38 -10.63 -3.26
CA ASP A 336 37.75 -10.88 -1.96
C ASP A 336 36.23 -11.07 -1.95
N GLY A 337 35.61 -11.01 -3.10
CA GLY A 337 34.18 -11.14 -3.20
C GLY A 337 33.46 -9.84 -2.91
N VAL A 338 34.20 -8.78 -2.73
CA VAL A 338 33.62 -7.53 -2.28
C VAL A 338 34.02 -6.36 -3.16
N ASN A 339 35.31 -6.24 -3.46
CA ASN A 339 35.76 -5.15 -4.28
C ASN A 339 35.92 -5.65 -5.66
N PHE A 340 35.14 -5.09 -6.57
CA PHE A 340 35.00 -5.65 -7.88
C PHE A 340 35.64 -4.69 -8.83
N GLU A 341 36.36 -5.20 -9.81
CA GLU A 341 36.94 -4.31 -10.82
C GLU A 341 36.66 -4.90 -12.18
N ILE A 342 36.51 -4.07 -13.20
CA ILE A 342 36.34 -4.56 -14.57
C ILE A 342 37.43 -5.58 -14.93
N ALA A 343 37.05 -6.61 -15.69
CA ALA A 343 38.01 -7.54 -16.28
C ALA A 343 37.83 -7.61 -17.77
N SER A 344 36.64 -7.30 -18.27
CA SER A 344 36.38 -7.37 -19.71
C SER A 344 35.13 -6.66 -20.01
N VAL A 345 35.01 -6.34 -21.29
CA VAL A 345 33.82 -5.79 -21.84
C VAL A 345 33.32 -6.83 -22.81
N VAL A 346 32.03 -7.17 -22.71
CA VAL A 346 31.44 -8.23 -23.55
C VAL A 346 30.22 -7.66 -24.20
N SER A 347 29.67 -8.38 -25.15
CA SER A 347 28.43 -7.93 -25.77
C SER A 347 27.40 -9.08 -25.94
N LEU A 348 26.15 -8.71 -26.32
CA LEU A 348 25.03 -9.66 -26.44
C LEU A 348 24.98 -10.69 -25.32
N ALA A 349 25.00 -10.21 -24.08
CA ALA A 349 25.20 -11.11 -22.94
C ALA A 349 23.79 -11.54 -22.49
N PRO A 350 23.70 -12.61 -21.70
CA PRO A 350 22.32 -13.12 -21.42
C PRO A 350 21.69 -12.35 -20.29
N THR A 351 20.40 -12.12 -20.39
CA THR A 351 19.61 -11.54 -19.33
C THR A 351 19.16 -12.60 -18.33
N ALA A 352 19.14 -12.24 -17.05
CA ALA A 352 18.89 -13.15 -15.94
C ALA A 352 19.82 -14.37 -16.04
N ALA A 353 21.06 -14.16 -16.46
CA ALA A 353 22.02 -15.26 -16.65
C ALA A 353 22.15 -16.09 -15.40
N ALA A 354 22.14 -17.39 -15.60
CA ALA A 354 22.24 -18.32 -14.51
C ALA A 354 23.18 -19.47 -14.92
N PRO A 355 24.50 -19.27 -14.76
CA PRO A 355 25.51 -20.21 -15.20
C PRO A 355 25.53 -21.42 -14.35
N PHE A 356 25.81 -22.56 -14.95
CA PHE A 356 26.12 -23.68 -14.14
C PHE A 356 27.58 -23.54 -13.57
N ALA A 357 27.80 -23.70 -12.29
CA ALA A 357 29.20 -23.81 -11.80
C ALA A 357 29.23 -24.93 -10.83
N ALA A 358 30.03 -25.99 -11.16
CA ALA A 358 30.11 -27.16 -10.31
C ALA A 358 30.54 -26.80 -8.86
N ASP A 359 31.35 -25.75 -8.75
CA ASP A 359 31.90 -25.27 -7.46
C ASP A 359 31.16 -24.09 -6.80
N ALA A 360 29.97 -23.72 -7.30
CA ALA A 360 29.16 -22.66 -6.66
C ALA A 360 29.09 -22.84 -5.14
N PHE A 361 28.97 -24.07 -4.65
CA PHE A 361 28.60 -24.30 -3.24
C PHE A 361 29.63 -25.13 -2.44
N THR A 362 30.85 -25.09 -2.92
CA THR A 362 31.83 -26.15 -2.64
C THR A 362 32.93 -25.66 -1.68
N ASP A 363 33.19 -24.34 -1.70
CA ASP A 363 33.98 -23.60 -0.73
C ASP A 363 35.44 -23.90 -1.00
N SER A 364 35.78 -23.96 -2.30
CA SER A 364 37.02 -24.53 -2.78
C SER A 364 38.16 -23.51 -2.79
N GLY A 365 37.83 -22.22 -2.77
CA GLY A 365 38.86 -21.17 -2.84
C GLY A 365 39.50 -21.14 -4.23
N ASN A 366 39.07 -22.02 -5.11
CA ASN A 366 39.66 -22.16 -6.45
C ASN A 366 38.60 -22.33 -7.56
N GLY A 367 37.97 -21.22 -7.93
CA GLY A 367 36.79 -21.25 -8.77
C GLY A 367 37.17 -21.38 -10.21
N ARG A 368 36.60 -22.38 -10.88
CA ARG A 368 37.05 -22.71 -12.25
C ARG A 368 36.41 -21.93 -13.41
N GLY A 369 35.35 -21.16 -13.13
CA GLY A 369 34.60 -20.49 -14.21
C GLY A 369 33.51 -21.35 -14.84
N VAL A 370 32.90 -20.84 -15.91
CA VAL A 370 31.67 -21.42 -16.48
C VAL A 370 31.71 -21.49 -17.99
N THR A 371 30.96 -22.45 -18.56
CA THR A 371 30.79 -22.56 -20.03
C THR A 371 29.32 -22.54 -20.49
N TRP A 372 28.36 -22.78 -19.60
CA TRP A 372 26.97 -22.69 -20.06
C TRP A 372 26.03 -22.35 -18.97
N GLY A 373 24.81 -21.95 -19.33
CA GLY A 373 23.73 -21.88 -18.35
C GLY A 373 22.42 -21.48 -18.96
N LEU A 374 21.53 -21.03 -18.09
CA LEU A 374 20.20 -20.67 -18.53
C LEU A 374 20.12 -19.19 -18.49
N CYS A 375 19.11 -18.68 -19.17
CA CYS A 375 18.85 -17.25 -19.16
C CYS A 375 17.38 -17.07 -19.58
N HIS A 376 16.90 -15.84 -19.71
CA HIS A 376 15.55 -15.61 -20.17
C HIS A 376 15.38 -14.47 -21.16
N PHE A 377 14.24 -14.44 -21.86
CA PHE A 377 13.84 -13.27 -22.66
C PHE A 377 12.45 -12.88 -22.24
N THR A 378 12.26 -11.63 -21.85
CA THR A 378 10.97 -11.17 -21.37
C THR A 378 10.20 -10.52 -22.52
N ASN A 379 10.81 -10.39 -23.71
CA ASN A 379 10.11 -9.84 -24.88
C ASN A 379 9.78 -10.93 -25.89
N ALA A 380 9.26 -12.06 -25.36
CA ALA A 380 9.00 -13.24 -26.19
C ALA A 380 7.86 -12.89 -27.17
N SER A 381 6.90 -12.12 -26.74
CA SER A 381 5.77 -11.86 -27.64
C SER A 381 5.96 -10.62 -28.56
N ASN A 382 5.39 -10.66 -29.76
CA ASN A 382 5.41 -9.48 -30.62
C ASN A 382 4.49 -8.39 -30.11
N ASN A 383 3.56 -8.79 -29.25
CA ASN A 383 2.45 -7.97 -28.87
C ASN A 383 2.42 -7.76 -27.38
N PRO A 384 2.63 -6.50 -26.96
CA PRO A 384 2.80 -6.25 -25.54
C PRO A 384 1.52 -6.34 -24.71
N LYS A 385 0.37 -6.54 -25.34
CA LYS A 385 -0.82 -6.82 -24.49
C LYS A 385 -0.96 -8.35 -24.25
N LYS A 386 -0.04 -9.14 -24.82
CA LYS A 386 -0.02 -10.58 -24.58
C LYS A 386 1.40 -10.99 -24.21
N GLY A 387 1.99 -10.29 -23.24
CA GLY A 387 3.47 -10.47 -23.00
C GLY A 387 3.74 -11.74 -22.20
N TYR A 388 4.92 -12.36 -22.40
CA TYR A 388 5.33 -13.52 -21.61
C TYR A 388 6.80 -13.65 -21.78
N SER A 389 7.44 -14.46 -20.96
CA SER A 389 8.84 -14.72 -21.12
C SER A 389 9.10 -16.17 -21.38
N ILE A 390 10.28 -16.46 -21.95
CA ILE A 390 10.75 -17.83 -22.06
C ILE A 390 12.13 -17.99 -21.39
N ILE A 391 12.51 -19.24 -21.06
CA ILE A 391 13.86 -19.53 -20.63
C ILE A 391 14.65 -20.08 -21.78
N ALA A 392 15.96 -19.86 -21.78
CA ALA A 392 16.79 -20.28 -22.89
C ALA A 392 18.16 -20.69 -22.35
N ARG A 393 19.02 -21.22 -23.22
CA ARG A 393 20.32 -21.66 -22.83
C ARG A 393 21.37 -20.75 -23.52
N PHE A 394 22.45 -20.43 -22.83
CA PHE A 394 23.65 -19.84 -23.46
C PHE A 394 24.85 -20.71 -23.20
N ASP A 395 25.84 -20.62 -24.08
CA ASP A 395 27.12 -21.27 -23.88
C ASP A 395 28.17 -20.16 -23.99
N CYS A 396 29.29 -20.31 -23.28
CA CYS A 396 30.33 -19.30 -23.40
C CYS A 396 31.66 -19.99 -23.03
N ASP A 397 32.77 -19.23 -23.02
CA ASP A 397 33.98 -19.72 -22.40
C ASP A 397 34.44 -18.70 -21.37
N LEU A 398 33.98 -18.86 -20.14
CA LEU A 398 34.45 -18.05 -19.03
C LEU A 398 35.05 -19.05 -18.05
N SER A 399 35.71 -20.07 -18.63
CA SER A 399 36.32 -21.15 -17.88
C SER A 399 37.85 -21.13 -17.93
N LEU A 400 38.44 -21.45 -16.77
CA LEU A 400 39.89 -21.69 -16.67
C LEU A 400 40.26 -23.07 -17.21
N ASP A 401 39.32 -24.01 -17.15
CA ASP A 401 39.57 -25.36 -17.59
C ASP A 401 39.24 -25.63 -19.03
N VAL A 402 38.92 -24.61 -19.82
CA VAL A 402 38.56 -24.82 -21.24
C VAL A 402 39.03 -23.58 -21.92
N ASP A 403 39.45 -23.72 -23.17
CA ASP A 403 39.82 -22.59 -24.01
C ASP A 403 39.26 -22.80 -25.43
N ASP A 404 38.19 -22.08 -25.76
CA ASP A 404 37.47 -22.39 -26.99
C ASP A 404 37.49 -21.19 -27.87
N PRO A 405 38.37 -21.20 -28.88
CA PRO A 405 38.51 -20.04 -29.77
C PRO A 405 37.18 -19.63 -30.43
N PHE A 406 36.21 -20.54 -30.47
CA PHE A 406 34.92 -20.22 -31.10
C PHE A 406 34.23 -19.06 -30.37
N TYR A 407 34.54 -18.90 -29.09
CA TYR A 407 33.84 -17.97 -28.19
C TYR A 407 34.70 -16.75 -27.90
N LYS A 408 35.75 -16.64 -28.69
CA LYS A 408 36.80 -15.77 -28.29
C LYS A 408 37.05 -14.70 -29.36
N ASN A 409 36.24 -14.71 -30.42
CA ASN A 409 36.17 -13.61 -31.37
C ASN A 409 35.75 -12.33 -30.71
N THR A 410 35.97 -11.21 -31.38
CA THR A 410 35.66 -9.92 -30.76
C THR A 410 34.54 -9.25 -31.51
N GLY A 411 34.25 -9.74 -32.71
CA GLY A 411 33.13 -9.15 -33.43
C GLY A 411 31.80 -9.88 -33.39
N VAL A 412 30.72 -9.12 -33.67
CA VAL A 412 29.37 -9.62 -33.82
C VAL A 412 28.76 -9.19 -35.15
N TRP A 413 28.26 -10.13 -35.92
CA TRP A 413 27.63 -9.83 -37.18
C TRP A 413 26.17 -10.19 -37.09
N HIS A 414 25.30 -9.21 -37.33
CA HIS A 414 23.87 -9.45 -37.37
C HIS A 414 23.42 -9.50 -38.81
N ARG A 415 22.35 -10.27 -39.06
CA ARG A 415 21.75 -10.39 -40.35
C ARG A 415 20.75 -9.30 -40.60
N PRO A 416 20.40 -9.07 -41.85
CA PRO A 416 19.60 -7.87 -42.08
C PRO A 416 18.31 -7.79 -41.29
N GLU A 417 17.68 -8.94 -41.06
CA GLU A 417 16.34 -8.97 -40.36
C GLU A 417 16.51 -8.36 -38.95
N VAL A 418 17.65 -8.51 -38.33
CA VAL A 418 17.93 -7.83 -37.07
C VAL A 418 17.80 -6.32 -37.21
N TYR A 419 18.22 -5.77 -38.37
CA TYR A 419 18.12 -4.33 -38.58
C TYR A 419 16.72 -3.91 -38.95
N PHE A 420 16.08 -4.68 -39.83
CA PHE A 420 14.70 -4.35 -40.21
C PHE A 420 13.72 -4.47 -39.03
N ALA A 421 14.09 -5.19 -37.97
CA ALA A 421 13.25 -5.22 -36.75
C ALA A 421 13.39 -3.94 -35.93
N GLN A 422 14.30 -3.02 -36.30
CA GLN A 422 14.33 -1.69 -35.69
C GLN A 422 13.74 -0.73 -36.70
N ALA A 423 12.42 -0.73 -36.77
CA ALA A 423 11.72 0.02 -37.76
C ALA A 423 11.50 1.45 -37.31
N PRO A 424 11.34 2.36 -38.27
CA PRO A 424 10.93 3.73 -38.07
C PRO A 424 9.45 3.75 -37.60
N ARG A 425 8.93 4.93 -37.24
CA ARG A 425 7.49 5.05 -36.88
C ARG A 425 6.60 5.31 -38.10
N ASP B 76 20.46 18.24 -25.54
CA ASP B 76 21.62 17.33 -25.76
C ASP B 76 22.13 17.37 -27.23
N ASN B 77 22.67 16.25 -27.70
CA ASN B 77 23.65 16.22 -28.77
C ASN B 77 23.10 16.04 -30.21
N GLU B 78 23.36 17.04 -31.04
CA GLU B 78 22.79 17.10 -32.37
C GLU B 78 23.38 16.02 -33.34
N LEU B 79 24.57 15.52 -33.03
CA LEU B 79 25.18 14.41 -33.74
C LEU B 79 25.03 13.09 -33.04
N PHE B 80 24.07 13.00 -32.13
CA PHE B 80 23.74 11.70 -31.63
C PHE B 80 22.41 11.29 -32.23
N SER B 81 22.27 10.02 -32.63
CA SER B 81 20.99 9.52 -33.12
C SER B 81 20.97 8.02 -33.13
N GLN B 82 19.76 7.50 -33.27
CA GLN B 82 19.65 6.08 -33.51
C GLN B 82 19.33 5.91 -34.97
N PHE B 83 19.43 4.68 -35.46
CA PHE B 83 19.18 4.35 -36.87
C PHE B 83 18.09 3.30 -36.97
N LYS B 84 17.12 3.59 -37.83
CA LYS B 84 16.05 2.71 -38.07
C LYS B 84 16.05 2.36 -39.56
N TYR B 85 15.68 1.13 -39.85
CA TYR B 85 15.83 0.54 -41.15
C TYR B 85 14.51 0.17 -41.87
N THR B 86 14.50 0.36 -43.19
CA THR B 86 13.35 0.03 -44.00
C THR B 86 13.80 -0.76 -45.23
N ARG B 87 13.14 -1.89 -45.51
N ARG B 87 13.11 -1.87 -45.50
CA ARG B 87 13.41 -2.68 -46.72
CA ARG B 87 13.30 -2.63 -46.74
C ARG B 87 12.95 -1.90 -47.96
C ARG B 87 12.98 -1.76 -47.94
N LEU B 88 13.79 -1.80 -48.99
CA LEU B 88 13.46 -1.01 -50.21
C LEU B 88 12.49 -1.80 -51.06
N LYS B 89 11.73 -1.09 -51.87
CA LYS B 89 10.87 -1.75 -52.82
C LYS B 89 11.33 -1.45 -54.22
N GLY B 90 11.44 -2.50 -55.04
CA GLY B 90 11.64 -2.27 -56.44
C GLY B 90 12.82 -3.03 -56.97
N PHE B 91 13.53 -3.73 -56.09
CA PHE B 91 14.72 -4.47 -56.55
C PHE B 91 14.53 -5.96 -56.30
N ASP B 92 14.75 -6.72 -57.36
CA ASP B 92 14.67 -8.13 -57.29
C ASP B 92 16.05 -8.78 -57.26
N TYR B 93 16.18 -9.93 -56.61
CA TYR B 93 17.48 -10.54 -56.50
C TYR B 93 17.46 -12.01 -56.85
N ASN B 94 16.63 -12.39 -57.82
CA ASN B 94 16.48 -13.80 -58.22
C ASN B 94 16.22 -14.66 -57.01
N ASN B 95 15.36 -14.17 -56.13
CA ASN B 95 14.99 -14.83 -54.87
C ASN B 95 16.18 -15.06 -53.99
N GLY B 96 17.20 -14.22 -54.10
CA GLY B 96 18.31 -14.39 -53.17
C GLY B 96 19.15 -15.61 -53.47
N ASP B 97 19.32 -16.02 -54.72
CA ASP B 97 20.10 -17.21 -55.00
C ASP B 97 21.63 -16.90 -55.17
N GLY B 98 22.03 -15.64 -54.93
CA GLY B 98 23.44 -15.25 -55.05
C GLY B 98 23.84 -14.83 -56.46
N THR B 99 22.94 -14.86 -57.44
CA THR B 99 23.38 -14.39 -58.77
C THR B 99 23.21 -12.90 -58.98
N ILE B 100 22.40 -12.22 -58.15
CA ILE B 100 22.24 -10.77 -58.27
C ILE B 100 22.55 -10.06 -56.94
N SER B 101 23.27 -8.94 -57.01
CA SER B 101 23.79 -8.28 -55.82
C SER B 101 23.78 -6.78 -56.11
N ARG B 102 23.39 -5.93 -55.15
CA ARG B 102 23.48 -4.46 -55.31
C ARG B 102 24.11 -3.99 -54.02
N ARG B 103 25.06 -3.07 -54.10
CA ARG B 103 25.82 -2.68 -52.91
C ARG B 103 26.46 -1.32 -53.11
N ASP B 104 27.03 -0.77 -52.03
CA ASP B 104 27.71 0.55 -52.11
C ASP B 104 26.96 1.63 -52.87
N PRO B 105 25.66 1.86 -52.54
CA PRO B 105 24.96 2.95 -53.18
C PRO B 105 25.59 4.33 -52.87
N SER B 106 25.36 5.24 -53.79
CA SER B 106 25.83 6.61 -53.78
C SER B 106 24.84 7.33 -52.87
N ARG B 107 25.24 8.50 -52.36
CA ARG B 107 24.29 9.35 -51.64
C ARG B 107 23.24 9.77 -52.67
N PRO B 108 21.96 9.68 -52.33
CA PRO B 108 20.95 10.19 -53.26
C PRO B 108 21.08 11.68 -53.57
N ILE B 109 20.78 12.06 -54.81
CA ILE B 109 20.58 13.45 -55.19
C ILE B 109 19.16 13.64 -55.68
N LEU B 110 18.62 14.84 -55.54
CA LEU B 110 17.25 15.14 -55.94
C LEU B 110 17.25 16.12 -57.13
N VAL B 111 16.62 15.73 -58.22
CA VAL B 111 16.69 16.46 -59.46
C VAL B 111 15.35 16.29 -60.10
N ASN B 112 14.68 17.42 -60.38
CA ASN B 112 13.31 17.46 -60.94
C ASN B 112 12.33 16.57 -60.20
N GLY B 113 12.34 16.69 -58.87
CA GLY B 113 11.49 15.86 -57.99
C GLY B 113 11.64 14.32 -58.04
N LYS B 114 12.78 13.80 -58.49
CA LYS B 114 13.10 12.39 -58.32
C LYS B 114 14.44 12.32 -57.61
N TYR B 115 14.58 11.41 -56.66
CA TYR B 115 15.90 11.03 -56.14
C TYR B 115 16.54 10.05 -57.12
N TYR B 116 17.86 10.14 -57.29
CA TYR B 116 18.63 9.23 -58.10
C TYR B 116 19.72 8.60 -57.23
N ILE B 117 20.04 7.31 -57.44
CA ILE B 117 21.11 6.71 -56.74
C ILE B 117 21.80 5.84 -57.78
N TYR B 118 23.08 5.51 -57.52
CA TYR B 118 23.89 4.75 -58.42
C TYR B 118 24.49 3.71 -57.50
N TYR B 119 24.72 2.49 -57.98
CA TYR B 119 25.26 1.46 -57.08
C TYR B 119 25.92 0.43 -57.92
N THR B 120 26.79 -0.33 -57.28
CA THR B 120 27.34 -1.49 -57.87
C THR B 120 26.24 -2.51 -58.07
N LYS B 121 26.17 -3.09 -59.24
CA LYS B 121 25.25 -4.16 -59.52
C LYS B 121 25.92 -5.33 -60.21
N ARG B 122 25.76 -6.50 -59.62
CA ARG B 122 26.27 -7.74 -60.21
C ARG B 122 25.07 -8.59 -60.65
N ASP B 123 25.17 -9.18 -61.85
CA ASP B 123 24.16 -10.09 -62.36
C ASP B 123 24.83 -11.14 -63.25
N THR B 124 25.00 -12.31 -62.68
CA THR B 124 26.02 -13.23 -63.10
C THR B 124 25.40 -14.65 -63.14
N LYS B 125 26.02 -15.57 -63.87
CA LYS B 125 25.42 -16.89 -64.06
C LYS B 125 25.46 -17.72 -62.82
N VAL B 126 26.42 -17.43 -61.95
CA VAL B 126 26.72 -18.28 -60.80
C VAL B 126 27.07 -17.28 -59.67
N PRO B 127 26.85 -17.62 -58.39
CA PRO B 127 27.30 -16.71 -57.32
C PRO B 127 28.84 -16.64 -57.19
N PRO B 128 29.38 -15.66 -56.44
CA PRO B 128 30.85 -15.55 -56.31
C PRO B 128 31.49 -16.83 -55.83
N ILE B 129 32.55 -17.25 -56.50
CA ILE B 129 33.26 -18.49 -56.14
C ILE B 129 34.21 -18.36 -54.93
N GLY B 130 34.49 -17.13 -54.50
CA GLY B 130 35.37 -16.82 -53.33
C GLY B 130 36.67 -16.05 -53.68
N TRP B 131 37.08 -15.07 -52.84
CA TRP B 131 38.41 -14.39 -52.92
C TRP B 131 39.54 -15.42 -53.15
N ASN B 132 39.65 -16.33 -52.19
CA ASN B 132 40.64 -17.40 -52.14
C ASN B 132 40.61 -18.39 -53.32
N ARG B 133 39.81 -18.13 -54.34
CA ARG B 133 39.68 -19.07 -55.47
C ARG B 133 39.56 -18.25 -56.71
N ALA B 134 40.16 -17.07 -56.65
CA ALA B 134 40.10 -16.10 -57.74
C ALA B 134 40.70 -16.68 -59.02
N LYS B 135 41.51 -17.73 -58.82
CA LYS B 135 42.13 -18.53 -59.90
C LYS B 135 41.08 -19.10 -60.86
N GLU B 136 39.98 -19.61 -60.26
CA GLU B 136 38.89 -20.30 -60.97
C GLU B 136 37.87 -19.37 -61.63
N ALA B 137 38.01 -18.05 -61.41
CA ALA B 137 37.07 -17.07 -61.98
C ALA B 137 37.24 -17.04 -63.47
N THR B 138 36.18 -16.79 -64.20
CA THR B 138 36.26 -16.70 -65.62
C THR B 138 35.52 -15.45 -65.98
N ASP B 139 35.17 -15.30 -67.26
CA ASP B 139 34.42 -14.15 -67.74
C ASP B 139 32.94 -14.21 -67.38
N GLU B 140 32.54 -15.28 -66.71
CA GLU B 140 31.16 -15.49 -66.35
C GLU B 140 31.09 -15.77 -64.88
N ILE B 141 32.17 -16.28 -64.31
CA ILE B 141 32.14 -16.72 -62.93
C ILE B 141 32.90 -15.64 -62.13
N PRO B 142 32.25 -15.04 -61.11
CA PRO B 142 32.92 -13.98 -60.37
C PRO B 142 33.67 -14.52 -59.18
N SER B 143 34.77 -13.88 -58.83
CA SER B 143 35.47 -14.31 -57.63
C SER B 143 34.81 -13.75 -56.41
N THR B 144 34.49 -12.47 -56.42
CA THR B 144 33.91 -11.84 -55.21
C THR B 144 32.57 -11.19 -55.56
N ASP B 145 31.89 -10.77 -54.53
CA ASP B 145 30.61 -10.08 -54.64
C ASP B 145 30.67 -8.87 -55.59
N TRP B 146 31.83 -8.20 -55.66
CA TRP B 146 31.94 -6.96 -56.48
C TRP B 146 32.67 -7.21 -57.79
N ASP B 147 32.92 -8.47 -58.12
CA ASP B 147 33.59 -8.77 -59.42
C ASP B 147 32.54 -8.85 -60.50
N LEU B 148 32.88 -8.47 -61.74
CA LEU B 148 31.98 -8.57 -62.92
C LEU B 148 30.77 -7.65 -62.82
N CYS B 149 30.97 -6.46 -62.24
CA CYS B 149 29.89 -5.51 -61.95
C CYS B 149 29.84 -4.28 -62.85
N GLU B 150 28.68 -3.63 -62.90
CA GLU B 150 28.56 -2.36 -63.55
C GLU B 150 27.94 -1.47 -62.52
N ILE B 151 27.86 -0.19 -62.85
CA ILE B 151 27.15 0.73 -61.99
C ILE B 151 25.82 0.99 -62.62
N TRP B 152 24.76 0.66 -61.90
CA TRP B 152 23.36 0.89 -62.37
C TRP B 152 22.77 2.02 -61.58
N TYR B 153 21.57 2.48 -61.96
CA TYR B 153 20.98 3.60 -61.25
C TYR B 153 19.50 3.41 -61.11
N ALA B 154 18.88 4.10 -60.15
CA ALA B 154 17.43 3.99 -59.86
C ALA B 154 16.90 5.32 -59.42
N THR B 155 15.60 5.51 -59.62
CA THR B 155 14.93 6.78 -59.28
C THR B 155 13.80 6.47 -58.29
N SER B 156 13.43 7.45 -57.48
CA SER B 156 12.35 7.24 -56.58
C SER B 156 11.70 8.58 -56.29
N GLU B 157 10.40 8.59 -56.00
CA GLU B 157 9.81 9.83 -55.49
C GLU B 157 9.85 10.00 -54.00
N ASP B 158 9.81 8.90 -53.24
CA ASP B 158 9.78 9.00 -51.79
C ASP B 158 10.98 8.35 -51.09
N GLY B 159 11.91 7.76 -51.84
CA GLY B 159 13.14 7.20 -51.21
C GLY B 159 13.01 5.79 -50.72
N THR B 160 11.80 5.25 -50.75
CA THR B 160 11.56 3.88 -50.32
C THR B 160 11.15 2.93 -51.51
N THR B 161 10.27 3.37 -52.41
CA THR B 161 9.97 2.55 -53.64
C THR B 161 10.81 3.13 -54.78
N TRP B 162 11.62 2.28 -55.36
CA TRP B 162 12.60 2.67 -56.38
C TRP B 162 12.23 2.01 -57.68
N LYS B 163 12.49 2.71 -58.77
CA LYS B 163 12.47 2.05 -60.08
C LYS B 163 13.91 1.89 -60.63
N GLU B 164 14.36 0.65 -60.84
CA GLU B 164 15.69 0.43 -61.40
C GLU B 164 15.61 0.82 -62.85
N GLU B 165 16.38 1.82 -63.26
CA GLU B 165 16.32 2.38 -64.60
C GLU B 165 17.19 1.68 -65.66
N GLY B 166 18.41 1.28 -65.33
CA GLY B 166 19.31 0.67 -66.31
C GLY B 166 20.77 0.93 -65.88
N VAL B 167 21.71 0.59 -66.75
CA VAL B 167 23.13 0.78 -66.55
C VAL B 167 23.38 2.27 -66.61
N ALA B 168 24.25 2.75 -65.72
CA ALA B 168 24.86 4.08 -65.82
C ALA B 168 26.30 3.95 -66.31
N ILE B 169 27.13 3.19 -65.61
CA ILE B 169 28.48 2.87 -66.08
C ILE B 169 28.68 1.42 -66.45
N ALA B 170 28.82 1.15 -67.76
CA ALA B 170 29.17 -0.14 -68.31
C ALA B 170 30.65 -0.28 -68.16
N ARG B 171 31.14 -1.52 -67.99
CA ARG B 171 32.52 -1.88 -68.06
C ARG B 171 33.08 -1.58 -69.43
N PRO B 172 34.27 -0.95 -69.53
CA PRO B 172 34.73 -0.69 -70.91
C PRO B 172 35.42 -1.92 -71.52
N GLU B 173 35.82 -1.83 -72.77
N GLU B 173 35.79 -1.83 -72.80
CA GLU B 173 36.44 -2.95 -73.46
CA GLU B 173 36.50 -2.91 -73.53
C GLU B 173 37.84 -3.30 -72.99
C GLU B 173 37.84 -3.29 -72.91
N LYS B 174 38.10 -4.58 -72.77
CA LYS B 174 39.35 -5.09 -72.31
C LYS B 174 40.45 -4.67 -73.28
N PRO B 175 41.67 -4.15 -72.82
CA PRO B 175 41.88 -4.14 -71.38
C PRO B 175 41.88 -2.75 -70.75
N LYS B 176 40.92 -1.93 -71.10
CA LYS B 176 40.76 -0.66 -70.44
C LYS B 176 40.47 -0.87 -68.97
N PRO B 177 40.98 0.15 -68.15
CA PRO B 177 40.77 -0.06 -66.71
C PRO B 177 39.30 -0.14 -66.35
N GLY B 178 38.91 -1.04 -65.49
CA GLY B 178 37.50 -1.24 -65.28
C GLY B 178 36.85 -2.34 -66.10
N TRP B 179 37.58 -2.89 -67.08
CA TRP B 179 36.95 -3.78 -68.07
C TRP B 179 36.43 -4.99 -67.31
N ARG B 180 37.04 -5.31 -66.18
CA ARG B 180 36.65 -6.47 -65.38
C ARG B 180 35.50 -6.15 -64.43
N SER B 181 35.50 -4.95 -63.86
CA SER B 181 34.40 -4.56 -62.95
C SER B 181 34.55 -3.11 -62.66
N VAL B 182 33.41 -2.41 -62.66
CA VAL B 182 33.32 -1.06 -62.10
C VAL B 182 32.42 -1.15 -60.88
N ALA B 183 32.83 -0.52 -59.78
CA ALA B 183 32.11 -0.69 -58.51
C ALA B 183 32.36 0.44 -57.53
N THR B 184 31.43 0.57 -56.55
CA THR B 184 31.56 1.51 -55.42
C THR B 184 31.57 2.98 -55.84
N PRO B 185 30.49 3.45 -56.44
CA PRO B 185 30.26 4.78 -56.93
C PRO B 185 29.89 5.79 -55.89
N ASP B 186 30.20 7.06 -56.15
CA ASP B 186 29.52 8.16 -55.50
C ASP B 186 29.45 9.36 -56.43
N ILE B 187 28.53 10.27 -56.15
CA ILE B 187 28.03 11.24 -57.11
C ILE B 187 28.64 12.59 -56.71
N LEU B 188 28.84 13.47 -57.70
CA LEU B 188 29.25 14.83 -57.43
C LEU B 188 28.37 15.66 -58.36
N VAL B 189 27.70 16.65 -57.84
CA VAL B 189 27.09 17.67 -58.73
C VAL B 189 27.95 18.96 -58.76
N TRP B 190 28.43 19.38 -59.95
CA TRP B 190 29.45 20.44 -60.09
C TRP B 190 29.16 21.28 -61.33
N LYS B 191 28.78 22.53 -61.10
CA LYS B 191 28.61 23.46 -62.23
C LYS B 191 27.68 22.85 -63.29
N GLY B 192 26.53 22.36 -62.82
CA GLY B 192 25.45 21.87 -63.67
C GLY B 192 25.67 20.58 -64.44
N LYS B 193 26.73 19.84 -64.10
CA LYS B 193 26.94 18.52 -64.68
CA LYS B 193 27.05 18.52 -64.69
C LYS B 193 27.07 17.46 -63.55
N TYR B 194 26.99 16.19 -63.90
CA TYR B 194 26.94 15.15 -62.89
C TYR B 194 28.18 14.33 -63.05
N TYR B 195 28.83 13.91 -61.96
CA TYR B 195 30.06 13.12 -62.06
C TYR B 195 29.98 11.90 -61.17
N LEU B 196 30.39 10.74 -61.67
CA LEU B 196 30.40 9.56 -60.86
C LEU B 196 31.85 9.16 -60.69
N TYR B 197 32.31 8.87 -59.47
CA TYR B 197 33.66 8.39 -59.20
C TYR B 197 33.53 6.97 -58.77
N TYR B 198 34.41 6.04 -59.20
CA TYR B 198 34.17 4.63 -58.80
C TYR B 198 35.47 3.90 -58.97
N GLN B 199 35.59 2.73 -58.38
CA GLN B 199 36.78 1.94 -58.47
C GLN B 199 36.76 1.13 -59.79
N ALA B 200 37.94 0.99 -60.44
CA ALA B 200 38.05 0.26 -61.72
C ALA B 200 38.94 -0.98 -61.57
N PHE B 201 38.36 -2.17 -61.79
CA PHE B 201 39.08 -3.43 -61.62
C PHE B 201 39.53 -4.03 -62.94
N ASN B 202 40.65 -4.75 -62.91
CA ASN B 202 41.27 -5.30 -64.15
C ASN B 202 41.50 -6.77 -64.06
N GLU B 203 41.21 -7.33 -62.90
CA GLU B 203 41.40 -8.75 -62.69
C GLU B 203 40.42 -9.15 -61.60
N PRO B 204 40.09 -10.45 -61.53
CA PRO B 204 39.21 -10.91 -60.50
C PRO B 204 39.84 -10.58 -59.15
N SER B 205 39.06 -9.95 -58.27
CA SER B 205 39.51 -9.54 -56.93
C SER B 205 40.01 -10.71 -56.12
N GLY B 206 41.07 -10.49 -55.34
CA GLY B 206 41.77 -11.57 -54.63
C GLY B 206 42.93 -12.25 -55.37
N LEU B 207 43.38 -11.70 -56.50
CA LEU B 207 44.60 -12.21 -57.18
C LEU B 207 45.45 -11.07 -57.82
N ARG B 208 46.72 -10.91 -57.43
CA ARG B 208 47.29 -11.48 -56.22
C ARG B 208 46.85 -10.57 -55.08
N GLY B 209 47.25 -9.31 -55.17
CA GLY B 209 46.71 -8.23 -54.35
C GLY B 209 46.07 -7.25 -55.30
N ASP B 210 45.12 -6.46 -54.81
CA ASP B 210 44.34 -5.56 -55.69
C ASP B 210 45.15 -4.41 -56.30
N TRP B 211 44.49 -3.70 -57.21
CA TRP B 211 44.90 -2.40 -57.66
C TRP B 211 43.60 -1.99 -58.29
N CYS B 212 42.82 -1.14 -57.64
CA CYS B 212 41.63 -0.65 -58.28
C CYS B 212 41.47 0.84 -58.19
N PRO B 213 42.26 1.58 -58.97
CA PRO B 213 42.22 3.05 -58.90
C PRO B 213 40.88 3.59 -59.33
N VAL B 214 40.66 4.86 -59.04
CA VAL B 214 39.44 5.52 -59.21
C VAL B 214 39.30 6.14 -60.58
N SER B 215 38.18 5.84 -61.28
CA SER B 215 37.84 6.48 -62.57
C SER B 215 36.72 7.44 -62.33
N VAL B 216 36.47 8.33 -63.28
CA VAL B 216 35.36 9.27 -63.17
C VAL B 216 34.67 9.32 -64.52
N SER B 217 33.32 9.47 -64.55
CA SER B 217 32.57 9.69 -65.76
C SER B 217 31.64 10.84 -65.49
N TYR B 218 31.04 11.38 -66.54
CA TYR B 218 30.24 12.55 -66.36
C TYR B 218 29.09 12.59 -67.36
N ALA B 219 28.13 13.49 -67.11
CA ALA B 219 26.88 13.52 -67.85
C ALA B 219 26.25 14.85 -67.59
N ASP B 220 25.43 15.27 -68.53
CA ASP B 220 24.64 16.45 -68.43
C ASP B 220 23.33 16.22 -67.73
N SER B 221 22.97 14.95 -67.59
CA SER B 221 21.74 14.56 -66.99
C SER B 221 21.94 13.46 -65.97
N PRO B 222 21.14 13.43 -64.92
CA PRO B 222 21.17 12.38 -63.90
C PRO B 222 20.81 11.00 -64.46
N ASP B 223 19.96 11.01 -65.44
CA ASP B 223 19.79 9.91 -66.33
C ASP B 223 21.01 10.05 -67.17
N GLY B 224 21.28 9.11 -68.04
CA GLY B 224 22.50 9.18 -68.82
C GLY B 224 22.35 10.19 -69.96
N PRO B 225 23.13 10.10 -71.13
CA PRO B 225 24.24 9.13 -71.08
C PRO B 225 25.53 9.62 -70.42
N TRP B 226 26.34 8.69 -70.01
CA TRP B 226 27.57 9.00 -69.31
C TRP B 226 28.80 8.88 -70.20
N THR B 227 29.74 9.79 -70.04
CA THR B 227 30.93 9.78 -70.81
C THR B 227 32.13 9.57 -69.94
N HIS B 228 33.01 8.68 -70.31
CA HIS B 228 34.23 8.47 -69.57
C HIS B 228 35.05 9.72 -69.47
N GLY B 229 35.53 9.99 -68.29
CA GLY B 229 36.33 11.14 -68.02
C GLY B 229 37.80 10.94 -67.77
N GLY B 230 38.17 9.99 -66.96
CA GLY B 230 39.56 9.74 -66.68
C GLY B 230 39.74 8.47 -65.93
N ASP B 231 40.96 7.98 -65.81
CA ASP B 231 41.26 6.83 -65.00
C ASP B 231 42.32 7.21 -64.00
N SER B 232 42.39 6.51 -62.88
CA SER B 232 43.38 6.74 -61.81
C SER B 232 43.42 8.23 -61.46
N VAL B 233 42.28 8.84 -61.16
CA VAL B 233 42.27 10.28 -61.08
C VAL B 233 42.70 10.76 -59.72
N ILE B 234 42.81 9.86 -58.75
CA ILE B 234 43.42 10.18 -57.49
C ILE B 234 44.78 9.50 -57.43
N PRO B 235 45.85 10.29 -57.31
CA PRO B 235 47.21 9.73 -57.29
C PRO B 235 47.41 8.80 -56.10
N PHE B 236 48.12 7.70 -56.26
CA PHE B 236 48.49 6.90 -55.13
C PHE B 236 49.66 7.61 -54.40
N GLY B 237 50.16 7.04 -53.32
CA GLY B 237 51.33 7.66 -52.67
C GLY B 237 52.61 7.02 -53.17
N LYS B 238 53.74 7.75 -53.02
CA LYS B 238 55.10 7.23 -53.30
C LYS B 238 55.31 5.96 -52.44
N LYS B 239 56.16 5.01 -52.88
CA LYS B 239 56.43 3.77 -52.12
C LYS B 239 56.69 4.06 -50.63
N GLY B 240 56.15 3.21 -49.76
CA GLY B 240 56.23 3.43 -48.30
C GLY B 240 55.14 4.29 -47.64
N GLU B 241 54.54 5.26 -48.35
CA GLU B 241 53.39 6.03 -47.78
C GLU B 241 52.16 5.12 -47.46
N TRP B 242 51.33 5.57 -46.52
CA TRP B 242 50.13 4.83 -46.03
C TRP B 242 49.17 4.54 -47.22
N ASP B 243 49.39 5.40 -48.19
CA ASP B 243 48.58 5.74 -49.29
C ASP B 243 48.88 5.00 -50.59
N GLN B 244 49.85 4.10 -50.52
CA GLN B 244 50.64 3.81 -51.69
C GLN B 244 49.97 2.84 -52.63
N ASP B 245 48.95 2.13 -52.16
CA ASP B 245 48.30 1.06 -52.92
C ASP B 245 46.80 1.23 -53.18
N ALA B 246 46.22 2.36 -52.77
CA ALA B 246 44.76 2.39 -52.78
C ALA B 246 44.20 3.75 -52.54
N THR B 247 43.10 4.00 -53.19
CA THR B 247 42.22 5.07 -52.79
C THR B 247 40.80 4.49 -52.89
N HIS B 248 40.37 3.69 -51.91
CA HIS B 248 39.02 3.06 -51.93
C HIS B 248 37.95 4.05 -51.54
N ASP B 249 36.73 3.83 -52.04
CA ASP B 249 35.55 4.53 -51.58
C ASP B 249 35.57 6.02 -51.83
N PRO B 250 35.84 6.44 -53.06
CA PRO B 250 35.97 7.88 -53.22
C PRO B 250 34.64 8.54 -52.91
N GLN B 251 34.64 9.67 -52.21
CA GLN B 251 33.40 10.34 -51.90
C GLN B 251 33.62 11.84 -51.82
N PRO B 252 33.16 12.58 -52.83
CA PRO B 252 33.47 13.99 -52.81
C PRO B 252 32.32 14.81 -52.26
N ILE B 253 32.67 15.91 -51.59
CA ILE B 253 31.69 16.93 -51.26
C ILE B 253 32.25 18.27 -51.81
N VAL B 254 31.40 19.30 -51.84
CA VAL B 254 31.89 20.62 -52.13
C VAL B 254 32.08 21.39 -50.82
N TYR B 255 33.32 21.75 -50.54
CA TYR B 255 33.63 22.43 -49.29
C TYR B 255 34.64 23.57 -49.55
N LYS B 256 34.33 24.79 -49.10
CA LYS B 256 35.28 25.94 -49.26
C LYS B 256 35.55 26.18 -50.73
N GLY B 257 34.50 26.05 -51.55
CA GLY B 257 34.55 26.31 -52.99
C GLY B 257 35.32 25.31 -53.82
N LYS B 258 35.82 24.24 -53.19
CA LYS B 258 36.57 23.23 -53.93
C LYS B 258 35.96 21.80 -53.78
N ILE B 259 36.34 20.91 -54.69
CA ILE B 259 35.91 19.55 -54.57
C ILE B 259 36.75 18.86 -53.52
N HIS B 260 36.14 18.47 -52.40
CA HIS B 260 36.86 17.70 -51.35
C HIS B 260 36.48 16.24 -51.42
N LEU B 261 37.46 15.40 -51.75
CA LEU B 261 37.17 14.01 -51.98
C LEU B 261 37.83 13.13 -50.93
N TYR B 262 37.01 12.48 -50.08
CA TYR B 262 37.57 11.55 -49.14
C TYR B 262 37.75 10.14 -49.67
N TYR B 263 38.70 9.40 -49.14
CA TYR B 263 38.95 8.06 -49.64
C TYR B 263 39.67 7.31 -48.58
N LYS B 264 39.87 6.02 -48.79
CA LYS B 264 40.45 5.20 -47.76
C LYS B 264 41.57 4.27 -48.23
N ALA B 265 42.47 3.92 -47.31
CA ALA B 265 43.59 3.00 -47.61
C ALA B 265 44.06 2.28 -46.35
N ALA B 266 44.14 0.97 -46.45
CA ALA B 266 44.72 0.15 -45.38
C ALA B 266 46.23 0.29 -45.39
N TYR B 267 46.88 0.27 -44.23
CA TYR B 267 48.35 0.39 -44.16
C TYR B 267 49.07 -0.18 -42.90
N ASN B 268 50.40 -0.33 -43.03
CA ASN B 268 51.39 -0.81 -42.02
C ASN B 268 51.88 -2.24 -42.25
N LYS B 276 49.40 -6.63 -38.58
CA LYS B 276 48.73 -5.49 -37.94
C LYS B 276 48.51 -4.25 -38.86
N TYR B 277 47.56 -4.38 -39.80
CA TYR B 277 47.13 -3.29 -40.67
C TYR B 277 46.12 -2.39 -39.93
N ALA B 278 46.24 -1.06 -40.14
CA ALA B 278 45.22 -0.07 -39.77
C ALA B 278 44.54 0.51 -41.05
N VAL B 279 43.48 1.31 -40.88
CA VAL B 279 42.76 1.91 -42.01
C VAL B 279 42.74 3.45 -41.93
N GLY B 280 43.38 4.11 -42.91
CA GLY B 280 43.40 5.57 -42.93
C GLY B 280 42.33 6.14 -43.84
N HIS B 281 41.99 7.39 -43.60
CA HIS B 281 41.20 8.17 -44.50
C HIS B 281 41.91 9.42 -44.87
N GLY B 282 41.89 9.71 -46.17
CA GLY B 282 42.59 10.86 -46.72
C GLY B 282 41.69 11.82 -47.47
N LEU B 283 42.22 13.01 -47.67
CA LEU B 283 41.50 14.00 -48.44
C LEU B 283 42.31 14.36 -49.66
N ALA B 284 41.60 14.54 -50.77
CA ALA B 284 42.22 14.92 -52.02
C ALA B 284 41.36 16.01 -52.57
N ILE B 285 42.01 17.09 -53.00
CA ILE B 285 41.32 18.33 -53.41
C ILE B 285 41.60 18.69 -54.87
N ALA B 286 40.60 19.26 -55.54
CA ALA B 286 40.71 19.70 -56.93
C ALA B 286 39.78 20.87 -57.16
N ASP B 287 40.02 21.59 -58.25
CA ASP B 287 39.14 22.65 -58.75
C ASP B 287 38.44 22.13 -59.99
N ASP B 288 38.87 20.97 -60.42
CA ASP B 288 38.35 20.36 -61.62
C ASP B 288 37.93 18.88 -61.34
N PRO B 289 36.67 18.51 -61.64
CA PRO B 289 36.28 17.12 -61.31
C PRO B 289 37.16 16.07 -61.99
N LEU B 290 37.78 16.44 -63.12
CA LEU B 290 38.67 15.52 -63.78
C LEU B 290 40.10 15.59 -63.23
N GLY B 291 40.34 16.49 -62.26
CA GLY B 291 41.65 16.61 -61.64
C GLY B 291 42.44 17.76 -62.27
N PRO B 292 43.71 17.94 -61.87
CA PRO B 292 44.38 17.04 -60.92
C PRO B 292 43.88 17.19 -59.50
N PHE B 293 44.05 16.12 -58.72
CA PHE B 293 43.66 16.11 -57.32
C PHE B 293 44.94 16.18 -56.48
N GLU B 294 44.98 17.05 -55.49
CA GLU B 294 46.15 17.00 -54.62
C GLU B 294 45.87 16.62 -53.17
N LYS B 295 46.72 15.74 -52.68
CA LYS B 295 46.61 15.19 -51.37
C LYS B 295 46.77 16.29 -50.34
N HIS B 296 46.03 16.17 -49.24
CA HIS B 296 46.14 17.10 -48.15
C HIS B 296 47.34 16.73 -47.31
N PRO B 297 48.13 17.75 -46.90
CA PRO B 297 49.38 17.51 -46.16
C PRO B 297 49.16 16.81 -44.82
N LEU B 298 48.00 16.99 -44.18
CA LEU B 298 47.70 16.18 -42.95
C LEU B 298 47.24 14.69 -43.17
N ASN B 299 47.08 14.22 -44.41
CA ASN B 299 46.61 12.82 -44.59
C ASN B 299 47.51 11.86 -43.85
N PRO B 300 46.95 10.78 -43.25
CA PRO B 300 45.55 10.42 -43.15
C PRO B 300 44.86 11.27 -42.11
N VAL B 301 43.84 11.96 -42.57
CA VAL B 301 42.95 12.77 -41.77
C VAL B 301 42.29 11.95 -40.64
N MET B 302 42.11 10.64 -40.82
CA MET B 302 41.64 9.75 -39.76
C MET B 302 42.42 8.46 -39.80
N THR B 303 42.57 7.85 -38.63
CA THR B 303 43.52 6.78 -38.44
C THR B 303 42.75 5.55 -38.03
N SER B 304 41.46 5.77 -37.85
CA SER B 304 40.59 4.78 -37.31
C SER B 304 39.31 4.76 -38.15
N GLY B 305 38.79 3.57 -38.36
CA GLY B 305 37.50 3.42 -39.00
C GLY B 305 37.63 2.73 -40.32
N HIS B 306 37.09 1.52 -40.40
CA HIS B 306 37.05 0.73 -41.64
C HIS B 306 36.24 1.43 -42.72
N GLU B 307 35.19 2.16 -42.36
CA GLU B 307 34.53 3.05 -43.34
C GLU B 307 33.96 4.24 -42.69
N THR B 308 33.68 5.23 -43.54
CA THR B 308 33.28 6.56 -43.09
C THR B 308 32.41 7.14 -44.20
N THR B 309 31.55 8.07 -43.84
CA THR B 309 30.71 8.72 -44.84
C THR B 309 30.67 10.15 -44.37
N TYR B 310 30.55 11.13 -45.27
CA TYR B 310 30.80 12.52 -44.88
C TYR B 310 29.72 13.41 -45.36
N PHE B 311 29.38 14.43 -44.57
CA PHE B 311 28.41 15.38 -45.06
C PHE B 311 28.71 16.72 -44.44
N PRO B 312 28.41 17.80 -45.18
CA PRO B 312 28.62 19.14 -44.62
C PRO B 312 27.78 19.36 -43.38
N PHE B 313 28.38 19.98 -42.36
CA PHE B 313 27.65 20.19 -41.14
C PHE B 313 28.13 21.48 -40.44
N LYS B 314 27.20 22.41 -40.24
CA LYS B 314 27.54 23.76 -39.83
C LYS B 314 28.57 24.24 -40.84
N GLU B 315 29.73 24.73 -40.39
CA GLU B 315 30.76 25.11 -41.37
C GLU B 315 31.84 24.08 -41.55
N GLY B 316 31.69 22.95 -40.87
CA GLY B 316 32.61 21.83 -40.99
C GLY B 316 32.00 20.69 -41.81
N VAL B 317 32.48 19.50 -41.46
CA VAL B 317 32.16 18.25 -42.10
C VAL B 317 31.96 17.27 -40.96
N ALA B 318 30.82 16.55 -40.97
CA ALA B 318 30.54 15.44 -40.03
C ALA B 318 30.74 14.09 -40.77
N THR B 319 31.07 13.05 -40.01
CA THR B 319 31.21 11.72 -40.52
C THR B 319 30.57 10.75 -39.58
N LEU B 320 30.09 9.63 -40.14
CA LEU B 320 29.84 8.43 -39.35
C LEU B 320 31.01 7.54 -39.61
N ALA B 321 31.70 7.08 -38.56
CA ALA B 321 32.78 6.11 -38.70
C ALA B 321 32.48 4.73 -38.08
N ILE B 322 32.74 3.65 -38.84
CA ILE B 322 32.46 2.23 -38.47
C ILE B 322 33.76 1.42 -38.36
N LYS B 323 33.95 0.70 -37.25
CA LYS B 323 34.94 -0.38 -37.27
C LYS B 323 34.19 -1.75 -37.45
N ASP B 324 34.49 -2.45 -38.56
CA ASP B 324 33.77 -3.69 -39.01
C ASP B 324 33.63 -4.81 -37.94
N GLY B 325 32.40 -5.17 -37.60
CA GLY B 325 32.17 -6.30 -36.69
C GLY B 325 32.00 -5.95 -35.22
N ASN B 326 32.64 -4.87 -34.76
CA ASN B 326 32.31 -4.41 -33.41
C ASN B 326 31.23 -3.31 -33.40
N GLU B 327 30.67 -3.09 -32.21
CA GLU B 327 29.52 -2.20 -32.00
C GLU B 327 29.94 -0.76 -31.55
N ARG B 328 31.21 -0.43 -31.83
CA ARG B 328 31.78 0.94 -31.67
C ARG B 328 31.61 1.73 -32.96
N TYR B 329 30.60 2.59 -32.94
CA TYR B 329 30.42 3.43 -34.07
C TYR B 329 30.42 4.82 -33.50
N THR B 330 30.94 5.80 -34.25
CA THR B 330 31.03 7.19 -33.73
C THR B 330 30.68 8.17 -34.79
N MET B 331 30.02 9.26 -34.40
CA MET B 331 29.95 10.45 -35.24
C MET B 331 31.16 11.32 -34.86
N GLN B 332 31.77 11.91 -35.88
CA GLN B 332 32.91 12.76 -35.65
C GLN B 332 32.65 14.03 -36.41
N TYR B 333 33.42 15.08 -36.10
CA TYR B 333 33.14 16.39 -36.64
C TYR B 333 34.47 17.15 -36.77
N ALA B 334 34.68 17.77 -37.93
CA ALA B 334 35.85 18.61 -38.16
C ALA B 334 35.36 19.98 -38.57
N LYS B 335 35.73 20.98 -37.76
CA LYS B 335 35.42 22.40 -38.02
C LYS B 335 36.03 22.83 -39.36
N ASP B 336 37.14 22.20 -39.73
CA ASP B 336 37.83 22.59 -40.95
C ASP B 336 37.75 21.50 -42.04
N GLY B 337 36.98 20.44 -41.78
CA GLY B 337 36.85 19.36 -42.77
C GLY B 337 38.04 18.44 -42.68
N VAL B 338 38.95 18.77 -41.76
CA VAL B 338 40.20 18.08 -41.67
C VAL B 338 40.52 17.50 -40.30
N ASN B 339 40.38 18.29 -39.22
CA ASN B 339 40.72 17.75 -37.88
C ASN B 339 39.48 17.19 -37.23
N PHE B 340 39.42 15.87 -37.06
CA PHE B 340 38.17 15.24 -36.59
C PHE B 340 38.24 14.89 -35.13
N GLU B 341 37.13 15.15 -34.46
CA GLU B 341 37.02 14.84 -33.03
C GLU B 341 35.70 14.13 -32.85
N ILE B 342 35.66 13.13 -31.98
CA ILE B 342 34.43 12.40 -31.66
C ILE B 342 33.33 13.36 -31.17
N ALA B 343 32.12 13.24 -31.71
CA ALA B 343 30.98 13.99 -31.21
C ALA B 343 30.03 13.07 -30.48
N SER B 344 29.88 11.81 -30.92
CA SER B 344 28.97 10.85 -30.27
C SER B 344 29.36 9.42 -30.51
N VAL B 345 28.80 8.52 -29.70
CA VAL B 345 28.99 7.08 -29.83
C VAL B 345 27.61 6.62 -30.23
N VAL B 346 27.47 5.86 -31.34
CA VAL B 346 26.11 5.43 -31.77
C VAL B 346 26.14 3.91 -31.87
N SER B 347 25.00 3.30 -32.08
CA SER B 347 25.00 1.83 -32.28
C SER B 347 24.16 1.36 -33.48
N LEU B 348 24.32 0.09 -33.88
CA LEU B 348 23.60 -0.46 -35.04
C LEU B 348 23.55 0.57 -36.20
N ALA B 349 24.72 1.06 -36.61
CA ALA B 349 24.83 2.13 -37.58
C ALA B 349 24.85 1.52 -38.98
N PRO B 350 24.49 2.28 -40.01
CA PRO B 350 24.44 1.59 -41.32
C PRO B 350 25.84 1.29 -41.91
N THR B 351 25.97 0.18 -42.64
CA THR B 351 27.16 -0.12 -43.41
C THR B 351 27.07 0.52 -44.81
N ALA B 352 28.18 1.05 -45.32
CA ALA B 352 28.21 1.77 -46.59
C ALA B 352 27.15 2.87 -46.56
N ALA B 353 27.05 3.53 -45.43
CA ALA B 353 25.96 4.56 -45.31
C ALA B 353 26.07 5.63 -46.35
N ALA B 354 24.93 6.04 -46.89
CA ALA B 354 24.90 7.02 -47.97
C ALA B 354 23.78 8.01 -47.70
N PRO B 355 24.02 8.99 -46.80
CA PRO B 355 23.00 9.92 -46.34
C PRO B 355 22.57 10.79 -47.50
N PHE B 356 21.31 11.15 -47.56
CA PHE B 356 20.97 12.25 -48.46
C PHE B 356 21.26 13.59 -47.77
N ALA B 357 21.94 14.52 -48.44
CA ALA B 357 22.08 15.90 -47.92
C ALA B 357 21.85 16.86 -49.03
N ALA B 358 20.78 17.65 -48.93
CA ALA B 358 20.49 18.65 -49.96
C ALA B 358 21.72 19.50 -50.28
N ASP B 359 22.56 19.72 -49.28
CA ASP B 359 23.66 20.69 -49.37
C ASP B 359 25.04 20.07 -49.45
N ALA B 360 25.07 18.80 -49.87
CA ALA B 360 26.33 18.11 -50.12
C ALA B 360 27.23 18.89 -51.13
N PHE B 361 26.63 19.48 -52.16
CA PHE B 361 27.40 20.10 -53.26
C PHE B 361 27.17 21.63 -53.43
N THR B 362 26.59 22.22 -52.41
CA THR B 362 26.03 23.53 -52.41
C THR B 362 26.99 24.67 -51.95
N ASP B 363 28.08 24.30 -51.27
CA ASP B 363 29.05 25.24 -50.69
C ASP B 363 28.42 26.27 -49.72
N SER B 364 27.58 25.78 -48.82
CA SER B 364 26.84 26.59 -47.88
C SER B 364 27.71 27.30 -46.89
N GLY B 365 28.68 26.59 -46.33
CA GLY B 365 29.29 27.01 -45.09
C GLY B 365 28.32 26.80 -43.94
N ASN B 366 27.16 26.25 -44.24
CA ASN B 366 26.08 26.05 -43.26
C ASN B 366 25.32 24.69 -43.40
N GLY B 367 26.02 23.60 -43.08
CA GLY B 367 25.51 22.25 -43.27
C GLY B 367 24.44 21.89 -42.27
N ARG B 368 23.30 21.47 -42.80
CA ARG B 368 22.13 21.17 -41.98
C ARG B 368 22.03 19.76 -41.41
N GLY B 369 22.81 18.82 -41.98
CA GLY B 369 22.84 17.42 -41.47
C GLY B 369 21.75 16.63 -42.16
N VAL B 370 21.44 15.44 -41.65
CA VAL B 370 20.68 14.45 -42.42
C VAL B 370 19.67 13.66 -41.58
N THR B 371 18.67 13.07 -42.28
CA THR B 371 17.65 12.24 -41.65
C THR B 371 17.40 10.90 -42.32
N TRP B 372 17.89 10.72 -43.55
CA TRP B 372 17.71 9.41 -44.21
C TRP B 372 18.75 9.21 -45.27
N GLY B 373 18.91 7.97 -45.73
CA GLY B 373 19.71 7.65 -46.91
C GLY B 373 19.70 6.14 -47.11
N LEU B 374 20.72 5.62 -47.78
CA LEU B 374 20.76 4.26 -48.17
C LEU B 374 21.97 3.62 -47.57
N CYS B 375 22.00 2.31 -47.59
CA CYS B 375 23.07 1.57 -46.97
C CYS B 375 23.02 0.19 -47.59
N HIS B 376 23.82 -0.73 -47.12
CA HIS B 376 23.74 -2.07 -47.69
C HIS B 376 23.93 -3.15 -46.68
N PHE B 377 23.60 -4.39 -47.07
CA PHE B 377 23.99 -5.54 -46.22
C PHE B 377 24.65 -6.55 -47.10
N THR B 378 25.82 -7.02 -46.72
CA THR B 378 26.57 -7.93 -47.54
C THR B 378 26.31 -9.34 -47.16
N ASN B 379 25.60 -9.56 -46.06
CA ASN B 379 25.32 -10.91 -45.61
C ASN B 379 23.84 -11.23 -45.80
N ALA B 380 23.31 -10.86 -46.98
CA ALA B 380 21.91 -11.09 -47.30
C ALA B 380 21.62 -12.59 -47.31
N SER B 381 22.50 -13.39 -47.88
CA SER B 381 22.24 -14.84 -47.97
C SER B 381 22.61 -15.63 -46.71
N ASN B 382 21.89 -16.71 -46.43
CA ASN B 382 22.30 -17.60 -45.33
C ASN B 382 23.51 -18.43 -45.69
N ASN B 383 23.61 -18.75 -46.97
CA ASN B 383 24.58 -19.67 -47.47
C ASN B 383 25.67 -18.88 -48.12
N PRO B 384 26.87 -18.95 -47.52
CA PRO B 384 28.06 -18.20 -47.90
C PRO B 384 28.59 -18.62 -49.25
N LYS B 385 28.18 -19.81 -49.73
CA LYS B 385 28.52 -20.18 -51.11
C LYS B 385 27.52 -19.56 -52.10
N LYS B 386 26.47 -18.91 -51.61
CA LYS B 386 25.53 -18.19 -52.50
C LYS B 386 25.44 -16.73 -52.09
N GLY B 387 26.59 -16.07 -51.88
CA GLY B 387 26.58 -14.73 -51.28
C GLY B 387 26.04 -13.66 -52.19
N TYR B 388 25.32 -12.64 -51.63
CA TYR B 388 24.98 -11.42 -52.36
C TYR B 388 24.72 -10.30 -51.39
N SER B 389 24.53 -9.09 -51.89
CA SER B 389 24.18 -8.00 -51.03
C SER B 389 22.92 -7.36 -51.51
N ILE B 390 22.28 -6.67 -50.58
CA ILE B 390 21.14 -5.83 -50.90
C ILE B 390 21.36 -4.40 -50.41
N ILE B 391 20.67 -3.50 -51.09
CA ILE B 391 20.61 -2.13 -50.62
CA ILE B 391 20.58 -2.12 -50.67
C ILE B 391 19.33 -1.91 -49.83
N ALA B 392 19.43 -1.00 -48.84
CA ALA B 392 18.39 -0.76 -47.88
C ALA B 392 18.36 0.72 -47.54
N ARG B 393 17.31 1.14 -46.83
CA ARG B 393 17.15 2.52 -46.40
C ARG B 393 17.30 2.62 -44.89
N PHE B 394 17.88 3.73 -44.42
CA PHE B 394 17.91 4.05 -43.00
C PHE B 394 17.30 5.42 -42.78
N ASP B 395 16.77 5.65 -41.58
CA ASP B 395 16.33 6.96 -41.18
C ASP B 395 17.01 7.26 -39.86
N CYS B 396 17.20 8.54 -39.60
CA CYS B 396 17.89 8.93 -38.36
C CYS B 396 17.48 10.37 -38.10
N ASP B 397 18.06 10.95 -37.04
CA ASP B 397 17.95 12.39 -36.83
C ASP B 397 19.34 12.96 -36.53
N LEU B 398 20.05 13.33 -37.57
CA LEU B 398 21.39 13.89 -37.43
C LEU B 398 21.26 15.25 -38.10
N SER B 399 20.15 15.91 -37.85
CA SER B 399 19.80 17.11 -38.59
C SER B 399 19.55 18.28 -37.63
N LEU B 400 19.98 19.46 -38.07
CA LEU B 400 19.75 20.68 -37.27
C LEU B 400 18.35 21.20 -37.47
N ASP B 401 17.70 20.82 -38.57
CA ASP B 401 16.37 21.30 -38.81
C ASP B 401 15.28 20.36 -38.32
N VAL B 402 15.65 19.34 -37.54
CA VAL B 402 14.66 18.37 -37.06
C VAL B 402 15.13 17.94 -35.70
N ASP B 403 14.19 17.91 -34.75
CA ASP B 403 14.39 17.26 -33.45
C ASP B 403 13.32 16.18 -33.22
N ASP B 404 13.68 14.92 -33.40
CA ASP B 404 12.71 13.83 -33.37
C ASP B 404 13.13 12.90 -32.31
N PRO B 405 12.43 12.96 -31.17
CA PRO B 405 12.79 12.15 -30.03
C PRO B 405 12.68 10.65 -30.31
N PHE B 406 11.91 10.23 -31.31
CA PHE B 406 11.90 8.78 -31.65
C PHE B 406 13.32 8.23 -31.95
N TYR B 407 14.21 9.12 -32.38
CA TYR B 407 15.59 8.75 -32.78
C TYR B 407 16.61 9.05 -31.71
N LYS B 408 16.13 9.41 -30.52
CA LYS B 408 17.01 9.98 -29.51
C LYS B 408 17.10 9.16 -28.23
N ASN B 409 16.44 8.01 -28.23
CA ASN B 409 16.59 7.02 -27.15
C ASN B 409 17.97 6.48 -27.13
N THR B 410 18.35 5.91 -26.02
CA THR B 410 19.76 5.64 -25.83
C THR B 410 19.94 4.12 -25.74
N GLY B 411 18.83 3.40 -25.62
CA GLY B 411 18.85 1.94 -25.55
C GLY B 411 18.44 1.21 -26.82
N VAL B 412 18.95 0.00 -26.98
CA VAL B 412 18.63 -0.89 -28.10
C VAL B 412 18.04 -2.22 -27.55
N TRP B 413 16.89 -2.65 -28.07
CA TRP B 413 16.32 -3.94 -27.64
C TRP B 413 16.13 -4.89 -28.81
N HIS B 414 16.71 -6.07 -28.72
CA HIS B 414 16.60 -7.07 -29.76
C HIS B 414 15.62 -8.17 -29.30
N ARG B 415 14.85 -8.69 -30.24
CA ARG B 415 13.98 -9.81 -29.96
C ARG B 415 14.77 -11.09 -29.81
N PRO B 416 14.19 -12.11 -29.15
CA PRO B 416 14.94 -13.36 -28.98
C PRO B 416 15.57 -13.98 -30.21
N GLU B 417 14.86 -13.99 -31.35
CA GLU B 417 15.43 -14.53 -32.65
C GLU B 417 16.85 -13.98 -32.93
N VAL B 418 17.10 -12.71 -32.63
CA VAL B 418 18.46 -12.15 -32.86
C VAL B 418 19.46 -12.92 -32.06
N TYR B 419 19.09 -13.29 -30.83
CA TYR B 419 20.02 -14.04 -30.02
C TYR B 419 20.18 -15.44 -30.51
N PHE B 420 19.09 -16.12 -30.85
CA PHE B 420 19.19 -17.50 -31.35
C PHE B 420 19.95 -17.60 -32.70
N ALA B 421 20.02 -16.47 -33.43
CA ALA B 421 20.89 -16.41 -34.64
C ALA B 421 22.37 -16.44 -34.33
N GLN B 422 22.77 -16.01 -33.12
CA GLN B 422 24.13 -16.32 -32.63
C GLN B 422 24.23 -17.74 -32.01
N ALA B 423 24.41 -18.73 -32.87
CA ALA B 423 24.34 -20.12 -32.44
C ALA B 423 25.70 -20.68 -32.04
N PRO B 424 25.73 -21.67 -31.14
CA PRO B 424 26.92 -22.38 -30.74
C PRO B 424 27.42 -23.27 -31.90
N ARG B 425 28.55 -23.96 -31.74
CA ARG B 425 29.04 -24.86 -32.82
C ARG B 425 28.45 -26.27 -32.76
N ASP C 76 -32.47 -13.34 38.83
CA ASP C 76 -31.07 -13.75 39.15
C ASP C 76 -30.51 -14.81 38.18
N ASN C 77 -29.79 -14.24 37.21
CA ASN C 77 -29.32 -14.85 36.01
C ASN C 77 -27.80 -14.95 36.19
N GLU C 78 -27.28 -16.17 36.14
CA GLU C 78 -25.89 -16.36 36.48
C GLU C 78 -24.90 -15.59 35.54
N LEU C 79 -25.36 -15.24 34.33
CA LEU C 79 -24.59 -14.46 33.40
C LEU C 79 -25.01 -13.02 33.40
N PHE C 80 -25.59 -12.57 34.52
CA PHE C 80 -25.84 -11.16 34.63
C PHE C 80 -25.02 -10.63 35.77
N SER C 81 -24.40 -9.46 35.58
CA SER C 81 -23.52 -8.87 36.57
C SER C 81 -23.33 -7.43 36.27
N GLN C 82 -22.99 -6.67 37.29
CA GLN C 82 -22.50 -5.33 37.10
C GLN C 82 -20.98 -5.42 37.10
N PHE C 83 -20.33 -4.33 36.67
CA PHE C 83 -18.84 -4.28 36.66
C PHE C 83 -18.33 -3.17 37.51
N LYS C 84 -17.35 -3.49 38.32
CA LYS C 84 -16.71 -2.48 39.13
C LYS C 84 -15.21 -2.41 38.78
N TYR C 85 -14.68 -1.20 38.83
CA TYR C 85 -13.36 -0.88 38.36
C TYR C 85 -12.34 -0.39 39.40
N THR C 86 -11.09 -0.77 39.20
CA THR C 86 -10.02 -0.43 40.11
C THR C 86 -8.79 0.00 39.28
N ARG C 87 -8.22 1.15 39.65
CA ARG C 87 -6.98 1.65 39.04
CA ARG C 87 -6.96 1.66 39.06
C ARG C 87 -5.85 0.70 39.39
N LEU C 88 -5.04 0.33 38.40
CA LEU C 88 -3.88 -0.55 38.64
C LEU C 88 -2.73 0.24 39.27
N LYS C 89 -1.90 -0.44 40.03
CA LYS C 89 -0.71 0.16 40.51
C LYS C 89 0.47 -0.47 39.82
N GLY C 90 1.45 0.35 39.45
CA GLY C 90 2.69 -0.25 38.95
C GLY C 90 3.12 0.25 37.60
N PHE C 91 2.19 0.92 36.91
CA PHE C 91 2.42 1.32 35.53
C PHE C 91 2.55 2.84 35.43
N ASP C 92 3.64 3.32 34.89
CA ASP C 92 3.83 4.72 34.65
C ASP C 92 3.55 5.16 33.21
N TYR C 93 3.06 6.37 33.02
CA TYR C 93 2.74 6.81 31.66
C TYR C 93 3.30 8.19 31.34
N ASN C 94 4.46 8.46 31.93
CA ASN C 94 5.10 9.77 31.72
C ASN C 94 4.12 10.89 32.04
N ASN C 95 3.31 10.70 33.10
CA ASN C 95 2.37 11.74 33.54
C ASN C 95 1.24 11.97 32.51
N GLY C 96 1.02 10.99 31.63
CA GLY C 96 -0.12 11.11 30.72
C GLY C 96 0.18 12.09 29.63
N ASP C 97 1.43 12.16 29.19
CA ASP C 97 1.70 13.12 28.15
C ASP C 97 1.50 12.54 26.72
N GLY C 98 1.04 11.28 26.59
CA GLY C 98 0.81 10.65 25.27
C GLY C 98 1.98 9.87 24.72
N THR C 99 3.16 9.94 25.35
CA THR C 99 4.27 9.23 24.79
C THR C 99 4.26 7.76 25.19
N ILE C 100 3.52 7.43 26.27
CA ILE C 100 3.48 6.06 26.75
C ILE C 100 2.07 5.52 26.80
N SER C 101 1.88 4.30 26.28
CA SER C 101 0.54 3.75 26.23
C SER C 101 0.52 2.23 26.46
N ARG C 102 -0.52 1.71 27.10
CA ARG C 102 -0.60 0.26 27.34
C ARG C 102 -2.03 -0.12 27.09
N ARG C 103 -2.27 -1.20 26.37
CA ARG C 103 -3.65 -1.54 25.98
C ARG C 103 -3.83 -3.00 25.56
N ASP C 104 -5.06 -3.39 25.27
CA ASP C 104 -5.41 -4.77 24.86
C ASP C 104 -4.66 -5.85 25.67
N PRO C 105 -4.82 -5.80 27.00
CA PRO C 105 -4.09 -6.82 27.77
C PRO C 105 -4.71 -8.20 27.50
N SER C 106 -3.88 -9.23 27.68
CA SER C 106 -4.27 -10.66 27.62
C SER C 106 -5.02 -11.00 28.91
N ARG C 107 -5.88 -12.04 28.83
CA ARG C 107 -6.52 -12.56 29.99
C ARG C 107 -5.36 -13.01 30.92
N PRO C 108 -5.43 -12.73 32.21
CA PRO C 108 -4.34 -13.23 33.08
C PRO C 108 -4.24 -14.76 33.19
N ILE C 109 -3.03 -15.27 33.43
CA ILE C 109 -2.82 -16.66 33.86
C ILE C 109 -2.04 -16.70 35.17
N LEU C 110 -2.30 -17.75 35.95
CA LEU C 110 -1.68 -17.92 37.25
C LEU C 110 -0.64 -18.99 37.11
N VAL C 111 0.62 -18.66 37.30
CA VAL C 111 1.71 -19.64 37.22
C VAL C 111 2.60 -19.39 38.42
N ASN C 112 2.96 -20.46 39.15
CA ASN C 112 3.80 -20.40 40.38
C ASN C 112 3.38 -19.28 41.35
N GLY C 113 2.12 -19.23 41.73
CA GLY C 113 1.62 -18.14 42.60
C GLY C 113 1.64 -16.67 42.15
N LYS C 114 1.93 -16.38 40.87
CA LYS C 114 1.82 -15.02 40.31
C LYS C 114 0.92 -15.01 39.10
N TYR C 115 0.17 -13.94 38.94
CA TYR C 115 -0.52 -13.67 37.66
C TYR C 115 0.39 -13.01 36.68
N TYR C 116 0.23 -13.41 35.40
CA TYR C 116 1.01 -12.86 34.29
C TYR C 116 0.05 -12.27 33.24
N ILE C 117 0.31 -11.06 32.75
CA ILE C 117 -0.44 -10.52 31.65
C ILE C 117 0.55 -10.00 30.63
N TYR C 118 0.09 -9.90 29.37
CA TYR C 118 0.89 -9.41 28.28
C TYR C 118 0.07 -8.28 27.62
N TYR C 119 0.70 -7.29 27.02
CA TYR C 119 -0.15 -6.20 26.49
C TYR C 119 0.65 -5.41 25.54
N THR C 120 -0.03 -4.66 24.71
CA THR C 120 0.62 -3.74 23.76
C THR C 120 1.22 -2.62 24.57
N LYS C 121 2.48 -2.30 24.35
CA LYS C 121 3.03 -1.13 24.98
C LYS C 121 3.69 -0.25 23.96
N ARG C 122 3.32 1.03 24.00
CA ARG C 122 3.96 2.03 23.19
C ARG C 122 4.83 2.94 24.06
N ASP C 123 6.01 3.26 23.57
CA ASP C 123 6.89 4.19 24.28
C ASP C 123 7.72 4.98 23.26
N THR C 124 7.22 6.14 22.95
CA THR C 124 7.59 6.81 21.72
C THR C 124 8.03 8.29 22.03
N LYS C 125 8.78 8.92 21.12
CA LYS C 125 9.29 10.26 21.42
C LYS C 125 8.19 11.29 21.46
N VAL C 126 7.08 11.00 20.79
CA VAL C 126 6.07 11.99 20.59
C VAL C 126 4.75 11.18 20.57
N PRO C 127 3.60 11.76 20.97
CA PRO C 127 2.32 11.03 20.82
C PRO C 127 1.90 10.73 19.35
N PRO C 128 0.88 9.88 19.11
CA PRO C 128 0.44 9.62 17.73
C PRO C 128 -0.08 10.90 17.03
N ILE C 129 0.31 11.12 15.77
CA ILE C 129 -0.25 12.19 14.97
C ILE C 129 -1.57 11.88 14.30
N GLY C 130 -2.01 10.65 14.37
CA GLY C 130 -3.31 10.30 13.87
C GLY C 130 -3.28 9.52 12.59
N TRP C 131 -4.31 8.71 12.38
CA TRP C 131 -4.40 7.83 11.23
C TRP C 131 -4.43 8.65 9.97
N ASN C 132 -5.12 9.75 10.08
CA ASN C 132 -5.34 10.72 9.05
C ASN C 132 -4.04 11.29 8.56
N ARG C 133 -3.02 11.26 9.38
CA ARG C 133 -1.74 11.79 9.01
C ARG C 133 -0.64 10.75 8.89
N ALA C 134 -1.02 9.53 8.57
CA ALA C 134 -0.13 8.40 8.60
C ALA C 134 1.05 8.59 7.68
N LYS C 135 0.84 9.37 6.64
CA LYS C 135 1.91 9.73 5.69
C LYS C 135 3.12 10.42 6.37
N GLU C 136 2.85 11.20 7.43
CA GLU C 136 3.91 11.88 8.21
C GLU C 136 4.60 11.05 9.30
N ALA C 137 4.14 9.81 9.51
CA ALA C 137 4.73 8.91 10.50
C ALA C 137 6.13 8.56 10.06
N THR C 138 7.03 8.35 11.01
CA THR C 138 8.43 8.00 10.72
C THR C 138 8.85 6.87 11.65
N ASP C 139 10.13 6.57 11.67
CA ASP C 139 10.67 5.57 12.56
C ASP C 139 10.43 5.91 14.03
N GLU C 140 10.32 7.21 14.33
CA GLU C 140 10.16 7.67 15.70
C GLU C 140 8.74 8.15 15.98
N ILE C 141 8.00 8.54 14.95
CA ILE C 141 6.72 9.18 15.18
C ILE C 141 5.62 8.20 14.81
N PRO C 142 4.71 7.92 15.76
CA PRO C 142 3.70 6.90 15.46
C PRO C 142 2.48 7.51 14.83
N SER C 143 1.81 6.76 13.96
CA SER C 143 0.53 7.22 13.44
C SER C 143 -0.63 7.02 14.38
N THR C 144 -0.79 5.80 14.92
CA THR C 144 -1.89 5.57 15.88
C THR C 144 -1.31 5.16 17.24
N ASP C 145 -2.20 4.94 18.16
CA ASP C 145 -1.89 4.57 19.52
C ASP C 145 -1.19 3.19 19.54
N TRP C 146 -1.53 2.31 18.57
CA TRP C 146 -0.92 0.98 18.52
C TRP C 146 0.19 0.83 17.49
N ASP C 147 0.73 1.94 17.00
CA ASP C 147 1.86 1.90 16.04
C ASP C 147 3.18 1.93 16.81
N LEU C 148 4.25 1.34 16.30
CA LEU C 148 5.60 1.36 16.94
C LEU C 148 5.60 0.69 18.34
N CYS C 149 4.79 -0.36 18.49
CA CYS C 149 4.52 -1.04 19.77
C CYS C 149 5.21 -2.41 19.89
N GLU C 150 5.32 -2.87 21.12
CA GLU C 150 5.85 -4.20 21.43
C GLU C 150 4.88 -4.81 22.37
N ILE C 151 5.01 -6.10 22.60
CA ILE C 151 4.21 -6.75 23.60
C ILE C 151 5.08 -6.87 24.85
N TRP C 152 4.63 -6.27 25.92
CA TRP C 152 5.35 -6.28 27.21
C TRP C 152 4.59 -7.14 28.17
N TYR C 153 5.20 -7.53 29.29
CA TYR C 153 4.47 -8.29 30.28
C TYR C 153 4.69 -7.81 31.71
N ALA C 154 3.76 -8.17 32.59
CA ALA C 154 3.79 -7.79 34.00
C ALA C 154 3.32 -8.96 34.88
N THR C 155 3.74 -9.00 36.14
CA THR C 155 3.33 -9.99 37.14
C THR C 155 2.65 -9.37 38.33
N SER C 156 1.81 -10.13 39.01
CA SER C 156 1.17 -9.57 40.21
C SER C 156 0.79 -10.67 41.19
N GLU C 157 0.76 -10.39 42.50
CA GLU C 157 0.25 -11.41 43.45
C GLU C 157 -1.25 -11.29 43.69
N ASP C 158 -1.74 -10.07 43.63
CA ASP C 158 -3.11 -9.79 43.95
C ASP C 158 -3.97 -9.35 42.82
N GLY C 159 -3.38 -9.06 41.69
CA GLY C 159 -4.05 -8.57 40.51
C GLY C 159 -4.30 -7.08 40.45
N THR C 160 -3.92 -6.37 41.48
CA THR C 160 -4.03 -4.92 41.51
C THR C 160 -2.68 -4.22 41.44
N THR C 161 -1.69 -4.71 42.16
CA THR C 161 -0.38 -4.13 42.10
C THR C 161 0.44 -5.00 41.19
N TRP C 162 0.97 -4.39 40.16
CA TRP C 162 1.72 -5.09 39.10
C TRP C 162 3.17 -4.65 39.05
N LYS C 163 4.06 -5.56 38.74
CA LYS C 163 5.41 -5.18 38.40
C LYS C 163 5.54 -5.37 36.90
N GLU C 164 5.83 -4.31 36.15
CA GLU C 164 6.14 -4.44 34.72
C GLU C 164 7.51 -5.06 34.58
N GLU C 165 7.59 -6.19 33.90
CA GLU C 165 8.80 -6.98 33.93
C GLU C 165 9.69 -6.64 32.75
N GLY C 166 9.18 -6.40 31.55
CA GLY C 166 10.07 -6.15 30.42
C GLY C 166 9.37 -6.55 29.11
N VAL C 167 10.10 -6.57 27.99
CA VAL C 167 9.49 -6.98 26.74
C VAL C 167 9.27 -8.48 26.71
N ALA C 168 8.12 -8.91 26.21
CA ALA C 168 7.90 -10.32 25.86
C ALA C 168 8.11 -10.51 24.35
N ILE C 169 7.36 -9.81 23.51
CA ILE C 169 7.58 -9.83 22.07
C ILE C 169 8.16 -8.52 21.53
N ALA C 170 9.39 -8.56 21.03
CA ALA C 170 10.05 -7.44 20.37
C ALA C 170 9.63 -7.43 18.93
N ARG C 171 9.71 -6.28 18.29
CA ARG C 171 9.43 -6.20 16.86
C ARG C 171 10.57 -6.82 16.12
N PRO C 172 10.29 -7.60 15.03
CA PRO C 172 11.46 -8.27 14.41
C PRO C 172 12.16 -7.32 13.49
N GLU C 173 13.29 -7.71 12.93
CA GLU C 173 13.99 -6.86 11.94
C GLU C 173 13.21 -6.60 10.68
N LYS C 174 13.19 -5.38 10.22
CA LYS C 174 12.56 -5.06 8.99
C LYS C 174 13.27 -5.83 7.89
N PRO C 175 12.56 -6.54 6.92
CA PRO C 175 11.12 -6.33 6.86
C PRO C 175 10.23 -7.50 7.30
N LYS C 176 10.62 -8.21 8.34
CA LYS C 176 9.79 -9.27 8.83
C LYS C 176 8.45 -8.78 9.31
N PRO C 177 7.39 -9.68 9.12
CA PRO C 177 6.07 -9.17 9.54
C PRO C 177 6.04 -8.76 10.99
N GLY C 178 5.50 -7.59 11.26
CA GLY C 178 5.49 -7.05 12.63
C GLY C 178 6.68 -6.14 12.91
N TRP C 179 7.54 -5.89 11.93
CA TRP C 179 8.75 -5.08 12.21
C TRP C 179 8.36 -3.64 12.66
N ARG C 180 7.25 -3.17 12.13
CA ARG C 180 6.72 -1.85 12.37
C ARG C 180 5.97 -1.82 13.71
N SER C 181 5.15 -2.84 14.02
CA SER C 181 4.51 -2.89 15.31
C SER C 181 3.94 -4.28 15.52
N VAL C 182 3.98 -4.75 16.77
CA VAL C 182 3.24 -5.92 17.21
C VAL C 182 2.26 -5.50 18.33
N ALA C 183 1.06 -6.04 18.32
CA ALA C 183 0.01 -5.47 19.21
C ALA C 183 -1.14 -6.40 19.41
N THR C 184 -1.87 -6.16 20.50
CA THR C 184 -3.11 -6.86 20.76
C THR C 184 -2.93 -8.37 20.99
N PRO C 185 -2.22 -8.73 22.07
CA PRO C 185 -1.86 -10.14 22.25
C PRO C 185 -2.94 -10.90 23.04
N ASP C 186 -3.00 -12.22 22.91
CA ASP C 186 -3.67 -13.02 23.92
C ASP C 186 -2.94 -14.35 24.12
N ILE C 187 -3.17 -14.96 25.26
CA ILE C 187 -2.29 -16.04 25.71
C ILE C 187 -2.95 -17.40 25.46
N LEU C 188 -2.15 -18.44 25.25
CA LEU C 188 -2.68 -19.82 25.28
C LEU C 188 -1.74 -20.73 26.08
N VAL C 189 -2.28 -21.53 26.97
CA VAL C 189 -1.50 -22.59 27.56
C VAL C 189 -1.88 -23.93 26.91
N TRP C 190 -0.90 -24.63 26.35
CA TRP C 190 -1.13 -25.84 25.58
C TRP C 190 0.03 -26.83 25.79
N LYS C 191 -0.30 -27.93 26.44
CA LYS C 191 0.63 -29.07 26.63
C LYS C 191 1.84 -28.56 27.34
N GLY C 192 1.61 -27.71 28.33
CA GLY C 192 2.68 -27.12 29.12
C GLY C 192 3.63 -26.10 28.49
N LYS C 193 3.35 -25.70 27.24
CA LYS C 193 4.03 -24.51 26.69
C LYS C 193 3.09 -23.28 26.68
N TYR C 194 3.69 -22.11 26.47
CA TYR C 194 2.94 -20.85 26.47
C TYR C 194 2.97 -20.30 25.07
N TYR C 195 1.79 -19.86 24.59
CA TYR C 195 1.67 -19.27 23.23
C TYR C 195 1.04 -17.85 23.25
N LEU C 196 1.65 -16.91 22.54
CA LEU C 196 1.09 -15.58 22.39
C LEU C 196 0.70 -15.40 20.94
N TYR C 197 -0.55 -15.01 20.75
CA TYR C 197 -1.04 -14.63 19.43
C TYR C 197 -1.21 -13.13 19.40
N TYR C 198 -0.82 -12.47 18.32
CA TYR C 198 -0.90 -11.01 18.26
C TYR C 198 -0.91 -10.58 16.81
N GLN C 199 -1.30 -9.35 16.55
CA GLN C 199 -1.37 -8.81 15.23
C GLN C 199 -0.01 -8.23 14.89
N ALA C 200 0.36 -8.33 13.61
CA ALA C 200 1.68 -7.94 13.14
C ALA C 200 1.57 -6.90 12.00
N PHE C 201 2.18 -5.74 12.18
CA PHE C 201 2.00 -4.61 11.27
C PHE C 201 3.28 -4.33 10.53
N ASN C 202 3.16 -3.87 9.28
CA ASN C 202 4.35 -3.72 8.43
C ASN C 202 4.51 -2.32 7.97
N GLU C 203 3.54 -1.51 8.30
CA GLU C 203 3.54 -0.15 7.91
C GLU C 203 2.70 0.57 8.91
N PRO C 204 2.89 1.96 8.98
CA PRO C 204 2.02 2.62 9.94
C PRO C 204 0.56 2.56 9.61
N SER C 205 -0.23 2.37 10.63
CA SER C 205 -1.65 2.20 10.55
C SER C 205 -2.36 3.43 10.04
N GLY C 206 -3.37 3.21 9.23
CA GLY C 206 -4.07 4.28 8.53
C GLY C 206 -3.43 4.77 7.25
N LEU C 207 -2.40 4.10 6.80
CA LEU C 207 -1.67 4.53 5.62
C LEU C 207 -2.38 4.57 4.24
N ARG C 208 -3.36 3.71 3.96
CA ARG C 208 -4.17 2.99 4.93
C ARG C 208 -4.71 1.63 4.44
N GLY C 209 -3.91 0.85 3.74
CA GLY C 209 -4.35 -0.48 3.37
C GLY C 209 -4.04 -1.36 4.56
N ASP C 210 -5.05 -1.69 5.34
CA ASP C 210 -4.81 -2.29 6.65
C ASP C 210 -4.65 -3.79 6.56
N TRP C 211 -3.45 -4.25 6.88
CA TRP C 211 -3.17 -5.64 6.82
C TRP C 211 -2.34 -5.95 8.02
N CYS C 212 -2.91 -6.60 9.01
CA CYS C 212 -2.12 -7.02 10.20
C CYS C 212 -2.53 -8.44 10.62
N PRO C 213 -2.02 -9.42 9.88
CA PRO C 213 -2.33 -10.83 10.15
C PRO C 213 -1.71 -11.28 11.48
N VAL C 214 -2.18 -12.39 12.03
CA VAL C 214 -1.78 -12.86 13.31
C VAL C 214 -0.50 -13.70 13.32
N SER C 215 0.49 -13.28 14.16
CA SER C 215 1.69 -14.07 14.43
C SER C 215 1.56 -14.80 15.72
N VAL C 216 2.43 -15.78 15.95
CA VAL C 216 2.38 -16.56 17.20
C VAL C 216 3.82 -16.76 17.64
N SER C 217 4.09 -16.69 18.94
CA SER C 217 5.37 -16.96 19.47
C SER C 217 5.16 -17.88 20.64
N TYR C 218 6.21 -18.60 21.06
CA TYR C 218 5.97 -19.55 22.19
C TYR C 218 7.09 -19.57 23.21
N ALA C 219 6.80 -20.09 24.39
CA ALA C 219 7.85 -20.08 25.42
C ALA C 219 7.60 -21.30 26.29
N ASP C 220 8.64 -21.74 27.03
CA ASP C 220 8.53 -22.77 28.10
C ASP C 220 8.18 -22.20 29.43
N SER C 221 8.47 -20.90 29.59
CA SER C 221 8.13 -20.19 30.85
C SER C 221 7.30 -18.91 30.55
N PRO C 222 6.34 -18.57 31.41
CA PRO C 222 5.59 -17.29 31.25
C PRO C 222 6.50 -16.04 31.21
N ASP C 223 7.69 -16.17 31.75
CA ASP C 223 8.72 -15.14 31.72
C ASP C 223 9.54 -15.12 30.46
N GLY C 224 9.21 -15.94 29.46
CA GLY C 224 10.07 -15.99 28.28
C GLY C 224 11.38 -16.73 28.60
N PRO C 225 12.37 -16.73 27.69
CA PRO C 225 12.39 -16.04 26.39
C PRO C 225 11.37 -16.60 25.41
N TRP C 226 11.05 -15.86 24.34
CA TRP C 226 9.97 -16.23 23.47
C TRP C 226 10.60 -16.56 22.12
N THR C 227 10.02 -17.51 21.40
CA THR C 227 10.60 -17.84 20.08
C THR C 227 9.50 -17.60 19.07
N HIS C 228 9.77 -16.82 18.04
CA HIS C 228 8.85 -16.65 16.92
C HIS C 228 8.37 -18.03 16.39
N GLY C 229 7.06 -18.23 16.31
CA GLY C 229 6.50 -19.50 15.85
C GLY C 229 5.98 -19.47 14.43
N GLY C 230 5.35 -18.38 13.97
CA GLY C 230 4.75 -18.34 12.63
C GLY C 230 4.11 -16.97 12.37
N ASP C 231 4.05 -16.57 11.09
CA ASP C 231 3.29 -15.40 10.68
C ASP C 231 2.03 -15.83 9.93
N SER C 232 1.01 -14.97 9.99
CA SER C 232 -0.26 -15.17 9.29
C SER C 232 -0.82 -16.55 9.51
N VAL C 233 -0.99 -16.93 10.77
CA VAL C 233 -1.38 -18.31 11.11
C VAL C 233 -2.87 -18.54 11.03
N ILE C 234 -3.62 -17.45 10.89
CA ILE C 234 -5.03 -17.60 10.68
C ILE C 234 -5.22 -17.15 9.24
N PRO C 235 -5.70 -18.04 8.38
CA PRO C 235 -5.87 -17.67 6.95
C PRO C 235 -6.95 -16.63 6.77
N PHE C 236 -6.81 -15.75 5.78
CA PHE C 236 -7.90 -14.82 5.49
C PHE C 236 -8.90 -15.49 4.53
N GLY C 237 -10.11 -14.98 4.43
CA GLY C 237 -11.05 -15.49 3.42
C GLY C 237 -10.64 -15.21 1.96
N LYS C 238 -11.13 -16.07 1.05
CA LYS C 238 -11.10 -15.85 -0.41
C LYS C 238 -11.78 -14.50 -0.70
N LYS C 239 -11.36 -13.75 -1.74
CA LYS C 239 -12.04 -12.49 -2.17
C LYS C 239 -13.57 -12.48 -2.03
N GLY C 240 -14.13 -11.35 -1.56
CA GLY C 240 -15.56 -11.23 -1.26
C GLY C 240 -16.16 -11.89 -0.01
N GLU C 241 -15.49 -12.86 0.62
CA GLU C 241 -15.96 -13.41 1.91
C GLU C 241 -15.77 -12.36 3.06
N TRP C 242 -16.57 -12.46 4.13
CA TRP C 242 -16.63 -11.41 5.18
C TRP C 242 -15.23 -11.19 5.81
N ASP C 243 -14.58 -12.34 5.90
CA ASP C 243 -13.27 -12.64 6.38
C ASP C 243 -12.06 -12.16 5.59
N GLN C 244 -12.28 -11.49 4.48
CA GLN C 244 -11.26 -11.41 3.43
C GLN C 244 -10.02 -10.62 3.80
N ASP C 245 -10.13 -9.72 4.77
CA ASP C 245 -9.08 -8.69 4.97
C ASP C 245 -8.53 -8.66 6.39
N ALA C 246 -9.07 -9.50 7.28
CA ALA C 246 -8.66 -9.35 8.70
C ALA C 246 -8.94 -10.57 9.48
N THR C 247 -8.07 -10.79 10.46
CA THR C 247 -8.40 -11.63 11.61
C THR C 247 -7.90 -10.85 12.86
N HIS C 248 -8.64 -9.85 13.31
CA HIS C 248 -8.25 -9.06 14.52
C HIS C 248 -8.56 -9.79 15.80
N ASP C 249 -7.89 -9.39 16.89
CA ASP C 249 -8.21 -9.84 18.24
C ASP C 249 -8.16 -11.35 18.39
N PRO C 250 -7.10 -11.99 17.94
CA PRO C 250 -7.19 -13.45 18.10
C PRO C 250 -7.26 -13.81 19.61
N GLN C 251 -8.20 -14.69 20.01
CA GLN C 251 -8.32 -15.11 21.40
C GLN C 251 -8.62 -16.59 21.46
N PRO C 252 -7.64 -17.39 21.90
CA PRO C 252 -7.86 -18.85 21.91
C PRO C 252 -8.36 -19.37 23.26
N ILE C 253 -9.26 -20.36 23.23
CA ILE C 253 -9.55 -21.15 24.43
C ILE C 253 -9.30 -22.63 24.08
N VAL C 254 -9.24 -23.49 25.09
CA VAL C 254 -9.18 -24.93 24.78
C VAL C 254 -10.59 -25.47 24.93
N TYR C 255 -11.08 -26.10 23.89
CA TYR C 255 -12.50 -26.49 23.90
C TYR C 255 -12.69 -27.75 23.05
N LYS C 256 -13.37 -28.75 23.61
CA LYS C 256 -13.52 -30.10 22.97
C LYS C 256 -12.17 -30.61 22.47
N GLY C 257 -11.14 -30.51 23.32
CA GLY C 257 -9.79 -31.05 23.06
C GLY C 257 -9.10 -30.37 21.92
N LYS C 258 -9.66 -29.24 21.47
CA LYS C 258 -9.00 -28.49 20.40
C LYS C 258 -8.69 -27.00 20.77
N ILE C 259 -7.76 -26.39 20.04
CA ILE C 259 -7.59 -24.95 20.14
C ILE C 259 -8.71 -24.26 19.37
N HIS C 260 -9.58 -23.55 20.09
CA HIS C 260 -10.67 -22.71 19.51
C HIS C 260 -10.31 -21.23 19.58
N LEU C 261 -10.03 -20.66 18.43
CA LEU C 261 -9.52 -19.35 18.37
C LEU C 261 -10.58 -18.46 17.77
N TYR C 262 -11.06 -17.47 18.52
CA TYR C 262 -12.02 -16.49 18.03
C TYR C 262 -11.27 -15.28 17.54
N TYR C 263 -11.84 -14.62 16.54
CA TYR C 263 -11.23 -13.46 15.92
C TYR C 263 -12.33 -12.63 15.29
N LYS C 264 -12.00 -11.40 14.90
CA LYS C 264 -13.02 -10.50 14.36
C LYS C 264 -12.66 -9.93 12.98
N ALA C 265 -13.67 -9.58 12.17
CA ALA C 265 -13.41 -8.89 10.89
C ALA C 265 -14.58 -7.97 10.56
N ALA C 266 -14.29 -6.77 10.10
CA ALA C 266 -15.31 -5.84 9.63
C ALA C 266 -15.72 -6.26 8.21
N TYR C 267 -16.96 -6.03 7.80
CA TYR C 267 -17.36 -6.29 6.38
C TYR C 267 -18.56 -5.48 5.80
N ASN C 268 -19.12 -5.95 4.67
CA ASN C 268 -20.35 -5.40 4.02
C ASN C 268 -20.15 -3.99 3.49
N TYR C 277 -20.46 -0.91 7.29
CA TYR C 277 -19.76 -1.93 8.09
C TYR C 277 -20.64 -2.71 9.08
N ALA C 278 -20.60 -4.03 8.98
CA ALA C 278 -20.92 -4.91 10.12
C ALA C 278 -19.60 -5.51 10.67
N VAL C 279 -19.64 -6.08 11.87
CA VAL C 279 -18.46 -6.69 12.46
C VAL C 279 -18.81 -8.13 12.78
N GLY C 280 -18.13 -9.08 12.17
CA GLY C 280 -18.41 -10.49 12.49
C GLY C 280 -17.34 -11.03 13.41
N HIS C 281 -17.63 -12.15 14.05
CA HIS C 281 -16.64 -12.92 14.77
C HIS C 281 -16.59 -14.30 14.23
N GLY C 282 -15.40 -14.74 13.84
CA GLY C 282 -15.21 -16.10 13.35
C GLY C 282 -14.53 -16.97 14.37
N LEU C 283 -14.70 -18.26 14.19
CA LEU C 283 -14.00 -19.29 14.92
C LEU C 283 -13.03 -19.99 13.96
N ALA C 284 -11.81 -20.25 14.44
CA ALA C 284 -10.78 -21.00 13.68
C ALA C 284 -10.19 -22.03 14.62
N ILE C 285 -10.08 -23.28 14.12
CA ILE C 285 -9.80 -24.40 15.02
C ILE C 285 -8.54 -25.09 14.61
N ALA C 286 -7.82 -25.66 15.56
CA ALA C 286 -6.51 -26.27 15.31
C ALA C 286 -6.18 -27.33 16.34
N ASP C 287 -5.26 -28.22 15.96
CA ASP C 287 -4.78 -29.24 16.89
C ASP C 287 -3.35 -28.90 17.30
N ASP C 288 -2.82 -27.90 16.63
CA ASP C 288 -1.44 -27.48 16.80
C ASP C 288 -1.44 -25.92 16.84
N PRO C 289 -0.87 -25.35 17.90
CA PRO C 289 -0.86 -23.90 18.06
C PRO C 289 -0.17 -23.17 16.90
N LEU C 290 0.76 -23.79 16.21
CA LEU C 290 1.33 -23.14 15.04
C LEU C 290 0.47 -23.31 13.81
N GLY C 291 -0.62 -24.06 13.95
CA GLY C 291 -1.51 -24.29 12.79
C GLY C 291 -1.32 -25.65 12.12
N PRO C 292 -2.12 -25.97 11.07
CA PRO C 292 -3.01 -25.06 10.34
C PRO C 292 -4.26 -24.83 11.12
N PHE C 293 -4.85 -23.64 10.93
CA PHE C 293 -6.11 -23.32 11.58
C PHE C 293 -7.21 -23.43 10.54
N GLU C 294 -8.27 -24.14 10.83
CA GLU C 294 -9.34 -24.20 9.82
C GLU C 294 -10.57 -23.41 10.26
N LYS C 295 -11.16 -22.68 9.33
CA LYS C 295 -12.32 -21.85 9.64
C LYS C 295 -13.51 -22.74 9.94
N HIS C 296 -14.28 -22.42 10.96
CA HIS C 296 -15.54 -23.11 11.18
C HIS C 296 -16.44 -22.91 9.95
N PRO C 297 -17.07 -24.01 9.46
CA PRO C 297 -17.84 -23.92 8.22
C PRO C 297 -18.99 -22.88 8.31
N LEU C 298 -19.49 -22.60 9.50
CA LEU C 298 -20.53 -21.57 9.66
C LEU C 298 -20.16 -20.11 10.06
N ASN C 299 -18.89 -19.73 9.99
CA ASN C 299 -18.52 -18.34 10.29
C ASN C 299 -19.28 -17.35 9.40
N PRO C 300 -19.55 -16.09 9.86
CA PRO C 300 -19.30 -15.54 11.19
C PRO C 300 -20.23 -16.21 12.17
N VAL C 301 -19.70 -16.46 13.35
CA VAL C 301 -20.35 -17.25 14.36
C VAL C 301 -21.26 -16.31 15.17
N MET C 302 -20.96 -15.04 15.04
CA MET C 302 -21.60 -14.00 15.75
C MET C 302 -21.52 -12.86 14.77
N THR C 303 -22.53 -12.02 14.79
CA THR C 303 -22.81 -11.17 13.65
C THR C 303 -22.68 -9.69 13.93
N SER C 304 -22.68 -9.36 15.22
CA SER C 304 -22.51 -7.99 15.67
C SER C 304 -21.70 -8.01 16.96
N GLY C 305 -21.21 -6.84 17.33
CA GLY C 305 -20.39 -6.69 18.50
C GLY C 305 -19.07 -6.27 17.91
N HIS C 306 -18.78 -4.98 18.02
CA HIS C 306 -17.50 -4.42 17.64
C HIS C 306 -16.38 -5.12 18.39
N GLU C 307 -16.71 -5.81 19.48
CA GLU C 307 -15.66 -6.44 20.26
C GLU C 307 -16.26 -7.44 21.22
N THR C 308 -15.59 -8.57 21.40
CA THR C 308 -16.08 -9.67 22.27
C THR C 308 -14.93 -10.32 23.06
N THR C 309 -15.27 -11.06 24.11
CA THR C 309 -14.27 -11.79 24.85
C THR C 309 -14.94 -13.09 25.26
N TYR C 310 -14.19 -14.18 25.38
CA TYR C 310 -14.79 -15.53 25.52
C TYR C 310 -14.19 -16.29 26.67
N PHE C 311 -15.03 -17.01 27.42
CA PHE C 311 -14.52 -17.98 28.41
C PHE C 311 -15.35 -19.28 28.44
N PRO C 312 -14.70 -20.41 28.76
CA PRO C 312 -15.46 -21.65 28.96
C PRO C 312 -16.53 -21.46 30.02
N PHE C 313 -17.73 -21.99 29.77
CA PHE C 313 -18.82 -21.85 30.72
C PHE C 313 -19.78 -23.08 30.66
N LYS C 314 -19.96 -23.73 31.79
CA LYS C 314 -20.57 -25.06 31.79
CA LYS C 314 -20.58 -25.06 31.79
C LYS C 314 -19.90 -25.85 30.67
N GLU C 315 -20.70 -26.37 29.73
CA GLU C 315 -20.21 -27.21 28.64
C GLU C 315 -19.92 -26.38 27.40
N GLY C 316 -20.33 -25.11 27.48
CA GLY C 316 -20.20 -24.24 26.35
C GLY C 316 -19.17 -23.14 26.53
N VAL C 317 -19.53 -21.97 25.99
CA VAL C 317 -18.71 -20.78 25.90
C VAL C 317 -19.60 -19.53 26.09
N ALA C 318 -19.26 -18.70 27.08
CA ALA C 318 -19.90 -17.40 27.30
C ALA C 318 -19.02 -16.29 26.68
N THR C 319 -19.63 -15.14 26.39
CA THR C 319 -18.93 -14.01 25.79
C THR C 319 -19.61 -12.81 26.33
N LEU C 320 -18.80 -11.75 26.41
CA LEU C 320 -19.28 -10.40 26.57
C LEU C 320 -19.08 -9.77 25.24
N ALA C 321 -20.13 -9.12 24.76
CA ALA C 321 -20.21 -8.46 23.46
C ALA C 321 -20.57 -7.01 23.63
N ILE C 322 -19.75 -6.15 23.07
CA ILE C 322 -19.69 -4.74 23.30
C ILE C 322 -19.81 -4.05 21.98
N LYS C 323 -20.43 -2.88 21.96
CA LYS C 323 -20.43 -2.03 20.78
C LYS C 323 -19.91 -0.64 21.12
N ASP C 324 -18.98 -0.12 20.34
CA ASP C 324 -18.30 1.14 20.68
C ASP C 324 -19.29 2.27 20.73
N GLY C 325 -19.19 3.09 21.75
CA GLY C 325 -20.14 4.16 21.95
C GLY C 325 -21.29 3.69 22.77
N ASN C 326 -22.34 3.26 22.12
CA ASN C 326 -23.59 3.06 22.80
C ASN C 326 -23.44 2.10 23.94
N GLU C 327 -24.14 2.35 25.02
CA GLU C 327 -24.00 1.52 26.19
C GLU C 327 -24.90 0.30 26.15
N ARG C 328 -24.73 -0.47 25.08
CA ARG C 328 -25.49 -1.69 24.89
C ARG C 328 -24.58 -2.89 24.93
N TYR C 329 -24.70 -3.64 26.00
CA TYR C 329 -23.81 -4.76 26.18
C TYR C 329 -24.57 -6.01 26.52
N THR C 330 -24.15 -7.10 25.95
CA THR C 330 -24.80 -8.38 26.26
C THR C 330 -23.78 -9.42 26.73
N MET C 331 -24.19 -10.26 27.68
CA MET C 331 -23.58 -11.55 27.82
C MET C 331 -24.35 -12.50 26.89
N GLN C 332 -23.61 -13.34 26.15
CA GLN C 332 -24.19 -14.34 25.30
C GLN C 332 -23.63 -15.69 25.63
N TYR C 333 -24.39 -16.74 25.31
CA TYR C 333 -23.95 -18.08 25.61
C TYR C 333 -24.22 -19.06 24.46
N ALA C 334 -23.26 -19.98 24.24
CA ALA C 334 -23.35 -21.00 23.19
C ALA C 334 -23.03 -22.36 23.80
N LYS C 335 -23.96 -23.31 23.66
CA LYS C 335 -23.87 -24.67 24.22
CA LYS C 335 -23.79 -24.61 24.30
C LYS C 335 -22.65 -25.41 23.65
N ASP C 336 -22.38 -25.13 22.40
CA ASP C 336 -21.35 -25.82 21.65
C ASP C 336 -20.25 -24.82 21.25
N GLY C 337 -20.21 -23.62 21.86
CA GLY C 337 -19.26 -22.60 21.41
C GLY C 337 -19.43 -22.00 20.03
N VAL C 338 -20.56 -22.28 19.38
CA VAL C 338 -20.81 -21.80 18.02
C VAL C 338 -22.10 -20.98 17.87
N ASN C 339 -23.18 -21.48 18.45
CA ASN C 339 -24.49 -20.89 18.29
C ASN C 339 -24.80 -20.12 19.55
N PHE C 340 -24.63 -18.81 19.48
CA PHE C 340 -24.68 -17.95 20.66
C PHE C 340 -26.06 -17.39 20.76
N GLU C 341 -26.56 -17.34 21.98
CA GLU C 341 -27.85 -16.74 22.28
C GLU C 341 -27.63 -15.73 23.39
N ILE C 342 -28.41 -14.63 23.36
CA ILE C 342 -28.30 -13.60 24.39
C ILE C 342 -28.69 -14.25 25.70
N ALA C 343 -27.93 -14.04 26.77
CA ALA C 343 -28.32 -14.47 28.12
C ALA C 343 -28.64 -13.34 29.11
N SER C 344 -28.14 -12.13 28.82
CA SER C 344 -28.26 -11.01 29.76
C SER C 344 -27.90 -9.69 29.09
N VAL C 345 -28.53 -8.62 29.57
CA VAL C 345 -28.14 -7.27 29.23
C VAL C 345 -27.43 -6.69 30.47
N VAL C 346 -26.22 -6.13 30.25
CA VAL C 346 -25.39 -5.61 31.35
C VAL C 346 -24.95 -4.19 31.00
N SER C 347 -24.44 -3.42 31.94
CA SER C 347 -24.02 -2.06 31.52
C SER C 347 -22.63 -1.63 32.02
N LEU C 348 -22.11 -0.56 31.43
CA LEU C 348 -20.79 -0.04 31.77
C LEU C 348 -19.81 -1.23 31.80
N ALA C 349 -19.77 -2.01 30.73
CA ALA C 349 -18.94 -3.17 30.67
C ALA C 349 -17.54 -2.76 30.30
N PRO C 350 -16.59 -3.64 30.61
CA PRO C 350 -15.21 -3.28 30.31
C PRO C 350 -14.88 -3.34 28.82
N THR C 351 -14.08 -2.40 28.35
CA THR C 351 -13.53 -2.43 26.97
C THR C 351 -12.25 -3.29 26.93
N ALA C 352 -12.02 -4.02 25.83
CA ALA C 352 -10.94 -4.97 25.67
C ALA C 352 -10.87 -5.88 26.88
N ALA C 353 -12.02 -6.38 27.34
CA ALA C 353 -12.14 -7.16 28.59
C ALA C 353 -11.32 -8.43 28.50
N ALA C 354 -10.61 -8.73 29.58
CA ALA C 354 -9.72 -9.87 29.59
C ALA C 354 -9.90 -10.60 30.94
N PRO C 355 -10.99 -11.39 31.07
CA PRO C 355 -11.21 -12.01 32.37
C PRO C 355 -10.16 -13.09 32.71
N PHE C 356 -9.87 -13.24 34.00
CA PHE C 356 -9.15 -14.40 34.43
C PHE C 356 -10.14 -15.59 34.54
N ALA C 357 -9.85 -16.70 33.83
CA ALA C 357 -10.59 -17.99 34.06
C ALA C 357 -9.57 -19.09 34.29
N ALA C 358 -9.56 -19.67 35.49
CA ALA C 358 -8.56 -20.73 35.79
C ALA C 358 -8.70 -21.89 34.80
N ASP C 359 -9.88 -22.03 34.20
CA ASP C 359 -10.14 -23.13 33.26
C ASP C 359 -10.19 -22.77 31.77
N ALA C 360 -9.62 -21.63 31.40
CA ALA C 360 -9.61 -21.22 29.99
C ALA C 360 -9.05 -22.31 29.12
N PHE C 361 -8.03 -23.00 29.63
CA PHE C 361 -7.22 -23.93 28.80
C PHE C 361 -7.22 -25.39 29.35
N THR C 362 -8.13 -25.66 30.24
CA THR C 362 -8.18 -26.86 31.04
C THR C 362 -9.04 -28.01 30.43
N ASP C 363 -9.89 -27.67 29.46
CA ASP C 363 -10.70 -28.60 28.66
C ASP C 363 -11.56 -29.47 29.55
N SER C 364 -12.00 -28.88 30.65
CA SER C 364 -12.82 -29.48 31.65
C SER C 364 -14.28 -29.75 31.21
N GLY C 365 -14.79 -29.07 30.19
CA GLY C 365 -16.19 -29.25 29.80
C GLY C 365 -17.09 -28.83 30.95
N ASN C 366 -16.52 -28.18 31.93
CA ASN C 366 -17.32 -27.60 33.00
C ASN C 366 -16.83 -26.18 33.40
N GLY C 367 -17.09 -25.23 32.52
CA GLY C 367 -16.69 -23.85 32.69
C GLY C 367 -17.31 -23.20 33.90
N ARG C 368 -16.46 -22.67 34.78
CA ARG C 368 -16.97 -22.08 35.99
C ARG C 368 -17.29 -20.57 35.94
N GLY C 369 -16.83 -19.84 34.92
CA GLY C 369 -17.18 -18.39 34.74
C GLY C 369 -16.16 -17.55 35.51
N VAL C 370 -16.44 -16.25 35.70
CA VAL C 370 -15.38 -15.31 36.09
C VAL C 370 -15.83 -14.26 37.11
N THR C 371 -14.84 -13.69 37.84
CA THR C 371 -15.09 -12.62 38.81
C THR C 371 -14.20 -11.40 38.61
N TRP C 372 -13.09 -11.51 37.88
CA TRP C 372 -12.23 -10.34 37.67
C TRP C 372 -11.38 -10.46 36.45
N GLY C 373 -10.81 -9.32 35.99
CA GLY C 373 -9.81 -9.35 34.91
C GLY C 373 -9.26 -7.98 34.56
N LEU C 374 -8.70 -7.87 33.37
CA LEU C 374 -8.11 -6.61 32.98
C LEU C 374 -8.92 -6.00 31.87
N CYS C 375 -8.72 -4.71 31.63
CA CYS C 375 -9.41 -4.04 30.54
C CYS C 375 -8.60 -2.81 30.25
N HIS C 376 -9.04 -2.02 29.29
CA HIS C 376 -8.31 -0.79 28.98
C HIS C 376 -9.22 0.42 28.79
N PHE C 377 -8.62 1.61 28.72
CA PHE C 377 -9.34 2.82 28.32
C PHE C 377 -8.49 3.57 27.33
N THR C 378 -9.01 3.88 26.14
CA THR C 378 -8.23 4.48 25.09
C THR C 378 -8.39 5.96 25.16
N ASN C 379 -9.26 6.41 26.02
CA ASN C 379 -9.44 7.87 26.05
C ASN C 379 -8.89 8.39 27.36
N ALA C 380 -7.64 8.01 27.67
CA ALA C 380 -7.04 8.39 28.95
C ALA C 380 -6.68 9.88 28.96
N SER C 381 -6.30 10.44 27.82
CA SER C 381 -5.83 11.85 27.80
C SER C 381 -7.00 12.83 27.59
N ASN C 382 -6.96 13.99 28.20
CA ASN C 382 -8.01 15.01 27.96
C ASN C 382 -7.91 15.58 26.57
N ASN C 383 -6.75 15.39 25.97
CA ASN C 383 -6.37 16.05 24.76
C ASN C 383 -6.01 15.08 23.66
N PRO C 384 -6.86 15.01 22.61
CA PRO C 384 -6.67 14.09 21.49
C PRO C 384 -5.39 14.23 20.70
N LYS C 385 -4.66 15.33 20.81
CA LYS C 385 -3.31 15.35 20.19
C LYS C 385 -2.23 14.71 21.10
N LYS C 386 -2.64 14.26 22.30
CA LYS C 386 -1.70 13.63 23.20
C LYS C 386 -2.31 12.32 23.65
N GLY C 387 -2.76 11.51 22.68
CA GLY C 387 -3.55 10.31 22.99
C GLY C 387 -2.77 9.16 23.62
N TYR C 388 -3.33 8.43 24.60
CA TYR C 388 -2.70 7.19 25.07
C TYR C 388 -3.79 6.38 25.74
N SER C 389 -3.52 5.10 26.00
CA SER C 389 -4.42 4.25 26.76
C SER C 389 -3.78 3.77 28.07
N ILE C 390 -4.61 3.34 29.02
CA ILE C 390 -4.09 2.75 30.22
C ILE C 390 -4.82 1.42 30.39
N ILE C 391 -4.18 0.53 31.17
CA ILE C 391 -4.81 -0.68 31.58
C ILE C 391 -5.40 -0.58 32.95
N ALA C 392 -6.49 -1.33 33.16
CA ALA C 392 -7.26 -1.23 34.39
C ALA C 392 -7.81 -2.60 34.83
N ARG C 393 -8.35 -2.68 36.04
CA ARG C 393 -8.91 -3.92 36.54
C ARG C 393 -10.43 -3.73 36.63
N PHE C 394 -11.18 -4.78 36.25
CA PHE C 394 -12.63 -4.88 36.60
C PHE C 394 -12.90 -6.07 37.53
N ASP C 395 -13.98 -5.96 38.27
CA ASP C 395 -14.43 -7.07 39.10
C ASP C 395 -15.87 -7.34 38.76
N CYS C 396 -16.31 -8.57 38.91
CA CYS C 396 -17.71 -8.87 38.59
C CYS C 396 -18.17 -10.14 39.29
N ASP C 397 -19.42 -10.52 39.03
CA ASP C 397 -19.86 -11.91 39.37
C ASP C 397 -20.48 -12.56 38.17
N LEU C 398 -19.67 -13.27 37.42
CA LEU C 398 -20.17 -13.94 36.25
C LEU C 398 -19.71 -15.33 36.47
N SER C 399 -19.80 -15.73 37.74
CA SER C 399 -19.26 -17.01 38.22
C SER C 399 -20.30 -17.99 38.81
N LEU C 400 -20.10 -19.27 38.59
CA LEU C 400 -20.93 -20.30 39.25
C LEU C 400 -20.45 -20.62 40.66
N ASP C 401 -19.31 -20.10 41.10
CA ASP C 401 -18.79 -20.54 42.40
C ASP C 401 -18.92 -19.43 43.42
N VAL C 402 -19.55 -18.34 43.01
CA VAL C 402 -19.64 -17.14 43.83
C VAL C 402 -20.99 -16.57 43.48
N ASP C 403 -21.66 -16.12 44.52
CA ASP C 403 -22.91 -15.38 44.42
C ASP C 403 -22.73 -14.14 45.32
N ASP C 404 -22.31 -13.04 44.71
CA ASP C 404 -22.02 -11.83 45.45
C ASP C 404 -23.06 -10.85 45.02
N PRO C 405 -23.98 -10.50 45.94
CA PRO C 405 -25.10 -9.61 45.57
C PRO C 405 -24.65 -8.17 45.33
N PHE C 406 -23.42 -7.83 45.76
CA PHE C 406 -22.89 -6.49 45.49
C PHE C 406 -22.82 -6.25 43.98
N TYR C 407 -22.75 -7.34 43.23
CA TYR C 407 -22.57 -7.26 41.78
C TYR C 407 -23.87 -7.51 41.04
N LYS C 408 -24.94 -7.69 41.81
CA LYS C 408 -26.19 -8.09 41.22
C LYS C 408 -27.29 -7.03 41.20
N ASN C 409 -26.97 -5.80 41.56
CA ASN C 409 -27.95 -4.69 41.52
C ASN C 409 -28.19 -4.27 40.09
N THR C 410 -29.30 -3.59 39.81
CA THR C 410 -29.64 -3.37 38.41
C THR C 410 -29.54 -1.90 38.07
N GLY C 411 -29.32 -1.05 39.06
CA GLY C 411 -29.16 0.34 38.67
C GLY C 411 -27.71 0.85 38.73
N VAL C 412 -27.42 1.86 37.91
CA VAL C 412 -26.17 2.58 37.92
C VAL C 412 -26.43 4.06 38.30
N TRP C 413 -25.72 4.57 39.29
CA TRP C 413 -25.82 5.99 39.62
C TRP C 413 -24.50 6.65 39.43
N HIS C 414 -24.54 7.73 38.69
CA HIS C 414 -23.38 8.52 38.42
C HIS C 414 -23.49 9.81 39.20
N ARG C 415 -22.36 10.28 39.67
CA ARG C 415 -22.29 11.58 40.30
C ARG C 415 -22.39 12.69 39.27
N PRO C 416 -22.65 13.92 39.71
CA PRO C 416 -22.87 15.02 38.79
C PRO C 416 -21.71 15.35 37.83
N GLU C 417 -20.47 15.20 38.32
CA GLU C 417 -19.24 15.41 37.52
C GLU C 417 -19.34 14.63 36.20
N VAL C 418 -19.88 13.42 36.27
CA VAL C 418 -20.04 12.56 35.08
C VAL C 418 -20.90 13.27 34.07
N TYR C 419 -21.95 13.96 34.57
CA TYR C 419 -22.85 14.68 33.65
C TYR C 419 -22.20 15.90 33.13
N PHE C 420 -21.52 16.66 34.00
CA PHE C 420 -20.86 17.89 33.57
C PHE C 420 -19.73 17.59 32.57
N ALA C 421 -19.27 16.35 32.53
CA ALA C 421 -18.24 15.96 31.53
C ALA C 421 -18.84 15.78 30.14
N GLN C 422 -20.18 15.75 30.02
CA GLN C 422 -20.84 15.81 28.68
C GLN C 422 -21.31 17.22 28.47
N ALA C 423 -20.39 18.07 28.05
CA ALA C 423 -20.63 19.49 27.87
C ALA C 423 -21.21 19.80 26.51
N PRO C 424 -21.91 20.94 26.42
CA PRO C 424 -22.32 21.50 25.15
C PRO C 424 -21.11 22.06 24.38
N ARG C 425 -21.30 22.43 23.10
CA ARG C 425 -20.25 23.04 22.28
C ARG C 425 -20.09 24.52 22.64
N ASP D 76 -33.47 9.59 11.55
CA ASP D 76 -33.45 10.92 12.23
C ASP D 76 -34.84 11.34 12.82
N ASN D 77 -34.95 10.99 14.09
CA ASN D 77 -36.14 11.09 14.88
C ASN D 77 -36.15 12.43 15.61
N GLU D 78 -37.23 13.18 15.47
CA GLU D 78 -37.30 14.53 16.06
C GLU D 78 -37.33 14.58 17.61
N LEU D 79 -37.62 13.45 18.21
CA LEU D 79 -37.72 13.30 19.62
C LEU D 79 -36.56 12.42 20.05
N PHE D 80 -35.51 12.35 19.24
CA PHE D 80 -34.31 11.71 19.73
C PHE D 80 -33.25 12.74 19.96
N SER D 81 -32.47 12.62 21.04
CA SER D 81 -31.43 13.62 21.36
C SER D 81 -30.54 13.18 22.48
N GLN D 82 -29.33 13.74 22.51
CA GLN D 82 -28.37 13.56 23.60
CA GLN D 82 -28.48 13.48 23.68
C GLN D 82 -28.64 14.76 24.51
N PHE D 83 -28.20 14.70 25.75
CA PHE D 83 -28.31 15.87 26.62
C PHE D 83 -26.93 16.28 27.06
N LYS D 84 -26.63 17.55 26.90
CA LYS D 84 -25.39 18.09 27.42
C LYS D 84 -25.62 19.05 28.64
N TYR D 85 -24.73 18.99 29.63
CA TYR D 85 -24.93 19.65 30.89
C TYR D 85 -24.00 20.80 31.17
N THR D 86 -24.54 21.83 31.82
CA THR D 86 -23.78 23.01 32.17
C THR D 86 -24.03 23.38 33.62
N ARG D 87 -22.94 23.66 34.33
CA ARG D 87 -22.98 24.16 35.72
C ARG D 87 -23.53 25.58 35.77
N LEU D 88 -24.42 25.84 36.71
CA LEU D 88 -25.03 27.19 36.77
C LEU D 88 -24.16 28.15 37.60
N LYS D 89 -24.31 29.46 37.35
CA LYS D 89 -23.60 30.44 38.13
C LYS D 89 -24.62 31.25 38.92
N GLY D 90 -24.35 31.49 40.19
CA GLY D 90 -25.18 32.41 40.94
C GLY D 90 -25.67 31.82 42.23
N PHE D 91 -25.55 30.50 42.38
CA PHE D 91 -26.07 29.84 43.59
C PHE D 91 -24.97 29.31 44.49
N ASP D 92 -25.02 29.68 45.77
CA ASP D 92 -24.07 29.18 46.75
C ASP D 92 -24.70 28.06 47.62
N TYR D 93 -23.89 27.10 48.06
CA TYR D 93 -24.42 25.98 48.83
C TYR D 93 -23.57 25.78 50.09
N ASN D 94 -23.08 26.86 50.69
CA ASN D 94 -22.15 26.74 51.82
C ASN D 94 -21.03 25.73 51.63
N ASN D 95 -20.39 25.77 50.48
CA ASN D 95 -19.32 24.84 50.09
C ASN D 95 -19.83 23.40 50.10
N GLY D 96 -21.16 23.23 50.00
CA GLY D 96 -21.69 21.92 49.84
C GLY D 96 -21.55 21.13 51.13
N ASP D 97 -21.85 21.73 52.28
CA ASP D 97 -21.71 20.99 53.53
C ASP D 97 -23.06 20.29 53.95
N GLY D 98 -24.06 20.29 53.06
CA GLY D 98 -25.36 19.70 53.33
C GLY D 98 -26.39 20.65 53.93
N THR D 99 -26.01 21.90 54.25
CA THR D 99 -26.96 22.76 54.91
C THR D 99 -27.80 23.53 53.89
N ILE D 100 -27.34 23.65 52.65
CA ILE D 100 -28.13 24.38 51.67
C ILE D 100 -28.39 23.50 50.45
N SER D 101 -29.62 23.55 49.94
CA SER D 101 -30.04 22.61 48.92
C SER D 101 -31.03 23.31 48.01
N ARG D 102 -30.92 23.08 46.71
CA ARG D 102 -31.92 23.65 45.76
C ARG D 102 -32.30 22.52 44.82
N ARG D 103 -33.57 22.36 44.52
CA ARG D 103 -33.99 21.14 43.77
C ARG D 103 -35.34 21.36 43.10
N ASP D 104 -35.70 20.49 42.17
CA ASP D 104 -37.04 20.50 41.55
C ASP D 104 -37.43 21.80 40.97
N PRO D 105 -36.55 22.39 40.14
CA PRO D 105 -36.85 23.70 39.53
C PRO D 105 -38.07 23.65 38.58
N SER D 106 -38.76 24.78 38.42
CA SER D 106 -39.90 24.90 37.52
C SER D 106 -39.33 25.03 36.11
N ARG D 107 -40.17 24.82 35.08
CA ARG D 107 -39.79 25.11 33.72
C ARG D 107 -39.58 26.61 33.65
N PRO D 108 -38.49 27.08 33.04
CA PRO D 108 -38.34 28.53 33.01
C PRO D 108 -39.45 29.22 32.22
N ILE D 109 -39.72 30.47 32.55
CA ILE D 109 -40.58 31.32 31.72
C ILE D 109 -39.83 32.60 31.36
N LEU D 110 -40.14 33.13 30.17
CA LEU D 110 -39.46 34.35 29.69
C LEU D 110 -40.44 35.49 29.79
N VAL D 111 -40.10 36.45 30.62
CA VAL D 111 -40.95 37.61 30.90
C VAL D 111 -40.09 38.88 30.92
N ASN D 112 -40.39 39.81 30.00
CA ASN D 112 -39.74 41.13 29.97
C ASN D 112 -38.22 41.06 29.80
N GLY D 113 -37.80 40.21 28.88
CA GLY D 113 -36.39 39.92 28.63
C GLY D 113 -35.58 39.12 29.65
N LYS D 114 -36.24 38.54 30.67
CA LYS D 114 -35.57 37.72 31.69
C LYS D 114 -36.26 36.38 31.84
N TYR D 115 -35.49 35.31 31.98
CA TYR D 115 -36.03 34.02 32.45
C TYR D 115 -36.24 33.98 33.96
N TYR D 116 -37.33 33.34 34.40
CA TYR D 116 -37.67 33.17 35.82
C TYR D 116 -37.77 31.70 36.13
N ILE D 117 -37.19 31.28 37.26
CA ILE D 117 -37.40 29.94 37.71
C ILE D 117 -37.76 29.97 39.16
N TYR D 118 -38.42 28.91 39.62
CA TYR D 118 -38.89 28.80 41.01
C TYR D 118 -38.39 27.43 41.43
N TYR D 119 -38.01 27.22 42.71
CA TYR D 119 -37.44 25.93 43.06
C TYR D 119 -37.48 25.74 44.54
N THR D 120 -37.54 24.49 44.97
CA THR D 120 -37.39 24.20 46.36
C THR D 120 -36.02 24.70 46.87
N LYS D 121 -36.02 25.43 47.99
CA LYS D 121 -34.78 25.83 48.61
C LYS D 121 -34.81 25.48 50.09
N ARG D 122 -33.78 24.75 50.53
CA ARG D 122 -33.59 24.44 51.93
C ARG D 122 -32.32 25.17 52.43
N ASP D 123 -32.41 25.69 53.65
CA ASP D 123 -31.28 26.40 54.25
C ASP D 123 -31.41 26.19 55.78
N THR D 124 -30.68 25.24 56.29
CA THR D 124 -31.05 24.71 57.57
C THR D 124 -29.77 24.64 58.43
N LYS D 125 -29.89 24.57 59.76
CA LYS D 125 -28.68 24.64 60.63
C LYS D 125 -27.78 23.41 60.46
N VAL D 126 -28.38 22.30 60.06
CA VAL D 126 -27.67 21.03 60.00
C VAL D 126 -28.20 20.28 58.74
N PRO D 127 -27.47 19.31 58.17
CA PRO D 127 -28.08 18.62 57.05
C PRO D 127 -29.26 17.67 57.44
N PRO D 128 -29.98 17.09 56.45
CA PRO D 128 -31.05 16.12 56.83
C PRO D 128 -30.51 14.91 57.57
N ILE D 129 -31.22 14.49 58.61
CA ILE D 129 -30.83 13.28 59.34
C ILE D 129 -31.37 11.99 58.80
N GLY D 130 -32.22 12.08 57.79
CA GLY D 130 -32.75 10.93 57.10
C GLY D 130 -34.20 10.63 57.33
N TRP D 131 -34.80 10.00 56.34
CA TRP D 131 -36.21 9.67 56.35
C TRP D 131 -36.50 8.76 57.51
N ASN D 132 -35.59 7.84 57.73
CA ASN D 132 -35.76 6.80 58.70
C ASN D 132 -35.43 7.28 60.07
N ARG D 133 -35.10 8.54 60.20
CA ARG D 133 -34.91 9.14 61.50
C ARG D 133 -35.79 10.33 61.77
N ALA D 134 -36.91 10.42 61.11
CA ALA D 134 -37.77 11.59 61.17
C ALA D 134 -38.32 11.87 62.55
N LYS D 135 -38.29 10.87 63.41
CA LYS D 135 -38.79 11.03 64.75
C LYS D 135 -37.99 12.11 65.47
N GLU D 136 -36.72 12.21 65.13
CA GLU D 136 -35.80 13.17 65.76
C GLU D 136 -35.74 14.53 65.11
N ALA D 137 -36.49 14.73 64.04
CA ALA D 137 -36.49 16.00 63.33
C ALA D 137 -37.11 17.02 64.25
N THR D 138 -36.71 18.26 64.11
CA THR D 138 -37.22 19.30 64.98
C THR D 138 -37.57 20.45 64.09
N ASP D 139 -37.88 21.59 64.70
CA ASP D 139 -38.13 22.81 63.96
C ASP D 139 -36.85 23.32 63.26
N GLU D 140 -35.71 22.71 63.56
CA GLU D 140 -34.46 23.18 63.00
C GLU D 140 -33.70 22.07 62.27
N ILE D 141 -34.03 20.81 62.58
CA ILE D 141 -33.32 19.68 61.99
C ILE D 141 -34.27 19.05 60.97
N PRO D 142 -33.84 18.97 59.69
CA PRO D 142 -34.83 18.49 58.74
C PRO D 142 -34.74 17.00 58.63
N SER D 143 -35.86 16.33 58.33
CA SER D 143 -35.79 14.88 58.11
C SER D 143 -35.14 14.57 56.79
N THR D 144 -35.66 15.15 55.71
CA THR D 144 -35.21 14.83 54.36
C THR D 144 -34.72 16.13 53.70
N ASP D 145 -34.20 15.99 52.51
CA ASP D 145 -33.70 17.07 51.67
C ASP D 145 -34.77 18.12 51.41
N TRP D 146 -36.05 17.71 51.34
CA TRP D 146 -37.09 18.64 50.93
C TRP D 146 -37.88 19.09 52.15
N ASP D 147 -37.39 18.78 53.35
CA ASP D 147 -38.09 19.16 54.59
C ASP D 147 -37.62 20.53 55.05
N LEU D 148 -38.52 21.36 55.59
CA LEU D 148 -38.19 22.72 56.08
C LEU D 148 -37.80 23.70 54.95
N CYS D 149 -38.42 23.54 53.77
CA CYS D 149 -38.14 24.32 52.58
C CYS D 149 -39.16 25.39 52.27
N GLU D 150 -38.75 26.33 51.43
CA GLU D 150 -39.62 27.30 50.85
C GLU D 150 -39.34 27.27 49.38
N ILE D 151 -40.16 27.97 48.60
CA ILE D 151 -39.98 28.02 47.17
C ILE D 151 -39.34 29.38 46.95
N TRP D 152 -38.10 29.35 46.44
CA TRP D 152 -37.37 30.57 46.03
C TRP D 152 -37.42 30.79 44.54
N TYR D 153 -37.01 31.97 44.08
CA TYR D 153 -36.96 32.20 42.65
C TYR D 153 -35.69 32.94 42.22
N ALA D 154 -35.36 32.83 40.94
CA ALA D 154 -34.17 33.44 40.38
C ALA D 154 -34.45 33.87 38.99
N THR D 155 -33.69 34.86 38.53
CA THR D 155 -33.81 35.35 37.14
C THR D 155 -32.48 35.27 36.36
N SER D 156 -32.56 35.25 35.03
CA SER D 156 -31.35 35.18 34.23
C SER D 156 -31.59 35.81 32.86
N GLU D 157 -30.56 36.41 32.25
CA GLU D 157 -30.69 36.83 30.86
C GLU D 157 -30.30 35.73 29.88
N ASP D 158 -29.41 34.80 30.28
CA ASP D 158 -28.87 33.80 29.33
C ASP D 158 -29.16 32.36 29.67
N GLY D 159 -29.68 32.13 30.87
CA GLY D 159 -30.11 30.78 31.22
C GLY D 159 -29.02 30.03 31.98
N THR D 160 -27.83 30.61 32.11
CA THR D 160 -26.68 29.97 32.77
C THR D 160 -26.24 30.75 34.02
N THR D 161 -26.15 32.08 33.91
CA THR D 161 -25.88 32.93 35.08
C THR D 161 -27.18 33.41 35.63
N TRP D 162 -27.40 33.09 36.90
CA TRP D 162 -28.69 33.41 37.55
C TRP D 162 -28.46 34.31 38.71
N LYS D 163 -29.41 35.20 38.98
CA LYS D 163 -29.42 35.94 40.24
C LYS D 163 -30.56 35.39 41.12
N GLU D 164 -30.27 34.81 42.29
CA GLU D 164 -31.31 34.37 43.19
C GLU D 164 -31.94 35.62 43.81
N GLU D 165 -33.25 35.79 43.72
CA GLU D 165 -33.89 37.08 44.03
C GLU D 165 -34.45 37.07 45.45
N GLY D 166 -35.08 35.97 45.86
CA GLY D 166 -35.53 35.80 47.23
C GLY D 166 -36.68 34.78 47.30
N VAL D 167 -37.44 34.77 48.39
CA VAL D 167 -38.55 33.81 48.57
C VAL D 167 -39.64 34.15 47.56
N ALA D 168 -40.26 33.14 46.98
CA ALA D 168 -41.50 33.29 46.25
C ALA D 168 -42.63 32.78 47.15
N ILE D 169 -42.54 31.57 47.66
CA ILE D 169 -43.59 31.05 48.53
C ILE D 169 -43.00 30.73 49.87
N ALA D 170 -43.42 31.44 50.90
CA ALA D 170 -42.93 31.21 52.26
C ALA D 170 -43.81 30.13 52.85
N ARG D 171 -43.30 29.31 53.78
CA ARG D 171 -44.13 28.42 54.56
C ARG D 171 -45.23 29.20 55.25
N PRO D 172 -46.50 28.73 55.21
CA PRO D 172 -47.49 29.55 55.97
C PRO D 172 -47.45 29.25 57.48
N GLU D 173 -48.18 30.05 58.23
CA GLU D 173 -48.39 29.82 59.68
C GLU D 173 -48.99 28.48 60.10
N LYS D 174 -48.35 27.77 61.01
CA LYS D 174 -48.81 26.51 61.54
C LYS D 174 -50.23 26.71 62.08
N PRO D 175 -51.17 25.73 61.84
CA PRO D 175 -50.99 24.48 61.10
C PRO D 175 -51.63 24.58 59.69
N LYS D 176 -51.49 25.69 59.01
CA LYS D 176 -51.86 25.75 57.63
C LYS D 176 -51.06 24.78 56.80
N PRO D 177 -51.76 24.16 55.76
CA PRO D 177 -50.99 23.11 55.06
C PRO D 177 -49.76 23.69 54.44
N GLY D 178 -48.67 22.97 54.51
CA GLY D 178 -47.40 23.49 54.11
C GLY D 178 -46.57 24.23 55.11
N TRP D 179 -47.01 24.32 56.36
CA TRP D 179 -46.30 25.05 57.41
C TRP D 179 -44.93 24.49 57.69
N ARG D 180 -44.82 23.19 57.57
CA ARG D 180 -43.61 22.45 57.79
C ARG D 180 -42.69 22.57 56.56
N SER D 181 -43.26 22.47 55.35
CA SER D 181 -42.43 22.59 54.16
C SER D 181 -43.29 22.85 52.95
N VAL D 182 -42.84 23.77 52.08
CA VAL D 182 -43.38 23.84 50.71
C VAL D 182 -42.31 23.45 49.68
N ALA D 183 -42.67 22.60 48.71
CA ALA D 183 -41.62 22.08 47.83
C ALA D 183 -42.14 21.69 46.48
N THR D 184 -41.20 21.54 45.51
CA THR D 184 -41.49 20.90 44.18
C THR D 184 -42.48 21.72 43.32
N PRO D 185 -42.08 22.92 42.92
CA PRO D 185 -43.03 23.79 42.29
C PRO D 185 -43.03 23.63 40.79
N ASP D 186 -44.13 24.05 40.13
CA ASP D 186 -44.05 24.40 38.71
C ASP D 186 -45.06 25.55 38.36
N ILE D 187 -44.85 26.17 37.23
CA ILE D 187 -45.41 27.44 36.93
C ILE D 187 -46.54 27.27 35.93
N LEU D 188 -47.50 28.21 35.94
CA LEU D 188 -48.52 28.30 34.85
C LEU D 188 -48.76 29.74 34.51
N VAL D 189 -48.76 30.08 33.24
CA VAL D 189 -49.17 31.43 32.84
C VAL D 189 -50.56 31.29 32.23
N TRP D 190 -51.55 31.84 32.91
CA TRP D 190 -52.97 31.72 32.51
C TRP D 190 -53.63 33.09 32.59
N LYS D 191 -54.03 33.62 31.43
CA LYS D 191 -54.89 34.84 31.37
C LYS D 191 -54.20 35.99 32.08
N GLY D 192 -52.97 36.25 31.68
CA GLY D 192 -52.16 37.34 32.25
C GLY D 192 -51.61 37.24 33.67
N LYS D 193 -52.00 36.19 34.41
CA LYS D 193 -51.51 35.95 35.78
C LYS D 193 -50.55 34.72 35.87
N TYR D 194 -49.81 34.62 36.97
CA TYR D 194 -48.80 33.58 37.12
C TYR D 194 -49.28 32.76 38.29
N TYR D 195 -49.26 31.43 38.13
CA TYR D 195 -49.65 30.47 39.20
C TYR D 195 -48.55 29.44 39.48
N LEU D 196 -48.26 29.20 40.76
CA LEU D 196 -47.32 28.21 41.17
C LEU D 196 -48.07 27.08 41.86
N TYR D 197 -47.84 25.84 41.46
CA TYR D 197 -48.39 24.69 42.15
C TYR D 197 -47.24 24.00 42.88
N TYR D 198 -47.47 23.39 44.07
CA TYR D 198 -46.33 22.80 44.77
C TYR D 198 -46.99 21.98 45.84
N GLN D 199 -46.27 21.00 46.37
CA GLN D 199 -46.69 20.13 47.43
C GLN D 199 -46.52 20.81 48.80
N ALA D 200 -47.46 20.54 49.70
CA ALA D 200 -47.57 21.26 50.97
C ALA D 200 -47.47 20.19 52.06
N PHE D 201 -46.43 20.27 52.87
CA PHE D 201 -46.16 19.23 53.84
C PHE D 201 -46.53 19.77 55.21
N ASN D 202 -46.87 18.84 56.12
CA ASN D 202 -47.33 19.18 57.44
C ASN D 202 -46.54 18.50 58.49
N GLU D 203 -45.56 17.73 58.12
CA GLU D 203 -44.78 17.04 59.12
C GLU D 203 -43.51 16.54 58.47
N PRO D 204 -42.47 16.28 59.28
CA PRO D 204 -41.22 15.88 58.64
C PRO D 204 -41.49 14.65 57.77
N SER D 205 -40.97 14.62 56.55
CA SER D 205 -41.15 13.49 55.64
C SER D 205 -40.53 12.23 56.22
N GLY D 206 -41.30 11.13 56.20
CA GLY D 206 -40.95 9.86 56.87
C GLY D 206 -41.45 9.73 58.34
N LEU D 207 -42.40 10.57 58.75
CA LEU D 207 -42.81 10.55 60.16
C LEU D 207 -43.49 9.25 60.67
N ARG D 208 -44.20 8.44 59.85
CA ARG D 208 -44.37 8.53 58.41
C ARG D 208 -45.84 8.73 58.05
N GLY D 209 -46.20 8.24 56.85
CA GLY D 209 -47.52 8.47 56.27
C GLY D 209 -47.49 9.72 55.43
N ASP D 210 -46.95 9.62 54.21
CA ASP D 210 -46.87 10.76 53.29
C ASP D 210 -48.25 11.30 52.93
N TRP D 211 -48.43 12.59 53.17
CA TRP D 211 -49.59 13.26 52.72
C TRP D 211 -49.15 14.65 52.44
N CYS D 212 -48.83 14.96 51.19
CA CYS D 212 -48.46 16.32 50.83
C CYS D 212 -49.16 16.80 49.59
N PRO D 213 -50.43 17.19 49.74
CA PRO D 213 -51.27 17.55 48.60
C PRO D 213 -50.78 18.84 48.05
N VAL D 214 -51.32 19.19 46.88
CA VAL D 214 -50.89 20.29 46.09
C VAL D 214 -51.59 21.59 46.36
N SER D 215 -50.82 22.68 46.62
CA SER D 215 -51.40 24.01 46.81
C SER D 215 -51.07 24.85 45.62
N VAL D 216 -51.71 26.02 45.49
CA VAL D 216 -51.44 26.92 44.38
C VAL D 216 -51.43 28.33 44.91
N SER D 217 -50.57 29.20 44.41
CA SER D 217 -50.58 30.62 44.77
C SER D 217 -50.47 31.34 43.43
N TYR D 218 -50.80 32.64 43.39
CA TYR D 218 -50.80 33.38 42.14
C TYR D 218 -50.28 34.80 42.30
N ALA D 219 -50.03 35.48 41.18
CA ALA D 219 -49.37 36.79 41.21
C ALA D 219 -49.62 37.43 39.90
N ASP D 220 -49.48 38.76 39.85
CA ASP D 220 -49.61 39.52 38.61
C ASP D 220 -48.26 39.72 37.94
N SER D 221 -47.19 39.66 38.74
CA SER D 221 -45.80 39.77 38.27
C SER D 221 -45.03 38.48 38.60
N PRO D 222 -44.13 38.02 37.70
CA PRO D 222 -43.30 36.82 38.06
C PRO D 222 -42.36 37.09 39.25
N ASP D 223 -42.10 38.36 39.52
CA ASP D 223 -41.50 38.76 40.81
C ASP D 223 -42.64 38.68 41.77
N GLY D 224 -42.46 38.86 43.05
CA GLY D 224 -43.78 38.74 43.79
C GLY D 224 -44.79 39.93 43.64
N PRO D 225 -45.63 40.16 44.63
CA PRO D 225 -45.96 39.24 45.72
C PRO D 225 -46.92 38.13 45.26
N TRP D 226 -46.94 37.04 45.99
CA TRP D 226 -47.71 35.86 45.64
C TRP D 226 -48.89 35.81 46.61
N THR D 227 -50.06 35.36 46.15
CA THR D 227 -51.22 35.27 47.05
C THR D 227 -51.65 33.79 47.12
N HIS D 228 -51.91 33.28 48.30
CA HIS D 228 -52.32 31.90 48.43
C HIS D 228 -53.62 31.71 47.73
N GLY D 229 -53.73 30.65 46.97
CA GLY D 229 -54.91 30.41 46.19
C GLY D 229 -55.76 29.29 46.68
N GLY D 230 -55.19 28.14 46.96
CA GLY D 230 -55.91 27.02 47.47
C GLY D 230 -55.02 25.94 48.01
N ASP D 231 -55.59 25.04 48.77
CA ASP D 231 -54.88 23.88 49.22
C ASP D 231 -55.53 22.64 48.65
N SER D 232 -54.76 21.59 48.46
CA SER D 232 -55.34 20.34 48.11
C SER D 232 -56.17 20.49 46.81
N VAL D 233 -55.67 21.24 45.81
CA VAL D 233 -56.47 21.59 44.65
C VAL D 233 -56.55 20.45 43.59
N ILE D 234 -55.76 19.39 43.77
CA ILE D 234 -55.91 18.18 42.98
C ILE D 234 -56.44 17.10 43.88
N PRO D 235 -57.64 16.57 43.54
CA PRO D 235 -58.40 15.61 44.34
C PRO D 235 -57.56 14.33 44.49
N PHE D 236 -57.57 13.65 45.61
CA PHE D 236 -56.94 12.36 45.67
C PHE D 236 -58.01 11.33 45.23
N GLY D 237 -57.61 10.08 45.03
CA GLY D 237 -58.57 9.03 44.72
C GLY D 237 -59.30 8.51 45.96
N LYS D 238 -60.49 7.92 45.75
CA LYS D 238 -61.25 7.24 46.81
C LYS D 238 -60.40 6.04 47.24
N LYS D 239 -60.60 5.53 48.45
CA LYS D 239 -59.71 4.47 48.98
C LYS D 239 -59.66 3.25 48.06
N GLY D 240 -58.47 2.70 47.85
CA GLY D 240 -58.27 1.61 46.90
C GLY D 240 -57.81 2.04 45.50
N GLU D 241 -58.13 3.26 45.07
CA GLU D 241 -57.68 3.73 43.73
C GLU D 241 -56.15 4.06 43.72
N TRP D 242 -55.51 3.90 42.55
CA TRP D 242 -54.02 3.98 42.39
C TRP D 242 -53.46 5.31 43.00
N ASP D 243 -54.37 6.27 42.95
CA ASP D 243 -54.33 7.65 43.23
C ASP D 243 -54.64 8.15 44.65
N GLN D 244 -54.89 7.22 45.55
CA GLN D 244 -55.61 7.54 46.79
C GLN D 244 -54.83 8.41 47.76
N ASP D 245 -53.49 8.41 47.62
CA ASP D 245 -52.55 8.96 48.59
C ASP D 245 -51.63 10.13 48.09
N ALA D 246 -51.65 10.48 46.82
CA ALA D 246 -50.60 11.41 46.37
C ALA D 246 -50.99 12.00 45.10
N THR D 247 -50.70 13.28 44.94
CA THR D 247 -50.56 13.88 43.63
C THR D 247 -49.19 14.64 43.57
N HIS D 248 -48.09 13.91 43.40
CA HIS D 248 -46.74 14.50 43.37
C HIS D 248 -46.42 15.15 42.05
N ASP D 249 -45.52 16.13 42.08
CA ASP D 249 -44.89 16.70 40.89
C ASP D 249 -45.93 17.30 39.96
N PRO D 250 -46.80 18.19 40.48
CA PRO D 250 -47.83 18.79 39.63
C PRO D 250 -47.18 19.53 38.49
N GLN D 251 -47.70 19.39 37.27
CA GLN D 251 -47.08 20.13 36.20
C GLN D 251 -48.09 20.45 35.16
N PRO D 252 -48.41 21.74 35.03
CA PRO D 252 -49.52 22.01 34.15
C PRO D 252 -49.09 22.51 32.79
N ILE D 253 -49.84 22.13 31.75
CA ILE D 253 -49.72 22.82 30.47
C ILE D 253 -51.08 23.38 30.01
N VAL D 254 -51.04 24.31 29.07
CA VAL D 254 -52.27 24.68 28.41
C VAL D 254 -52.45 23.84 27.13
N TYR D 255 -53.50 23.02 27.08
CA TYR D 255 -53.73 22.10 26.01
C TYR D 255 -55.23 21.97 25.68
N LYS D 256 -55.57 22.16 24.41
CA LYS D 256 -56.98 22.21 23.95
C LYS D 256 -57.87 23.15 24.75
N GLY D 257 -57.42 24.41 24.90
CA GLY D 257 -58.06 25.49 25.71
C GLY D 257 -58.19 25.33 27.24
N LYS D 258 -57.73 24.19 27.77
CA LYS D 258 -57.81 23.88 29.23
C LYS D 258 -56.44 23.61 29.94
N ILE D 259 -56.44 23.78 31.26
CA ILE D 259 -55.30 23.45 32.03
C ILE D 259 -55.22 21.97 32.18
N HIS D 260 -54.15 21.38 31.64
CA HIS D 260 -53.91 19.93 31.70
C HIS D 260 -52.74 19.70 32.64
N LEU D 261 -53.01 19.16 33.81
CA LEU D 261 -52.03 19.14 34.84
C LEU D 261 -51.64 17.70 35.07
N TYR D 262 -50.36 17.36 34.89
CA TYR D 262 -49.93 15.96 35.06
C TYR D 262 -49.35 15.82 36.44
N TYR D 263 -49.44 14.63 37.02
CA TYR D 263 -48.98 14.45 38.38
C TYR D 263 -48.62 13.00 38.53
N LYS D 264 -48.10 12.63 39.68
CA LYS D 264 -47.55 11.28 39.87
C LYS D 264 -48.03 10.63 41.17
N ALA D 265 -48.12 9.31 41.19
CA ALA D 265 -48.53 8.59 42.38
C ALA D 265 -48.02 7.17 42.31
N ALA D 266 -47.51 6.67 43.43
CA ALA D 266 -47.04 5.29 43.54
C ALA D 266 -48.19 4.42 44.07
N TYR D 267 -48.35 3.22 43.52
CA TYR D 267 -49.46 2.31 43.91
C TYR D 267 -49.18 0.78 43.74
N ASN D 268 -50.08 -0.04 44.32
CA ASN D 268 -50.03 -1.53 44.46
C ASN D 268 -49.45 -2.00 45.80
N LYS D 276 -43.86 -5.08 45.21
CA LYS D 276 -44.31 -4.79 43.85
C LYS D 276 -45.19 -3.51 43.77
N TYR D 277 -44.58 -2.36 44.07
CA TYR D 277 -45.22 -1.03 44.00
C TYR D 277 -44.71 -0.20 42.81
N ALA D 278 -45.55 0.00 41.78
CA ALA D 278 -45.23 0.81 40.56
C ALA D 278 -45.59 2.31 40.68
N VAL D 279 -45.22 3.10 39.68
CA VAL D 279 -45.47 4.54 39.72
C VAL D 279 -46.34 4.90 38.51
N GLY D 280 -47.50 5.52 38.76
CA GLY D 280 -48.33 6.03 37.66
C GLY D 280 -48.20 7.51 37.49
N HIS D 281 -48.63 7.99 36.34
CA HIS D 281 -48.79 9.39 36.11
C HIS D 281 -50.20 9.60 35.67
N GLY D 282 -50.76 10.72 36.10
CA GLY D 282 -52.16 10.98 35.92
C GLY D 282 -52.35 12.31 35.32
N LEU D 283 -53.53 12.49 34.73
CA LEU D 283 -53.93 13.77 34.22
C LEU D 283 -55.13 14.28 34.99
N ALA D 284 -55.17 15.59 35.20
CA ALA D 284 -56.27 16.30 35.86
C ALA D 284 -56.52 17.60 35.08
N ILE D 285 -57.78 17.95 34.87
CA ILE D 285 -58.10 19.01 33.93
C ILE D 285 -58.96 20.03 34.59
N ALA D 286 -58.84 21.28 34.18
CA ALA D 286 -59.57 22.34 34.78
C ALA D 286 -59.71 23.52 33.82
N ASP D 287 -60.77 24.29 34.02
CA ASP D 287 -61.01 25.52 33.27
C ASP D 287 -60.57 26.68 34.14
N ASP D 288 -60.35 26.41 35.42
CA ASP D 288 -59.91 27.46 36.34
C ASP D 288 -58.65 27.03 37.14
N PRO D 289 -57.61 27.86 37.16
CA PRO D 289 -56.38 27.47 37.90
C PRO D 289 -56.62 27.14 39.37
N LEU D 290 -57.66 27.70 39.98
CA LEU D 290 -57.92 27.31 41.36
C LEU D 290 -58.71 26.02 41.49
N GLY D 291 -59.05 25.38 40.36
CA GLY D 291 -59.91 24.16 40.42
C GLY D 291 -61.38 24.52 40.15
N PRO D 292 -62.30 23.53 40.20
CA PRO D 292 -62.02 22.12 40.50
C PRO D 292 -61.29 21.47 39.33
N PHE D 293 -60.39 20.54 39.68
CA PHE D 293 -59.66 19.73 38.71
C PHE D 293 -60.34 18.40 38.61
N GLU D 294 -60.52 17.92 37.40
CA GLU D 294 -61.23 16.66 37.21
C GLU D 294 -60.28 15.59 36.67
N LYS D 295 -60.26 14.41 37.27
CA LYS D 295 -59.36 13.36 36.82
C LYS D 295 -59.73 12.85 35.40
N HIS D 296 -58.73 12.52 34.61
CA HIS D 296 -59.00 11.80 33.35
C HIS D 296 -59.41 10.37 33.61
N PRO D 297 -60.48 9.96 32.91
CA PRO D 297 -61.06 8.64 32.99
C PRO D 297 -60.05 7.52 32.78
N LEU D 298 -59.11 7.73 31.87
CA LEU D 298 -58.07 6.74 31.60
C LEU D 298 -56.85 6.74 32.55
N ASN D 299 -56.81 7.59 33.59
CA ASN D 299 -55.66 7.51 34.53
C ASN D 299 -55.49 6.10 35.07
N PRO D 300 -54.23 5.65 35.30
CA PRO D 300 -53.03 6.46 35.02
C PRO D 300 -52.72 6.47 33.53
N VAL D 301 -52.49 7.64 33.01
CA VAL D 301 -52.23 7.84 31.61
C VAL D 301 -50.88 7.23 31.16
N MET D 302 -50.02 6.89 32.11
CA MET D 302 -48.70 6.34 31.89
C MET D 302 -48.45 5.48 33.12
N THR D 303 -47.76 4.38 32.96
CA THR D 303 -47.76 3.40 34.00
C THR D 303 -46.39 3.01 34.42
N SER D 304 -45.41 3.61 33.78
CA SER D 304 -44.03 3.40 34.10
C SER D 304 -43.51 4.74 34.48
N GLY D 305 -42.21 4.83 34.67
CA GLY D 305 -41.59 6.12 34.85
C GLY D 305 -41.66 6.65 36.24
N HIS D 306 -40.52 6.71 36.88
CA HIS D 306 -40.41 7.31 38.17
C HIS D 306 -40.72 8.77 38.10
N GLU D 307 -40.27 9.47 37.08
CA GLU D 307 -40.69 10.85 36.86
C GLU D 307 -40.82 11.20 35.41
N THR D 308 -41.45 12.33 35.14
CA THR D 308 -41.78 12.71 33.79
C THR D 308 -41.93 14.20 33.77
N THR D 309 -41.82 14.73 32.57
CA THR D 309 -41.89 16.15 32.33
C THR D 309 -42.51 16.21 30.93
N TYR D 310 -43.33 17.23 30.67
CA TYR D 310 -44.22 17.26 29.50
C TYR D 310 -44.09 18.55 28.78
N PHE D 311 -44.24 18.52 27.47
CA PHE D 311 -44.35 19.79 26.74
C PHE D 311 -45.20 19.60 25.50
N PRO D 312 -45.89 20.68 25.06
CA PRO D 312 -46.67 20.67 23.82
C PRO D 312 -45.72 20.31 22.70
N PHE D 313 -46.11 19.32 21.90
CA PHE D 313 -45.31 18.97 20.74
C PHE D 313 -46.24 18.60 19.56
N LYS D 314 -46.21 19.40 18.51
CA LYS D 314 -47.18 19.28 17.40
C LYS D 314 -48.57 19.54 17.97
N GLU D 315 -49.49 18.59 17.86
CA GLU D 315 -50.86 18.76 18.39
C GLU D 315 -51.06 17.86 19.60
N GLY D 316 -50.00 17.11 19.91
CA GLY D 316 -49.94 16.27 21.11
C GLY D 316 -49.14 16.96 22.19
N VAL D 317 -48.54 16.12 23.02
CA VAL D 317 -47.76 16.44 24.15
C VAL D 317 -46.58 15.44 24.09
N ALA D 318 -45.35 15.92 24.23
CA ALA D 318 -44.20 14.98 24.35
C ALA D 318 -43.80 14.89 25.82
N THR D 319 -42.94 13.94 26.16
CA THR D 319 -42.57 13.66 27.54
C THR D 319 -41.30 12.89 27.58
N LEU D 320 -40.46 13.24 28.56
CA LEU D 320 -39.34 12.40 28.97
C LEU D 320 -39.75 11.59 30.17
N ALA D 321 -39.70 10.28 30.06
CA ALA D 321 -39.89 9.35 31.19
C ALA D 321 -38.55 8.72 31.64
N ILE D 322 -38.28 8.83 32.95
CA ILE D 322 -37.05 8.45 33.66
C ILE D 322 -37.37 7.26 34.53
N LYS D 323 -36.48 6.28 34.59
CA LYS D 323 -36.52 5.32 35.69
C LYS D 323 -35.21 5.44 36.50
N ASP D 324 -35.32 5.32 37.82
CA ASP D 324 -34.17 5.49 38.74
C ASP D 324 -33.07 4.41 38.58
N GLY D 325 -31.83 4.85 38.37
CA GLY D 325 -30.69 3.93 38.30
C GLY D 325 -30.30 3.46 36.90
N ASN D 326 -31.26 2.93 36.14
CA ASN D 326 -30.95 2.41 34.79
C ASN D 326 -30.86 3.49 33.69
N GLU D 327 -30.54 3.07 32.47
CA GLU D 327 -30.51 3.95 31.27
C GLU D 327 -31.74 3.83 30.35
N ARG D 328 -32.78 3.13 30.86
CA ARG D 328 -34.11 3.19 30.26
C ARG D 328 -34.62 4.60 30.54
N TYR D 329 -34.30 5.48 29.61
CA TYR D 329 -35.04 6.70 29.50
C TYR D 329 -35.73 6.69 28.15
N THR D 330 -37.00 7.12 28.09
CA THR D 330 -37.74 7.24 26.79
C THR D 330 -38.28 8.63 26.54
N MET D 331 -38.33 9.05 25.28
CA MET D 331 -39.22 10.13 24.87
C MET D 331 -40.51 9.41 24.43
N GLN D 332 -41.64 9.90 24.93
CA GLN D 332 -42.89 9.42 24.52
C GLN D 332 -43.71 10.56 23.98
N TYR D 333 -44.72 10.19 23.21
CA TYR D 333 -45.60 11.11 22.53
C TYR D 333 -47.09 10.59 22.54
N ALA D 334 -48.01 11.51 22.81
CA ALA D 334 -49.44 11.20 22.77
C ALA D 334 -50.05 12.29 21.93
N LYS D 335 -50.72 11.86 20.84
CA LYS D 335 -51.28 12.78 19.83
C LYS D 335 -52.39 13.64 20.48
N ASP D 336 -53.01 13.05 21.49
CA ASP D 336 -54.14 13.61 22.20
C ASP D 336 -53.75 13.99 23.66
N GLY D 337 -52.48 13.84 24.06
CA GLY D 337 -52.05 14.22 25.40
C GLY D 337 -52.44 13.18 26.44
N VAL D 338 -53.02 12.07 25.96
CA VAL D 338 -53.54 11.02 26.84
C VAL D 338 -52.95 9.64 26.59
N ASN D 339 -52.83 9.23 25.33
CA ASN D 339 -52.34 7.87 25.01
C ASN D 339 -50.93 8.00 24.49
N PHE D 340 -50.00 7.52 25.29
CA PHE D 340 -48.60 7.80 25.06
C PHE D 340 -47.97 6.61 24.39
N GLU D 341 -47.18 6.89 23.37
CA GLU D 341 -46.31 5.87 22.81
C GLU D 341 -44.86 6.29 22.73
N ILE D 342 -43.99 5.30 22.93
CA ILE D 342 -42.53 5.46 22.84
C ILE D 342 -42.17 6.10 21.51
N ALA D 343 -41.48 7.21 21.57
CA ALA D 343 -41.01 7.84 20.36
C ALA D 343 -39.48 7.64 20.19
N SER D 344 -38.71 7.51 21.29
CA SER D 344 -37.27 7.23 21.23
C SER D 344 -36.77 6.70 22.55
N VAL D 345 -35.58 6.11 22.50
CA VAL D 345 -34.85 5.68 23.69
C VAL D 345 -33.66 6.67 23.73
N VAL D 346 -33.38 7.24 24.92
CA VAL D 346 -32.31 8.26 25.07
C VAL D 346 -31.44 7.88 26.22
N SER D 347 -30.39 8.61 26.41
CA SER D 347 -29.51 8.20 27.53
C SER D 347 -29.02 9.43 28.33
N LEU D 348 -28.66 9.15 29.59
CA LEU D 348 -28.08 10.17 30.47
C LEU D 348 -29.02 11.38 30.47
N ALA D 349 -30.29 11.13 30.75
CA ALA D 349 -31.30 12.16 30.60
C ALA D 349 -31.33 12.92 31.93
N PRO D 350 -31.82 14.14 31.92
CA PRO D 350 -31.84 15.00 33.12
C PRO D 350 -32.87 14.56 34.13
N THR D 351 -32.52 14.66 35.40
CA THR D 351 -33.41 14.39 36.50
C THR D 351 -34.16 15.65 36.92
N ALA D 352 -35.45 15.51 37.22
CA ALA D 352 -36.38 16.61 37.57
C ALA D 352 -36.27 17.64 36.45
N ALA D 353 -36.28 17.16 35.23
CA ALA D 353 -36.08 18.01 34.06
C ALA D 353 -37.18 19.01 33.87
N ALA D 354 -36.76 20.20 33.46
CA ALA D 354 -37.63 21.33 33.37
C ALA D 354 -37.26 22.14 32.13
N PRO D 355 -37.68 21.66 30.95
CA PRO D 355 -37.41 22.37 29.71
C PRO D 355 -38.07 23.73 29.65
N PHE D 356 -37.37 24.70 29.08
CA PHE D 356 -38.03 25.87 28.64
C PHE D 356 -38.83 25.53 27.36
N ALA D 357 -40.12 25.84 27.35
CA ALA D 357 -40.89 25.83 26.07
C ALA D 357 -41.67 27.14 25.92
N ALA D 358 -41.36 27.96 24.93
CA ALA D 358 -42.09 29.19 24.69
C ALA D 358 -43.64 29.00 24.56
N ASP D 359 -44.05 27.86 24.04
CA ASP D 359 -45.48 27.57 23.81
C ASP D 359 -46.11 26.65 24.86
N ALA D 360 -45.53 26.61 26.06
CA ALA D 360 -46.08 25.74 27.11
C ALA D 360 -47.53 26.17 27.48
N PHE D 361 -47.78 27.47 27.43
CA PHE D 361 -49.04 28.05 27.93
C PHE D 361 -49.88 28.79 26.84
N THR D 362 -49.66 28.41 25.61
CA THR D 362 -49.94 29.27 24.51
C THR D 362 -51.09 28.68 23.66
N ASP D 363 -51.45 27.44 23.95
CA ASP D 363 -52.58 26.75 23.35
C ASP D 363 -52.46 26.67 21.81
N SER D 364 -51.24 26.46 21.30
CA SER D 364 -50.90 26.39 19.86
C SER D 364 -51.56 25.31 19.03
N GLY D 365 -51.73 24.11 19.59
CA GLY D 365 -52.03 22.93 18.77
C GLY D 365 -50.83 22.60 17.85
N ASN D 366 -49.77 23.42 17.97
CA ASN D 366 -48.54 23.33 17.17
C ASN D 366 -47.24 23.41 18.04
N GLY D 367 -46.99 22.38 18.85
CA GLY D 367 -45.86 22.45 19.77
C GLY D 367 -44.53 22.28 19.06
N ARG D 368 -43.63 23.21 19.31
CA ARG D 368 -42.29 23.24 18.68
C ARG D 368 -41.17 22.38 19.35
N GLY D 369 -41.34 22.03 20.64
CA GLY D 369 -40.35 21.23 21.37
C GLY D 369 -39.29 22.14 22.00
N VAL D 370 -38.21 21.54 22.48
CA VAL D 370 -37.25 22.24 23.36
C VAL D 370 -35.78 21.94 23.04
N THR D 371 -34.92 22.86 23.44
CA THR D 371 -33.49 22.74 23.29
C THR D 371 -32.73 22.99 24.60
N TRP D 372 -33.35 23.65 25.60
CA TRP D 372 -32.66 23.78 26.91
C TRP D 372 -33.62 23.77 28.08
N GLY D 373 -33.08 23.70 29.30
CA GLY D 373 -33.86 23.78 30.53
C GLY D 373 -33.02 23.56 31.76
N LEU D 374 -33.69 23.36 32.89
CA LEU D 374 -33.05 23.16 34.14
C LEU D 374 -33.32 21.73 34.56
N CYS D 375 -32.58 21.26 35.58
CA CYS D 375 -32.68 19.90 36.12
C CYS D 375 -31.98 19.94 37.47
N HIS D 376 -31.90 18.82 38.16
CA HIS D 376 -31.17 18.80 39.41
C HIS D 376 -30.33 17.54 39.63
N PHE D 377 -29.46 17.54 40.67
CA PHE D 377 -28.77 16.34 41.11
C PHE D 377 -28.94 16.26 42.60
N THR D 378 -29.45 15.14 43.10
CA THR D 378 -29.72 15.04 44.52
C THR D 378 -28.54 14.40 45.19
N ASN D 379 -27.57 13.91 44.39
CA ASN D 379 -26.38 13.28 44.96
C ASN D 379 -25.14 14.19 44.85
N ALA D 380 -25.33 15.47 45.23
CA ALA D 380 -24.29 16.50 45.07
C ALA D 380 -23.16 16.22 46.05
N SER D 381 -23.50 15.73 47.22
CA SER D 381 -22.52 15.39 48.22
C SER D 381 -22.01 13.96 48.10
N ASN D 382 -20.72 13.76 48.35
CA ASN D 382 -20.10 12.41 48.48
C ASN D 382 -20.53 11.67 49.73
N ASN D 383 -21.02 12.41 50.72
CA ASN D 383 -21.28 11.89 52.02
C ASN D 383 -22.74 12.00 52.26
N PRO D 384 -23.40 10.85 52.41
CA PRO D 384 -24.85 10.77 52.62
C PRO D 384 -25.33 11.34 53.94
N LYS D 385 -24.47 11.51 54.93
CA LYS D 385 -24.88 12.19 56.17
C LYS D 385 -24.93 13.75 56.00
N LYS D 386 -24.46 14.24 54.85
CA LYS D 386 -24.49 15.67 54.57
C LYS D 386 -25.14 15.93 53.21
N GLY D 387 -26.31 15.34 52.96
CA GLY D 387 -26.88 15.38 51.60
C GLY D 387 -27.39 16.78 51.21
N TYR D 388 -27.29 17.14 49.91
CA TYR D 388 -27.99 18.31 49.38
C TYR D 388 -28.13 18.14 47.88
N SER D 389 -28.95 18.99 47.25
CA SER D 389 -29.07 18.91 45.81
C SER D 389 -28.61 20.19 45.23
N ILE D 390 -28.28 20.19 43.94
CA ILE D 390 -28.01 21.44 43.25
C ILE D 390 -28.85 21.47 42.01
N ILE D 391 -29.08 22.68 41.49
CA ILE D 391 -29.72 22.82 40.18
C ILE D 391 -28.72 23.01 39.10
N ALA D 392 -29.08 22.54 37.88
CA ALA D 392 -28.16 22.61 36.76
C ALA D 392 -28.92 22.88 35.50
N ARG D 393 -28.19 23.21 34.46
CA ARG D 393 -28.77 23.41 33.12
C ARG D 393 -28.51 22.17 32.20
N PHE D 394 -29.48 21.78 31.34
CA PHE D 394 -29.18 20.89 30.24
C PHE D 394 -29.45 21.58 28.91
N ASP D 395 -28.85 21.04 27.84
CA ASP D 395 -29.17 21.47 26.49
C ASP D 395 -29.40 20.21 25.72
N CYS D 396 -30.13 20.32 24.60
CA CYS D 396 -30.56 19.13 23.85
C CYS D 396 -31.13 19.57 22.46
N ASP D 397 -31.44 18.63 21.58
CA ASP D 397 -32.26 19.04 20.42
C ASP D 397 -33.51 18.16 20.34
N LEU D 398 -34.58 18.66 20.94
CA LEU D 398 -35.85 17.96 20.92
C LEU D 398 -36.83 18.99 20.39
N SER D 399 -36.35 19.75 19.41
CA SER D 399 -37.06 20.87 18.84
C SER D 399 -37.33 20.65 17.33
N LEU D 400 -38.51 21.02 16.85
CA LEU D 400 -38.82 21.02 15.39
C LEU D 400 -38.15 22.18 14.64
N ASP D 401 -37.71 23.21 15.37
CA ASP D 401 -37.15 24.39 14.73
C ASP D 401 -35.63 24.48 14.77
N VAL D 402 -34.97 23.41 15.19
CA VAL D 402 -33.52 23.45 15.25
C VAL D 402 -33.19 22.05 14.90
N ASP D 403 -32.08 21.91 14.16
CA ASP D 403 -31.48 20.60 13.87
C ASP D 403 -30.00 20.68 14.19
N ASP D 404 -29.61 20.07 15.29
CA ASP D 404 -28.24 20.25 15.73
C ASP D 404 -27.61 18.88 15.83
N PRO D 405 -26.71 18.59 14.89
CA PRO D 405 -26.09 17.26 14.86
C PRO D 405 -25.17 17.02 16.05
N PHE D 406 -24.74 18.09 16.74
CA PHE D 406 -23.94 17.87 17.96
C PHE D 406 -24.74 17.05 18.96
N TYR D 407 -26.06 17.16 18.91
CA TYR D 407 -26.93 16.55 19.94
C TYR D 407 -27.54 15.31 19.41
N LYS D 408 -27.00 14.83 18.30
CA LYS D 408 -27.73 13.85 17.55
C LYS D 408 -26.98 12.55 17.30
N ASN D 409 -25.90 12.33 18.04
CA ASN D 409 -25.11 11.10 17.95
C ASN D 409 -25.72 10.04 18.81
N THR D 410 -25.35 8.78 18.62
CA THR D 410 -26.03 7.74 19.37
C THR D 410 -25.11 7.16 20.42
N GLY D 411 -23.85 7.56 20.35
CA GLY D 411 -22.90 7.08 21.33
C GLY D 411 -22.63 8.04 22.47
N VAL D 412 -22.40 7.44 23.65
CA VAL D 412 -21.88 8.13 24.81
C VAL D 412 -20.49 7.60 25.22
N TRP D 413 -19.52 8.50 25.33
CA TRP D 413 -18.21 8.12 25.78
C TRP D 413 -17.92 8.75 27.12
N HIS D 414 -17.68 7.92 28.11
CA HIS D 414 -17.29 8.36 29.42
C HIS D 414 -15.75 8.21 29.56
N ARG D 415 -15.13 9.15 30.25
CA ARG D 415 -13.73 9.07 30.63
C ARG D 415 -13.48 8.02 31.71
N PRO D 416 -12.21 7.61 31.95
CA PRO D 416 -11.98 6.56 32.93
C PRO D 416 -12.44 6.82 34.37
N GLU D 417 -12.33 8.06 34.84
CA GLU D 417 -12.71 8.41 36.23
C GLU D 417 -14.19 8.05 36.51
N VAL D 418 -15.05 8.15 35.48
CA VAL D 418 -16.45 7.70 35.60
C VAL D 418 -16.53 6.24 35.94
N TYR D 419 -15.63 5.42 35.36
CA TYR D 419 -15.61 3.98 35.66
C TYR D 419 -14.98 3.73 37.01
N PHE D 420 -13.89 4.43 37.31
CA PHE D 420 -13.22 4.21 38.62
C PHE D 420 -14.12 4.67 39.78
N ALA D 421 -15.10 5.53 39.50
CA ALA D 421 -16.15 5.88 40.51
C ALA D 421 -17.18 4.77 40.74
N GLN D 422 -17.25 3.73 39.89
CA GLN D 422 -17.96 2.49 40.26
C GLN D 422 -17.01 1.47 40.92
N ALA D 423 -16.76 1.69 42.19
CA ALA D 423 -15.71 0.96 42.85
C ALA D 423 -16.26 -0.34 43.39
N PRO D 424 -15.39 -1.35 43.58
CA PRO D 424 -15.77 -2.57 44.24
C PRO D 424 -15.87 -2.31 45.74
N ARG D 425 -16.12 -3.33 46.56
CA ARG D 425 -16.35 -3.13 48.01
C ARG D 425 -15.14 -3.54 48.82
#